data_4FNK
#
_entry.id   4FNK
#
_cell.length_a   105.149
_cell.length_b   151.458
_cell.length_c   347.751
_cell.angle_alpha   90.00
_cell.angle_beta   90.00
_cell.angle_gamma   90.00
#
_symmetry.space_group_name_H-M   'C 2 2 21'
#
loop_
_entity.id
_entity.type
_entity.pdbx_description
1 polymer 'Hemagglutinin HA1 chain'
2 polymer 'Hemagglutinin HA2 chain'
3 branched alpha-D-mannopyranose-(1-6)-beta-D-mannopyranose-(1-4)-2-acetamido-2-deoxy-beta-D-glucopyranose-(1-4)-2-acetamido-2-deoxy-beta-D-glucopyranose
4 branched 2-acetamido-2-deoxy-beta-D-glucopyranose-(1-4)-2-acetamido-2-deoxy-beta-D-glucopyranose
5 branched beta-D-mannopyranose-(1-4)-2-acetamido-2-deoxy-beta-D-glucopyranose-(1-4)-2-acetamido-2-deoxy-beta-D-glucopyranose
6 branched alpha-D-mannopyranose-(1-3)-[alpha-D-mannopyranose-(1-6)]beta-D-mannopyranose-(1-4)-2-acetamido-2-deoxy-beta-D-glucopyranose-(1-4)-2-acetamido-2-deoxy-beta-D-glucopyranose
7 non-polymer 2-acetamido-2-deoxy-beta-D-glucopyranose
8 non-polymer 'SULFATE ION'
9 non-polymer GLYCEROL
10 water water
#
loop_
_entity_poly.entity_id
_entity_poly.type
_entity_poly.pdbx_seq_one_letter_code
_entity_poly.pdbx_strand_id
1 'polypeptide(L)'
;ADPGATLCLGHHAVPNGTLVKTITDDQIEVTNATELVQSSSTGKICNNPHRILDGIDCTLIDALLGDPHCDVFQNETWDL
FVERSKAFSNCYPYDVPDYASLRSLVASSGTLEFITEGFTWTGVTQNGGSNACKRGPGSGFFSRLNWLTKSGSTYPVLNV
TMPNNDNFDKLYIWGVHHPSTNQEQTSLYVQASGRVTVSTRRSQQTIIPNIGSRPWVRGLSSRISIYWTIVKPGDVLVIN
SNGNLIAPRGYFKMRTGKSSIMRSDAPIDTCISECITPNGSIPNDKPFQNVNKITYGACPKYVKQNTLKLATGMRNVPEK
QTR
;
A,C,E
2 'polypeptide(L)'
;GLFGAIAGFIENGWEGMIDGWYGFRHQNSEGTGQAADLKSTQAAIDQINGKLNRVIEKTNEKFHQIEKEFSEVEGRIQDL
EKYVEDTKIDLWSYNAELLVALENQHTIDLTDSEMNKLFEKTGRQLRENAEDMGNGCFKIYHKCDNACIESIRNGTYDHD
VYRDEALNNRFQIK
;
B,D,F
#
# COMPACT_ATOMS: atom_id res chain seq x y z
N PRO A 3 -43.37 49.05 22.66
CA PRO A 3 -42.83 48.45 23.88
C PRO A 3 -42.58 46.93 23.72
N GLY A 4 -41.30 46.57 23.61
CA GLY A 4 -40.92 45.18 23.48
C GLY A 4 -39.47 44.94 23.81
N ALA A 5 -38.89 43.94 23.17
CA ALA A 5 -37.53 43.59 23.45
C ALA A 5 -36.93 42.99 22.18
N THR A 6 -35.62 42.78 22.20
CA THR A 6 -34.92 42.13 21.11
C THR A 6 -34.07 41.06 21.73
N LEU A 7 -34.00 39.90 21.08
CA LEU A 7 -33.22 38.79 21.56
C LEU A 7 -32.40 38.30 20.36
N CYS A 8 -31.09 38.45 20.44
CA CYS A 8 -30.18 38.10 19.35
C CYS A 8 -29.44 36.83 19.66
N LEU A 9 -29.32 35.96 18.66
CA LEU A 9 -28.50 34.76 18.80
C LEU A 9 -27.15 34.97 18.16
N GLY A 10 -26.13 34.39 18.75
CA GLY A 10 -24.81 34.53 18.20
C GLY A 10 -23.86 33.46 18.66
N HIS A 11 -22.62 33.62 18.25
CA HIS A 11 -21.55 32.67 18.56
C HIS A 11 -20.28 33.43 18.83
N HIS A 12 -19.32 32.79 19.48
CA HIS A 12 -18.08 33.49 19.82
C HIS A 12 -17.12 33.63 18.63
N ALA A 13 -16.08 34.44 18.86
CA ALA A 13 -14.97 34.61 17.93
C ALA A 13 -13.77 35.05 18.75
N VAL A 14 -12.58 35.01 18.16
CA VAL A 14 -11.36 35.48 18.81
C VAL A 14 -10.61 36.39 17.85
N PRO A 15 -9.72 37.25 18.37
CA PRO A 15 -9.05 38.22 17.49
C PRO A 15 -8.24 37.58 16.35
N ASN A 16 -7.58 36.47 16.62
CA ASN A 16 -7.01 35.67 15.52
C ASN A 16 -7.03 34.19 15.84
N GLY A 17 -7.51 33.40 14.92
CA GLY A 17 -7.64 32.00 15.16
C GLY A 17 -6.49 31.30 14.48
N THR A 18 -6.81 30.17 13.87
N THR A 18 -6.82 30.20 13.83
CA THR A 18 -5.85 29.30 13.23
CA THR A 18 -5.79 29.45 13.18
C THR A 18 -6.34 28.95 11.85
C THR A 18 -6.31 28.86 11.90
N LEU A 19 -5.42 28.82 10.91
CA LEU A 19 -5.77 28.44 9.56
C LEU A 19 -5.70 26.91 9.42
N VAL A 20 -6.73 26.36 8.82
CA VAL A 20 -6.81 24.95 8.47
C VAL A 20 -7.25 24.73 7.01
N LYS A 21 -7.14 23.48 6.55
CA LYS A 21 -7.51 23.10 5.20
C LYS A 21 -8.82 22.34 5.22
N THR A 22 -9.63 22.51 4.18
CA THR A 22 -10.88 21.79 4.06
C THR A 22 -10.95 21.17 2.66
N ILE A 23 -12.10 20.65 2.30
CA ILE A 23 -12.35 20.13 0.95
C ILE A 23 -12.31 21.25 -0.08
N THR A 24 -12.81 22.40 0.31
N THR A 24 -12.81 22.40 0.32
CA THR A 24 -12.99 23.49 -0.65
CA THR A 24 -13.00 23.50 -0.60
C THR A 24 -12.00 24.63 -0.47
C THR A 24 -11.83 24.48 -0.55
N ASP A 25 -11.30 24.67 0.65
CA ASP A 25 -10.38 25.76 0.93
C ASP A 25 -9.00 25.28 1.37
N ASP A 26 -7.96 25.84 0.77
N ASP A 26 -7.97 25.84 0.76
CA ASP A 26 -6.59 25.53 1.18
CA ASP A 26 -6.60 25.57 1.14
C ASP A 26 -6.27 26.17 2.54
C ASP A 26 -6.31 26.14 2.54
N GLN A 27 -6.95 27.26 2.86
CA GLN A 27 -6.72 27.93 4.13
C GLN A 27 -7.99 28.65 4.58
N ILE A 28 -8.52 28.27 5.73
CA ILE A 28 -9.70 28.98 6.25
C ILE A 28 -9.57 29.07 7.78
N GLU A 29 -9.99 30.19 8.37
CA GLU A 29 -9.71 30.43 9.77
C GLU A 29 -10.79 29.88 10.69
N VAL A 30 -10.36 29.08 11.67
CA VAL A 30 -11.23 28.60 12.72
C VAL A 30 -10.76 29.09 14.08
N THR A 31 -11.57 28.89 15.12
CA THR A 31 -11.18 29.45 16.40
C THR A 31 -10.03 28.68 17.03
N ASN A 32 -9.83 27.42 16.69
CA ASN A 32 -8.82 26.60 17.38
C ASN A 32 -8.57 25.36 16.54
N ALA A 33 -7.38 24.79 16.64
CA ALA A 33 -7.09 23.55 15.98
C ALA A 33 -5.98 22.84 16.75
N THR A 34 -5.73 21.59 16.37
CA THR A 34 -4.68 20.84 17.03
C THR A 34 -3.83 20.13 15.96
N GLU A 35 -2.56 19.98 16.26
CA GLU A 35 -1.58 19.50 15.30
C GLU A 35 -1.64 17.99 15.26
N LEU A 36 -1.66 17.42 14.08
CA LEU A 36 -1.70 15.95 14.02
C LEU A 36 -0.38 15.31 13.60
N VAL A 37 0.60 16.14 13.25
CA VAL A 37 1.91 15.63 12.84
C VAL A 37 2.97 15.91 13.90
N GLN A 38 3.53 14.86 14.47
CA GLN A 38 4.66 15.02 15.37
C GLN A 38 5.89 15.33 14.56
N SER A 39 6.48 16.50 14.78
CA SER A 39 7.59 16.93 13.96
C SER A 39 8.88 17.18 14.75
N SER A 40 8.84 16.98 16.05
CA SER A 40 10.03 17.18 16.86
C SER A 40 10.34 15.98 17.72
N SER A 41 11.63 15.88 18.09
CA SER A 41 12.12 14.91 19.04
C SER A 41 13.07 15.64 20.01
N THR A 42 13.19 15.13 21.24
CA THR A 42 14.23 15.58 22.18
C THR A 42 15.62 15.29 21.66
N GLY A 43 15.74 14.27 20.82
CA GLY A 43 17.05 13.90 20.31
C GLY A 43 17.67 12.79 21.14
N LYS A 44 16.93 12.25 22.09
CA LYS A 44 17.46 11.17 22.91
C LYS A 44 16.53 9.98 22.86
N ILE A 45 17.12 8.80 22.83
CA ILE A 45 16.38 7.56 22.93
C ILE A 45 16.13 7.22 24.39
N CYS A 46 14.84 7.09 24.74
CA CYS A 46 14.45 6.69 26.11
C CYS A 46 14.67 5.22 26.39
N ASN A 47 15.27 4.91 27.56
CA ASN A 47 15.60 3.53 27.92
C ASN A 47 14.45 2.72 28.51
N ASN A 48 13.27 3.33 28.60
CA ASN A 48 12.09 2.60 28.98
C ASN A 48 10.96 2.99 28.06
N PRO A 49 10.01 2.08 27.85
CA PRO A 49 9.86 0.76 28.47
C PRO A 49 10.62 -0.35 27.74
N HIS A 50 11.19 -0.05 26.58
CA HIS A 50 11.83 -1.10 25.77
C HIS A 50 13.24 -1.38 26.29
N ARG A 51 13.67 -2.62 26.21
CA ARG A 51 15.04 -2.91 26.62
C ARG A 51 16.00 -2.53 25.50
N ILE A 52 16.81 -1.51 25.77
CA ILE A 52 17.72 -0.98 24.76
C ILE A 52 19.11 -1.54 25.02
N LEU A 53 19.78 -2.06 24.01
CA LEU A 53 21.17 -2.48 24.17
C LEU A 53 21.99 -1.62 23.24
N ASP A 54 22.85 -0.78 23.80
CA ASP A 54 23.72 0.10 23.03
C ASP A 54 24.94 -0.68 22.60
N GLY A 55 25.15 -0.79 21.29
CA GLY A 55 26.24 -1.58 20.76
C GLY A 55 27.58 -0.92 20.95
N ILE A 56 27.58 0.39 21.23
CA ILE A 56 28.82 1.14 21.40
C ILE A 56 29.79 0.91 20.25
N ASP A 57 30.94 0.28 20.50
CA ASP A 57 31.94 0.07 19.45
C ASP A 57 31.68 -1.17 18.58
N CYS A 58 30.55 -1.84 18.80
CA CYS A 58 30.30 -3.11 18.16
C CYS A 58 29.06 -3.15 17.30
N THR A 59 29.18 -3.80 16.16
CA THR A 59 28.00 -4.21 15.40
C THR A 59 27.42 -5.48 16.01
N LEU A 60 26.19 -5.80 15.67
CA LEU A 60 25.56 -7.00 16.16
C LEU A 60 26.27 -8.24 15.65
N ILE A 61 26.72 -8.22 14.40
CA ILE A 61 27.45 -9.39 13.88
C ILE A 61 28.79 -9.58 14.58
N ASP A 62 29.53 -8.51 14.88
CA ASP A 62 30.77 -8.68 15.66
C ASP A 62 30.53 -9.20 17.06
N ALA A 63 29.42 -8.80 17.68
CA ALA A 63 29.05 -9.33 19.00
C ALA A 63 28.68 -10.81 18.85
N LEU A 64 27.93 -11.15 17.80
CA LEU A 64 27.54 -12.53 17.55
C LEU A 64 28.77 -13.44 17.42
N LEU A 65 29.69 -13.06 16.57
CA LEU A 65 30.86 -13.91 16.29
C LEU A 65 31.81 -13.99 17.49
N GLY A 66 31.89 -12.92 18.29
CA GLY A 66 32.73 -12.90 19.47
C GLY A 66 34.09 -12.28 19.21
N ASP A 67 34.11 -11.23 18.38
CA ASP A 67 35.26 -10.32 18.30
C ASP A 67 35.62 -9.94 19.74
N PRO A 68 36.91 -10.10 20.15
CA PRO A 68 37.16 -9.90 21.58
C PRO A 68 36.64 -8.59 22.18
N HIS A 69 36.77 -7.45 21.51
CA HIS A 69 36.29 -6.21 22.15
C HIS A 69 34.77 -6.14 22.18
N CYS A 70 34.10 -7.10 21.56
CA CYS A 70 32.65 -7.19 21.62
C CYS A 70 32.15 -8.30 22.58
N ASP A 71 33.04 -9.04 23.23
CA ASP A 71 32.61 -10.17 24.06
C ASP A 71 31.88 -9.74 25.34
N VAL A 72 31.90 -8.44 25.64
N VAL A 72 31.95 -8.44 25.66
CA VAL A 72 31.13 -7.90 26.74
CA VAL A 72 31.12 -7.88 26.71
C VAL A 72 29.62 -8.03 26.45
C VAL A 72 29.65 -8.22 26.47
N PHE A 73 29.29 -8.36 25.19
CA PHE A 73 27.91 -8.62 24.79
C PHE A 73 27.49 -10.10 24.80
N GLN A 74 28.37 -10.99 25.26
CA GLN A 74 28.01 -12.40 25.32
C GLN A 74 26.74 -12.62 26.12
N ASN A 75 25.82 -13.39 25.51
CA ASN A 75 24.55 -13.78 26.12
C ASN A 75 23.62 -12.61 26.38
N GLU A 76 23.84 -11.47 25.74
CA GLU A 76 23.01 -10.30 26.02
C GLU A 76 21.66 -10.48 25.29
N THR A 77 20.67 -9.71 25.72
CA THR A 77 19.34 -9.70 25.11
C THR A 77 18.90 -8.26 24.91
N TRP A 78 17.89 -8.03 24.06
CA TRP A 78 17.44 -6.68 23.78
C TRP A 78 16.04 -6.75 23.19
N ASP A 79 15.31 -5.66 23.38
CA ASP A 79 14.17 -5.39 22.51
C ASP A 79 14.68 -4.63 21.29
N LEU A 80 15.52 -3.63 21.54
CA LEU A 80 16.14 -2.89 20.44
C LEU A 80 17.66 -2.79 20.59
N PHE A 81 18.41 -3.33 19.62
CA PHE A 81 19.87 -3.20 19.58
C PHE A 81 20.17 -1.93 18.79
N VAL A 82 21.01 -1.06 19.33
CA VAL A 82 21.37 0.20 18.69
C VAL A 82 22.79 0.16 18.17
N GLU A 83 22.94 0.15 16.85
CA GLU A 83 24.28 0.19 16.27
C GLU A 83 24.74 1.60 16.00
N ARG A 84 25.97 1.84 16.42
CA ARG A 84 26.61 3.17 16.32
C ARG A 84 27.53 3.28 15.11
N SER A 85 27.60 4.48 14.55
CA SER A 85 28.46 4.67 13.38
C SER A 85 29.95 4.49 13.74
N LYS A 86 30.31 4.62 15.01
CA LYS A 86 31.72 4.45 15.42
C LYS A 86 32.16 3.01 15.61
N ALA A 87 31.26 2.06 15.39
CA ALA A 87 31.60 0.65 15.60
C ALA A 87 32.76 0.27 14.69
N PHE A 88 33.59 -0.67 15.11
CA PHE A 88 34.69 -1.14 14.29
C PHE A 88 34.91 -2.63 14.60
N SER A 89 35.45 -3.34 13.63
CA SER A 89 35.88 -4.75 13.79
C SER A 89 37.35 -4.78 14.16
N ASN A 90 37.75 -5.76 14.97
CA ASN A 90 39.15 -5.85 15.31
C ASN A 90 39.61 -7.28 15.47
N CYS A 91 39.19 -8.14 14.55
CA CYS A 91 39.53 -9.55 14.65
C CYS A 91 39.89 -10.01 13.25
N TYR A 92 39.75 -11.30 12.97
CA TYR A 92 40.19 -11.81 11.68
C TYR A 92 39.28 -11.19 10.61
N PRO A 93 39.86 -10.75 9.49
CA PRO A 93 38.99 -10.12 8.47
C PRO A 93 38.06 -11.13 7.81
N TYR A 94 36.79 -10.76 7.64
CA TYR A 94 35.76 -11.70 7.30
C TYR A 94 34.73 -11.05 6.38
N ASP A 95 33.97 -11.86 5.68
CA ASP A 95 32.74 -11.33 5.07
C ASP A 95 31.62 -12.32 5.34
N VAL A 96 30.39 -11.87 5.20
CA VAL A 96 29.24 -12.71 5.39
C VAL A 96 28.41 -12.58 4.14
N PRO A 97 28.43 -13.60 3.27
CA PRO A 97 27.46 -13.56 2.16
C PRO A 97 26.05 -13.40 2.79
N ASP A 98 25.27 -12.52 2.23
CA ASP A 98 23.96 -12.21 2.84
C ASP A 98 24.04 -11.74 4.31
N TYR A 99 25.03 -10.88 4.57
CA TYR A 99 25.19 -10.18 5.83
C TYR A 99 23.87 -9.61 6.32
N ALA A 100 23.11 -8.98 5.43
CA ALA A 100 21.90 -8.30 5.89
C ALA A 100 20.91 -9.28 6.49
N SER A 101 20.83 -10.47 5.90
CA SER A 101 19.88 -11.45 6.39
C SER A 101 20.33 -12.03 7.72
N LEU A 102 21.62 -12.30 7.90
CA LEU A 102 22.04 -12.83 9.21
C LEU A 102 21.80 -11.80 10.31
N ARG A 103 22.17 -10.56 10.02
CA ARG A 103 21.94 -9.43 10.95
C ARG A 103 20.48 -9.31 11.29
N SER A 104 19.63 -9.41 10.27
CA SER A 104 18.20 -9.30 10.49
C SER A 104 17.65 -10.42 11.41
N LEU A 105 18.03 -11.65 11.10
CA LEU A 105 17.42 -12.77 11.81
C LEU A 105 17.93 -12.84 13.25
N VAL A 106 19.18 -12.45 13.49
CA VAL A 106 19.68 -12.35 14.85
C VAL A 106 19.00 -11.17 15.60
N ALA A 107 18.85 -10.05 14.90
CA ALA A 107 18.25 -8.87 15.54
C ALA A 107 16.82 -9.18 16.01
N SER A 108 16.11 -9.92 15.17
CA SER A 108 14.73 -10.31 15.40
C SER A 108 14.60 -11.35 16.50
N SER A 109 15.58 -12.26 16.59
CA SER A 109 15.61 -13.26 17.66
C SER A 109 15.78 -12.57 19.02
N GLY A 110 16.59 -11.51 19.07
CA GLY A 110 16.63 -10.65 20.25
C GLY A 110 17.54 -11.19 21.36
N THR A 111 18.40 -12.15 21.04
CA THR A 111 19.29 -12.66 22.07
C THR A 111 20.57 -13.19 21.44
N LEU A 112 21.67 -13.12 22.19
CA LEU A 112 22.90 -13.80 21.81
C LEU A 112 23.17 -15.02 22.74
N GLU A 113 22.15 -15.52 23.41
CA GLU A 113 22.34 -16.67 24.28
C GLU A 113 22.98 -17.79 23.49
N PHE A 114 24.09 -18.30 24.01
CA PHE A 114 24.90 -19.27 23.32
C PHE A 114 25.15 -20.48 24.26
N ILE A 115 25.09 -21.68 23.70
CA ILE A 115 25.25 -22.91 24.45
C ILE A 115 26.37 -23.67 23.75
N THR A 116 27.45 -23.88 24.48
CA THR A 116 28.58 -24.60 23.95
C THR A 116 28.18 -26.07 23.87
N GLU A 117 28.59 -26.72 22.77
CA GLU A 117 28.41 -28.15 22.66
C GLU A 117 29.77 -28.88 22.53
N GLY A 118 29.79 -30.13 22.95
CA GLY A 118 31.03 -30.89 22.99
C GLY A 118 31.31 -31.55 21.66
N PHE A 119 31.57 -30.76 20.62
CA PHE A 119 32.00 -31.32 19.36
C PHE A 119 33.34 -32.05 19.60
N THR A 120 33.53 -33.15 18.89
CA THR A 120 34.80 -33.86 18.90
C THR A 120 35.47 -33.69 17.54
N TRP A 121 36.71 -33.21 17.54
CA TRP A 121 37.41 -32.95 16.29
C TRP A 121 38.65 -33.80 16.27
N THR A 122 38.49 -35.02 15.79
CA THR A 122 39.55 -36.01 15.92
C THR A 122 40.60 -35.75 14.86
N GLY A 123 41.84 -35.63 15.31
CA GLY A 123 42.96 -35.59 14.41
C GLY A 123 43.30 -34.22 13.84
N VAL A 124 42.77 -33.16 14.46
CA VAL A 124 43.14 -31.79 14.08
C VAL A 124 43.55 -31.01 15.32
N THR A 125 44.27 -29.92 15.13
CA THR A 125 44.61 -28.99 16.21
C THR A 125 43.47 -27.96 16.37
N GLN A 126 43.01 -27.68 17.59
CA GLN A 126 41.91 -26.73 17.78
C GLN A 126 42.42 -25.37 18.25
N ASN A 127 41.51 -24.39 18.27
CA ASN A 127 41.77 -23.10 18.92
C ASN A 127 42.84 -22.25 18.27
N GLY A 128 42.90 -22.26 16.94
CA GLY A 128 43.87 -21.45 16.25
C GLY A 128 43.60 -19.97 16.51
N GLY A 129 44.65 -19.16 16.47
CA GLY A 129 44.47 -17.73 16.70
C GLY A 129 45.40 -16.90 15.82
N SER A 130 45.30 -15.59 15.94
CA SER A 130 45.97 -14.67 15.04
C SER A 130 46.26 -13.36 15.76
N ASN A 131 47.37 -12.73 15.38
CA ASN A 131 47.66 -11.41 15.91
C ASN A 131 46.81 -10.29 15.30
N ALA A 132 45.95 -10.67 14.33
CA ALA A 132 44.93 -9.77 13.80
C ALA A 132 43.73 -9.68 14.76
N CYS A 133 43.68 -10.62 15.71
CA CYS A 133 42.58 -10.72 16.64
C CYS A 133 43.06 -10.98 18.07
N LYS A 134 43.76 -10.01 18.66
CA LYS A 134 44.31 -10.16 20.00
C LYS A 134 43.24 -10.22 21.07
N ARG A 135 43.47 -11.07 22.06
CA ARG A 135 42.58 -11.22 23.18
C ARG A 135 43.48 -11.03 24.38
N GLY A 136 43.40 -9.87 25.01
CA GLY A 136 44.40 -9.53 26.01
C GLY A 136 45.75 -9.38 25.30
N PRO A 137 46.84 -9.77 25.96
CA PRO A 137 48.11 -9.46 25.29
C PRO A 137 48.44 -10.38 24.10
N GLY A 138 47.93 -11.61 24.08
CA GLY A 138 48.30 -12.55 23.03
C GLY A 138 47.38 -12.64 21.80
N SER A 139 47.85 -13.38 20.80
CA SER A 139 47.05 -13.74 19.65
C SER A 139 45.76 -14.41 20.10
N GLY A 140 44.69 -14.25 19.34
CA GLY A 140 43.43 -14.87 19.70
C GLY A 140 42.49 -15.01 18.51
N PHE A 141 41.20 -15.22 18.78
CA PHE A 141 40.24 -15.46 17.73
C PHE A 141 38.86 -15.18 18.28
N PHE A 142 37.87 -15.17 17.39
CA PHE A 142 36.46 -15.04 17.76
C PHE A 142 36.13 -16.06 18.84
N SER A 143 35.38 -15.64 19.85
CA SER A 143 35.11 -16.51 20.99
C SER A 143 34.16 -17.64 20.60
N ARG A 144 33.33 -17.46 19.56
CA ARG A 144 32.31 -18.47 19.24
C ARG A 144 32.74 -19.43 18.13
N LEU A 145 33.94 -19.24 17.62
CA LEU A 145 34.43 -20.02 16.52
C LEU A 145 35.74 -20.72 16.90
N ASN A 146 36.06 -21.78 16.19
CA ASN A 146 37.15 -22.69 16.56
C ASN A 146 37.95 -22.97 15.29
N TRP A 147 39.10 -22.33 15.18
CA TRP A 147 39.92 -22.45 14.00
C TRP A 147 40.73 -23.74 14.06
N LEU A 148 40.34 -24.72 13.23
CA LEU A 148 40.99 -26.04 13.22
C LEU A 148 42.09 -26.08 12.18
N THR A 149 43.24 -26.65 12.55
CA THR A 149 44.33 -26.87 11.59
C THR A 149 44.88 -28.31 11.71
N LYS A 150 45.86 -28.63 10.88
CA LYS A 150 46.41 -29.97 10.87
C LYS A 150 46.99 -30.31 12.23
N SER A 151 47.06 -31.60 12.51
CA SER A 151 47.77 -32.13 13.66
C SER A 151 48.87 -33.08 13.14
N GLY A 152 50.11 -32.81 13.53
CA GLY A 152 51.25 -33.48 12.90
C GLY A 152 51.32 -33.12 11.42
N SER A 153 51.25 -34.13 10.56
CA SER A 153 51.38 -33.89 9.13
C SER A 153 50.11 -34.20 8.34
N THR A 154 48.97 -34.30 9.02
CA THR A 154 47.74 -34.67 8.34
C THR A 154 46.55 -33.87 8.84
N TYR A 155 45.54 -33.79 7.99
CA TYR A 155 44.26 -33.22 8.35
C TYR A 155 43.26 -34.19 7.78
N PRO A 156 42.62 -35.00 8.63
CA PRO A 156 41.71 -36.06 8.18
C PRO A 156 40.37 -35.50 7.72
N VAL A 157 39.52 -36.36 7.16
CA VAL A 157 38.18 -35.94 6.84
C VAL A 157 37.43 -35.84 8.17
N LEU A 158 37.04 -34.63 8.55
CA LEU A 158 36.19 -34.45 9.71
C LEU A 158 34.79 -34.80 9.32
N ASN A 159 34.09 -35.48 10.23
CA ASN A 159 32.74 -35.94 9.97
C ASN A 159 32.05 -36.07 11.33
N VAL A 160 31.33 -35.01 11.73
CA VAL A 160 30.75 -34.99 13.07
C VAL A 160 29.29 -34.61 13.01
N THR A 161 28.53 -35.07 14.00
CA THR A 161 27.11 -34.78 14.03
C THR A 161 26.71 -34.28 15.42
N MET A 162 25.65 -33.49 15.45
CA MET A 162 25.13 -32.92 16.68
C MET A 162 23.62 -32.86 16.53
N PRO A 163 22.90 -33.75 17.22
CA PRO A 163 21.44 -33.78 17.09
C PRO A 163 20.80 -32.66 17.88
N ASN A 164 19.67 -32.16 17.40
CA ASN A 164 18.85 -31.25 18.16
C ASN A 164 17.76 -32.03 18.87
N ASN A 165 17.96 -32.28 20.15
CA ASN A 165 16.98 -33.01 20.95
C ASN A 165 16.24 -32.09 21.88
N ASP A 166 16.36 -30.80 21.60
CA ASP A 166 15.66 -29.76 22.33
C ASP A 166 14.38 -29.43 21.60
N ASN A 167 13.57 -28.56 22.19
CA ASN A 167 12.31 -28.19 21.55
C ASN A 167 12.33 -26.76 21.08
N PHE A 168 13.52 -26.22 20.82
CA PHE A 168 13.67 -24.93 20.15
C PHE A 168 14.65 -25.09 18.98
N ASP A 169 14.65 -24.12 18.08
CA ASP A 169 15.58 -24.07 16.97
C ASP A 169 16.98 -23.60 17.39
N LYS A 170 17.98 -24.23 16.81
CA LYS A 170 19.35 -23.86 17.08
C LYS A 170 19.94 -23.13 15.88
N LEU A 171 20.63 -22.04 16.13
CA LEU A 171 21.38 -21.35 15.10
C LEU A 171 22.88 -21.64 15.25
N TYR A 172 23.47 -22.27 14.23
CA TYR A 172 24.91 -22.51 14.12
C TYR A 172 25.58 -21.50 13.20
N ILE A 173 26.62 -20.84 13.70
CA ILE A 173 27.45 -19.96 12.89
C ILE A 173 28.79 -20.65 12.68
N TRP A 174 29.25 -20.71 11.43
CA TRP A 174 30.46 -21.38 11.08
C TRP A 174 31.11 -20.64 9.93
N GLY A 175 32.28 -21.07 9.49
CA GLY A 175 33.01 -20.32 8.49
C GLY A 175 33.92 -21.19 7.66
N VAL A 176 34.51 -20.55 6.67
CA VAL A 176 35.42 -21.17 5.75
C VAL A 176 36.59 -20.19 5.60
N HIS A 177 37.79 -20.70 5.77
CA HIS A 177 38.99 -19.88 5.64
C HIS A 177 39.46 -19.88 4.19
N HIS A 178 39.74 -18.69 3.64
CA HIS A 178 40.39 -18.55 2.35
C HIS A 178 41.80 -18.03 2.51
N PRO A 179 42.81 -18.91 2.40
CA PRO A 179 44.21 -18.50 2.50
C PRO A 179 44.62 -17.64 1.33
N SER A 180 45.62 -16.80 1.55
CA SER A 180 46.07 -15.93 0.50
C SER A 180 47.04 -16.64 -0.46
N THR A 181 47.70 -17.72 -0.01
CA THR A 181 48.67 -18.46 -0.83
C THR A 181 48.53 -19.98 -0.69
N ASN A 182 49.06 -20.70 -1.66
CA ASN A 182 49.07 -22.17 -1.58
C ASN A 182 49.94 -22.66 -0.41
N GLN A 183 51.03 -21.95 -0.13
CA GLN A 183 51.88 -22.28 1.00
C GLN A 183 51.09 -22.25 2.30
N GLU A 184 50.28 -21.20 2.49
CA GLU A 184 49.43 -21.11 3.66
C GLU A 184 48.43 -22.26 3.66
N GLN A 185 47.79 -22.50 2.52
CA GLN A 185 46.80 -23.57 2.44
C GLN A 185 47.37 -24.92 2.90
N THR A 186 48.57 -25.25 2.42
CA THR A 186 49.09 -26.57 2.71
C THR A 186 49.71 -26.62 4.11
N SER A 187 50.25 -25.50 4.58
CA SER A 187 50.86 -25.46 5.92
C SER A 187 49.79 -25.73 6.95
N LEU A 188 48.61 -25.15 6.72
CA LEU A 188 47.52 -25.24 7.66
C LEU A 188 46.72 -26.55 7.54
N TYR A 189 46.44 -26.96 6.30
CA TYR A 189 45.36 -27.92 6.04
C TYR A 189 45.83 -29.17 5.27
N VAL A 190 47.10 -29.16 4.86
CA VAL A 190 47.76 -30.26 4.13
C VAL A 190 47.17 -30.42 2.73
N GLN A 191 45.87 -30.64 2.65
CA GLN A 191 45.20 -30.70 1.35
C GLN A 191 45.40 -29.41 0.56
N ALA A 192 45.56 -29.54 -0.76
CA ALA A 192 45.78 -28.40 -1.65
C ALA A 192 44.54 -27.55 -1.86
N SER A 193 43.38 -28.18 -1.69
CA SER A 193 42.11 -27.49 -1.76
C SER A 193 41.20 -28.10 -0.71
N GLY A 194 40.54 -27.25 0.08
CA GLY A 194 39.68 -27.75 1.14
C GLY A 194 38.23 -27.80 0.70
N ARG A 195 37.35 -28.10 1.64
CA ARG A 195 35.93 -28.12 1.37
C ARG A 195 35.20 -28.16 2.70
N VAL A 196 34.10 -27.45 2.80
CA VAL A 196 33.23 -27.53 3.99
C VAL A 196 31.80 -27.81 3.56
N THR A 197 31.20 -28.85 4.09
CA THR A 197 29.82 -29.16 3.77
C THR A 197 29.10 -29.29 5.11
N VAL A 198 28.07 -28.49 5.30
CA VAL A 198 27.29 -28.54 6.49
C VAL A 198 25.85 -28.76 6.07
N SER A 199 25.18 -29.71 6.71
CA SER A 199 23.84 -30.06 6.26
C SER A 199 22.95 -30.46 7.42
N THR A 200 21.64 -30.40 7.15
CA THR A 200 20.62 -30.97 7.99
C THR A 200 19.87 -32.03 7.14
N ARG A 201 18.76 -32.54 7.66
N ARG A 201 18.73 -32.50 7.64
CA ARG A 201 18.03 -33.55 6.93
CA ARG A 201 18.06 -33.57 6.94
C ARG A 201 17.67 -32.99 5.57
C ARG A 201 17.38 -33.07 5.68
N ARG A 202 17.19 -31.76 5.55
CA ARG A 202 16.58 -31.22 4.32
C ARG A 202 17.31 -30.02 3.71
N SER A 203 18.52 -29.74 4.18
CA SER A 203 19.30 -28.63 3.63
C SER A 203 20.77 -29.00 3.58
N GLN A 204 21.51 -28.35 2.70
CA GLN A 204 22.95 -28.54 2.63
C GLN A 204 23.61 -27.31 2.00
N GLN A 205 24.81 -27.01 2.48
CA GLN A 205 25.63 -25.92 1.95
C GLN A 205 27.03 -26.45 1.81
N THR A 206 27.61 -26.38 0.61
CA THR A 206 29.02 -26.74 0.43
C THR A 206 29.76 -25.52 -0.10
N ILE A 207 30.86 -25.20 0.57
CA ILE A 207 31.68 -24.06 0.22
C ILE A 207 33.09 -24.58 -0.08
N ILE A 208 33.62 -24.15 -1.22
CA ILE A 208 34.99 -24.48 -1.61
C ILE A 208 35.81 -23.22 -1.38
N PRO A 209 36.87 -23.31 -0.56
CA PRO A 209 37.64 -22.07 -0.39
C PRO A 209 38.30 -21.64 -1.69
N ASN A 210 38.58 -20.35 -1.80
CA ASN A 210 39.23 -19.79 -2.96
C ASN A 210 40.56 -19.11 -2.53
N ILE A 211 41.69 -19.64 -2.99
CA ILE A 211 42.99 -19.11 -2.55
C ILE A 211 43.35 -17.86 -3.34
N GLY A 212 43.88 -16.85 -2.64
CA GLY A 212 44.41 -15.67 -3.33
C GLY A 212 44.38 -14.46 -2.42
N SER A 213 45.05 -13.37 -2.79
CA SER A 213 45.03 -12.16 -1.93
C SER A 213 43.80 -11.29 -2.05
N ARG A 214 43.37 -10.79 -0.88
CA ARG A 214 42.44 -9.71 -0.76
C ARG A 214 43.23 -8.54 -0.17
N PRO A 215 42.60 -7.37 -0.07
CA PRO A 215 43.38 -6.28 0.53
C PRO A 215 43.83 -6.57 1.96
N TRP A 216 45.07 -6.17 2.22
CA TRP A 216 45.68 -6.29 3.52
C TRP A 216 44.81 -5.63 4.59
N VAL A 217 44.37 -6.41 5.58
CA VAL A 217 43.61 -5.85 6.73
C VAL A 217 44.20 -6.42 8.01
N ARG A 218 44.62 -5.55 8.92
CA ARG A 218 45.27 -5.97 10.15
C ARG A 218 46.30 -7.05 9.88
N GLY A 219 47.16 -6.78 8.91
CA GLY A 219 48.28 -7.65 8.60
C GLY A 219 48.01 -8.83 7.70
N LEU A 220 46.76 -9.03 7.29
CA LEU A 220 46.35 -10.26 6.61
C LEU A 220 45.69 -10.03 5.26
N SER A 221 46.09 -10.85 4.29
N SER A 221 46.07 -10.85 4.29
CA SER A 221 45.51 -10.77 2.96
CA SER A 221 45.42 -10.81 2.98
C SER A 221 44.56 -11.94 2.72
C SER A 221 44.36 -11.91 2.85
N SER A 222 44.37 -12.77 3.75
N SER A 222 44.41 -12.89 3.75
CA SER A 222 43.42 -13.88 3.73
CA SER A 222 43.42 -13.95 3.77
C SER A 222 42.09 -13.44 4.36
C SER A 222 42.10 -13.46 4.38
N ARG A 223 41.08 -14.29 4.27
CA ARG A 223 39.73 -13.98 4.75
C ARG A 223 39.03 -15.20 5.27
N ILE A 224 38.02 -14.96 6.12
CA ILE A 224 37.09 -15.99 6.50
C ILE A 224 35.71 -15.58 5.98
N SER A 225 34.96 -16.51 5.39
CA SER A 225 33.56 -16.29 5.03
C SER A 225 32.68 -17.02 6.01
N ILE A 226 31.66 -16.30 6.49
CA ILE A 226 30.76 -16.79 7.52
C ILE A 226 29.44 -17.25 6.93
N TYR A 227 29.00 -18.42 7.40
CA TYR A 227 27.73 -19.02 6.99
C TYR A 227 26.94 -19.42 8.22
N TRP A 228 25.67 -19.72 8.03
N TRP A 228 25.66 -19.69 8.02
CA TRP A 228 24.87 -20.14 9.16
CA TRP A 228 24.79 -20.09 9.11
C TRP A 228 23.88 -21.20 8.75
C TRP A 228 23.91 -21.24 8.72
N THR A 229 23.45 -21.99 9.73
CA THR A 229 22.56 -23.09 9.52
C THR A 229 21.63 -23.18 10.73
N ILE A 230 20.33 -23.28 10.48
CA ILE A 230 19.37 -23.49 11.54
C ILE A 230 18.94 -24.94 11.60
N VAL A 231 18.87 -25.49 12.81
CA VAL A 231 18.53 -26.89 12.96
C VAL A 231 17.30 -26.96 13.85
N LYS A 232 16.24 -27.54 13.34
CA LYS A 232 15.01 -27.64 14.10
C LYS A 232 14.97 -28.84 15.02
N PRO A 233 14.05 -28.81 15.99
CA PRO A 233 13.90 -29.96 16.90
C PRO A 233 13.72 -31.25 16.10
N GLY A 234 14.41 -32.30 16.51
CA GLY A 234 14.32 -33.57 15.82
C GLY A 234 15.19 -33.68 14.58
N ASP A 235 15.78 -32.57 14.14
CA ASP A 235 16.72 -32.61 13.03
C ASP A 235 18.11 -32.75 13.62
N VAL A 236 19.12 -32.70 12.76
CA VAL A 236 20.47 -32.98 13.16
C VAL A 236 21.42 -32.21 12.25
N LEU A 237 22.56 -31.81 12.80
CA LEU A 237 23.58 -31.13 12.05
C LEU A 237 24.68 -32.15 11.72
N VAL A 238 25.17 -32.13 10.48
CA VAL A 238 26.38 -32.85 10.10
C VAL A 238 27.33 -31.86 9.44
N ILE A 239 28.57 -31.93 9.89
CA ILE A 239 29.64 -31.12 9.39
C ILE A 239 30.69 -32.10 8.86
N ASN A 240 31.06 -31.91 7.61
CA ASN A 240 32.00 -32.79 6.95
C ASN A 240 33.01 -31.89 6.23
N SER A 241 34.28 -31.98 6.57
CA SER A 241 35.30 -31.12 5.94
C SER A 241 36.65 -31.80 5.82
N ASN A 242 37.41 -31.56 4.76
CA ASN A 242 38.79 -32.00 4.67
C ASN A 242 39.73 -30.82 4.57
N GLY A 243 39.32 -29.71 5.18
CA GLY A 243 40.20 -28.56 5.34
C GLY A 243 39.43 -27.26 5.32
N ASN A 244 40.00 -26.24 5.96
CA ASN A 244 39.49 -24.87 5.86
C ASN A 244 38.22 -24.56 6.68
N LEU A 245 37.77 -25.52 7.49
CA LEU A 245 36.62 -25.32 8.36
C LEU A 245 36.95 -24.41 9.57
N ILE A 246 36.15 -23.35 9.75
CA ILE A 246 36.17 -22.56 10.97
C ILE A 246 34.93 -23.08 11.71
N ALA A 247 35.16 -23.89 12.74
CA ALA A 247 34.08 -24.68 13.34
C ALA A 247 33.28 -23.88 14.32
N PRO A 248 32.00 -24.23 14.48
CA PRO A 248 31.19 -23.70 15.57
C PRO A 248 31.62 -24.32 16.90
N ARG A 249 31.36 -23.62 17.99
CA ARG A 249 31.62 -24.14 19.33
C ARG A 249 30.33 -24.58 19.99
N GLY A 250 29.20 -24.34 19.35
CA GLY A 250 27.90 -24.55 19.98
C GLY A 250 26.87 -23.77 19.16
N TYR A 251 25.73 -23.42 19.74
CA TYR A 251 24.64 -22.79 18.96
C TYR A 251 24.05 -21.62 19.74
N PHE A 252 23.40 -20.72 19.01
CA PHE A 252 22.62 -19.64 19.58
C PHE A 252 21.20 -20.10 19.68
N LYS A 253 20.57 -19.85 20.81
CA LYS A 253 19.19 -20.22 20.99
C LYS A 253 18.34 -19.20 20.23
N MET A 254 17.47 -19.66 19.33
N MET A 254 17.43 -19.66 19.39
CA MET A 254 16.58 -18.78 18.59
CA MET A 254 16.60 -18.75 18.59
C MET A 254 15.32 -18.48 19.39
C MET A 254 15.24 -18.51 19.22
N ARG A 255 14.86 -17.23 19.34
CA ARG A 255 13.59 -16.83 19.95
C ARG A 255 12.74 -16.12 18.91
N THR A 256 11.44 -16.01 19.16
CA THR A 256 10.58 -15.13 18.35
C THR A 256 10.02 -14.08 19.30
N GLY A 257 9.71 -12.90 18.79
CA GLY A 257 9.18 -11.85 19.66
C GLY A 257 9.34 -10.49 18.98
N LYS A 258 9.45 -9.45 19.79
CA LYS A 258 9.35 -8.08 19.28
C LYS A 258 10.70 -7.42 19.03
N SER A 259 11.83 -8.15 19.08
CA SER A 259 13.13 -7.51 18.99
C SER A 259 13.47 -7.01 17.61
N SER A 260 14.29 -5.96 17.57
CA SER A 260 14.77 -5.45 16.31
C SER A 260 16.10 -4.76 16.50
N ILE A 261 16.54 -4.06 15.47
CA ILE A 261 17.83 -3.38 15.49
C ILE A 261 17.66 -2.04 14.78
N MET A 262 18.44 -1.03 15.17
CA MET A 262 18.33 0.29 14.56
C MET A 262 19.72 0.92 14.51
N ARG A 263 20.02 1.68 13.46
CA ARG A 263 21.25 2.44 13.39
C ARG A 263 20.96 3.88 13.88
N SER A 264 21.68 4.35 14.87
CA SER A 264 21.44 5.68 15.42
C SER A 264 22.68 6.12 16.15
N ASP A 265 22.96 7.42 16.13
CA ASP A 265 23.96 7.98 17.02
C ASP A 265 23.35 8.78 18.17
N ALA A 266 22.03 8.67 18.37
CA ALA A 266 21.37 9.41 19.44
C ALA A 266 21.77 8.90 20.82
N PRO A 267 22.03 9.80 21.79
CA PRO A 267 22.32 9.29 23.13
C PRO A 267 21.10 8.62 23.72
N ILE A 268 21.32 7.76 24.70
N ILE A 268 21.34 7.64 24.56
CA ILE A 268 20.26 7.03 25.40
CA ILE A 268 20.28 7.02 25.32
C ILE A 268 20.03 7.59 26.82
C ILE A 268 20.08 7.95 26.51
N ASP A 269 18.85 8.18 27.03
N ASP A 269 18.93 7.84 27.15
CA ASP A 269 18.47 8.87 28.25
CA ASP A 269 18.71 8.55 28.38
C ASP A 269 17.56 8.01 29.13
C ASP A 269 17.62 7.88 29.19
N THR A 270 17.45 8.39 30.41
CA THR A 270 16.55 7.75 31.34
C THR A 270 15.26 8.55 31.31
N CYS A 271 14.26 7.96 30.70
CA CYS A 271 13.01 8.63 30.40
C CYS A 271 12.13 7.55 29.81
N ILE A 272 10.85 7.84 29.53
CA ILE A 272 9.94 6.78 29.10
C ILE A 272 9.32 7.20 27.78
N SER A 273 9.42 6.36 26.76
CA SER A 273 8.69 6.65 25.49
C SER A 273 8.47 5.35 24.72
N GLU A 274 7.25 5.10 24.25
CA GLU A 274 6.94 3.90 23.48
C GLU A 274 7.54 3.91 22.09
N CYS A 275 7.74 5.10 21.54
CA CYS A 275 8.17 5.23 20.12
C CYS A 275 9.62 5.72 20.02
N ILE A 276 10.45 4.98 19.28
CA ILE A 276 11.87 5.27 19.10
C ILE A 276 12.15 5.47 17.61
N THR A 277 12.86 6.55 17.27
CA THR A 277 13.32 6.79 15.90
C THR A 277 14.83 6.97 15.99
N PRO A 278 15.55 6.92 14.86
CA PRO A 278 17.00 7.14 14.97
C PRO A 278 17.35 8.54 15.48
N ASN A 279 16.44 9.48 15.33
CA ASN A 279 16.64 10.86 15.84
C ASN A 279 16.46 10.97 17.34
N GLY A 280 15.92 9.94 17.95
CA GLY A 280 15.46 10.01 19.32
C GLY A 280 14.03 9.53 19.46
N SER A 281 13.61 9.36 20.69
CA SER A 281 12.23 9.03 20.95
C SER A 281 11.33 10.17 20.58
N ILE A 282 10.10 9.84 20.23
CA ILE A 282 9.08 10.85 20.02
C ILE A 282 7.80 10.45 20.71
N PRO A 283 7.01 11.44 21.14
CA PRO A 283 5.65 11.22 21.66
C PRO A 283 4.76 10.51 20.64
N ASN A 284 3.80 9.73 21.12
CA ASN A 284 2.92 9.06 20.19
C ASN A 284 1.46 9.44 20.40
N ASP A 285 1.22 10.63 20.92
CA ASP A 285 -0.17 11.12 21.04
C ASP A 285 -0.77 11.53 19.69
N LYS A 286 0.05 11.96 18.74
CA LYS A 286 -0.49 12.30 17.42
C LYS A 286 -0.48 11.10 16.49
N PRO A 287 -1.40 11.06 15.51
CA PRO A 287 -1.55 9.90 14.61
C PRO A 287 -0.47 9.83 13.55
N PHE A 288 0.17 10.95 13.24
CA PHE A 288 1.20 11.01 12.21
C PHE A 288 2.46 11.66 12.72
N GLN A 289 3.55 11.43 12.00
CA GLN A 289 4.82 12.04 12.33
C GLN A 289 5.66 12.25 11.06
N ASN A 290 6.54 13.23 11.10
CA ASN A 290 7.44 13.53 9.99
C ASN A 290 8.92 13.54 10.45
N VAL A 291 9.20 12.81 11.52
CA VAL A 291 10.56 12.80 12.09
C VAL A 291 11.46 11.83 11.31
N ASN A 292 11.01 10.59 11.15
CA ASN A 292 11.79 9.58 10.45
C ASN A 292 10.88 8.42 10.03
N LYS A 293 11.07 7.92 8.81
CA LYS A 293 10.35 6.73 8.37
C LYS A 293 10.80 5.50 9.13
N ILE A 294 11.99 5.54 9.71
CA ILE A 294 12.46 4.42 10.57
C ILE A 294 11.93 4.61 11.99
N THR A 295 11.15 3.65 12.47
CA THR A 295 10.63 3.69 13.84
C THR A 295 10.56 2.31 14.46
N TYR A 296 10.45 2.27 15.78
CA TYR A 296 10.33 1.05 16.54
C TYR A 296 9.36 1.34 17.65
N GLY A 297 8.34 0.50 17.78
CA GLY A 297 7.38 0.59 18.88
C GLY A 297 6.02 1.11 18.46
N ALA A 298 5.28 1.64 19.43
CA ALA A 298 3.95 2.20 19.15
C ALA A 298 4.10 3.65 18.65
N CYS A 299 4.07 3.83 17.34
CA CYS A 299 4.55 5.05 16.71
C CYS A 299 3.48 5.65 15.80
N PRO A 300 3.42 6.97 15.75
CA PRO A 300 2.59 7.58 14.70
C PRO A 300 3.10 7.12 13.31
N LYS A 301 2.23 7.20 12.31
CA LYS A 301 2.60 6.83 10.93
C LYS A 301 3.39 7.95 10.26
N TYR A 302 4.41 7.54 9.54
CA TYR A 302 5.25 8.52 8.89
C TYR A 302 4.52 9.12 7.69
N VAL A 303 4.51 10.45 7.61
CA VAL A 303 3.98 11.14 6.46
C VAL A 303 4.92 12.24 5.98
N LYS A 304 4.67 12.73 4.79
CA LYS A 304 5.54 13.72 4.20
C LYS A 304 5.30 15.12 4.73
N GLN A 305 4.09 15.40 5.14
CA GLN A 305 3.70 16.76 5.55
C GLN A 305 4.38 17.09 6.88
N ASN A 306 4.78 18.35 7.07
CA ASN A 306 5.39 18.69 8.35
C ASN A 306 4.37 19.25 9.33
N THR A 307 3.17 19.54 8.85
CA THR A 307 2.11 19.98 9.71
C THR A 307 0.78 19.63 9.06
N LEU A 308 -0.17 19.22 9.89
CA LEU A 308 -1.56 19.04 9.49
C LEU A 308 -2.47 19.40 10.67
N LYS A 309 -3.30 20.44 10.48
CA LYS A 309 -4.10 20.95 11.58
C LYS A 309 -5.54 20.42 11.52
N LEU A 310 -6.01 19.84 12.61
CA LEU A 310 -7.39 19.42 12.78
C LEU A 310 -8.17 20.52 13.48
N ALA A 311 -9.16 21.10 12.79
CA ALA A 311 -9.98 22.13 13.42
C ALA A 311 -10.62 21.58 14.71
N THR A 312 -10.64 22.40 15.77
CA THR A 312 -11.33 22.01 17.01
C THR A 312 -12.27 23.17 17.45
N GLY A 313 -12.73 23.98 16.50
CA GLY A 313 -13.60 25.08 16.81
C GLY A 313 -14.28 25.47 15.52
N MET A 314 -15.23 26.37 15.62
CA MET A 314 -16.00 26.83 14.46
C MET A 314 -15.16 27.84 13.66
N ARG A 315 -15.67 28.22 12.50
N ARG A 315 -15.68 28.23 12.51
CA ARG A 315 -15.14 29.32 11.72
CA ARG A 315 -15.13 29.35 11.76
C ARG A 315 -14.99 30.55 12.60
C ARG A 315 -14.98 30.56 12.63
N ASN A 316 -13.84 31.22 12.51
CA ASN A 316 -13.58 32.44 13.27
C ASN A 316 -13.93 33.63 12.40
N VAL A 317 -14.99 34.31 12.76
CA VAL A 317 -15.56 35.39 11.96
C VAL A 317 -15.70 36.63 12.83
N PRO A 318 -14.58 37.25 13.21
CA PRO A 318 -14.75 38.40 14.09
C PRO A 318 -15.34 39.61 13.36
N GLU A 319 -15.12 39.70 12.06
CA GLU A 319 -15.62 40.87 11.32
C GLU A 319 -16.54 40.38 10.22
N LYS A 320 -17.44 41.24 9.77
CA LYS A 320 -18.43 40.88 8.73
C LYS A 320 -17.91 39.87 7.71
N GLY B 1 -20.77 28.03 5.33
CA GLY B 1 -21.12 26.61 5.72
C GLY B 1 -22.45 26.24 5.12
N LEU B 2 -22.84 24.96 5.25
CA LEU B 2 -24.04 24.50 4.59
C LEU B 2 -25.35 25.14 5.08
N PHE B 3 -25.35 25.59 6.35
CA PHE B 3 -26.57 26.06 6.98
C PHE B 3 -26.78 27.56 6.88
N GLY B 4 -25.72 28.30 6.57
CA GLY B 4 -25.88 29.71 6.28
C GLY B 4 -26.08 30.58 7.51
N ALA B 5 -25.74 30.07 8.70
CA ALA B 5 -25.87 30.86 9.92
C ALA B 5 -24.56 31.57 10.25
N ILE B 6 -23.54 30.79 10.58
CA ILE B 6 -22.24 31.34 10.90
C ILE B 6 -21.64 31.86 9.60
N ALA B 7 -21.15 33.08 9.62
CA ALA B 7 -20.66 33.75 8.41
C ALA B 7 -21.80 33.84 7.38
N GLY B 8 -23.03 33.99 7.87
CA GLY B 8 -24.22 34.04 7.02
C GLY B 8 -25.23 35.00 7.58
N PHE B 9 -26.43 34.54 7.93
CA PHE B 9 -27.40 35.46 8.51
C PHE B 9 -26.98 36.03 9.85
N ILE B 10 -26.12 35.31 10.55
N ILE B 10 -26.15 35.28 10.57
CA ILE B 10 -25.42 35.90 11.68
CA ILE B 10 -25.39 35.84 11.68
C ILE B 10 -24.13 36.50 11.12
C ILE B 10 -24.18 36.51 11.02
N GLU B 11 -24.10 37.82 11.08
CA GLU B 11 -23.10 38.53 10.31
C GLU B 11 -21.68 38.32 10.79
N ASN B 12 -21.51 38.18 12.10
CA ASN B 12 -20.19 37.90 12.65
C ASN B 12 -20.33 37.30 14.04
N GLY B 13 -19.20 36.79 14.52
CA GLY B 13 -19.11 36.27 15.87
C GLY B 13 -18.87 37.41 16.86
N TRP B 14 -18.98 37.05 18.12
CA TRP B 14 -18.83 37.98 19.23
C TRP B 14 -17.55 37.69 20.00
N GLU B 15 -16.55 38.53 19.86
CA GLU B 15 -15.36 38.39 20.66
C GLU B 15 -15.66 38.55 22.17
N GLY B 16 -16.79 39.22 22.51
CA GLY B 16 -17.12 39.47 23.90
C GLY B 16 -17.85 38.27 24.54
N MET B 17 -18.18 37.26 23.76
N MET B 17 -18.12 37.23 23.76
CA MET B 17 -18.74 36.06 24.34
CA MET B 17 -18.76 36.02 24.26
C MET B 17 -17.55 35.21 24.70
C MET B 17 -17.66 35.09 24.73
N ILE B 18 -17.21 35.26 25.96
CA ILE B 18 -16.03 34.59 26.43
C ILE B 18 -16.33 33.40 27.37
N ASP B 19 -17.60 33.10 27.61
CA ASP B 19 -17.95 31.96 28.48
C ASP B 19 -18.83 30.89 27.81
N GLY B 20 -18.83 30.83 26.50
CA GLY B 20 -19.62 29.85 25.78
C GLY B 20 -19.32 30.00 24.30
N TRP B 21 -19.78 29.07 23.50
CA TRP B 21 -19.55 29.11 22.08
C TRP B 21 -20.73 29.75 21.37
N TYR B 22 -21.93 29.56 21.93
CA TYR B 22 -23.18 30.08 21.33
C TYR B 22 -23.93 30.76 22.48
N GLY B 23 -24.76 31.75 22.16
CA GLY B 23 -25.51 32.40 23.21
C GLY B 23 -26.46 33.48 22.74
N PHE B 24 -26.87 34.32 23.70
CA PHE B 24 -27.93 35.26 23.51
C PHE B 24 -27.46 36.63 23.95
N ARG B 25 -27.87 37.65 23.23
CA ARG B 25 -27.77 39.01 23.74
C ARG B 25 -29.17 39.62 23.66
N HIS B 26 -29.53 40.45 24.64
CA HIS B 26 -30.86 40.96 24.65
C HIS B 26 -30.85 42.43 25.00
N GLN B 27 -31.93 43.06 24.61
CA GLN B 27 -32.26 44.37 25.09
C GLN B 27 -33.72 44.39 25.51
N ASN B 28 -34.00 44.87 26.72
CA ASN B 28 -35.37 44.99 27.18
C ASN B 28 -35.49 46.23 28.07
N SER B 29 -36.60 46.32 28.80
CA SER B 29 -36.82 47.50 29.60
C SER B 29 -35.84 47.62 30.78
N GLU B 30 -35.14 46.55 31.13
CA GLU B 30 -34.21 46.56 32.26
C GLU B 30 -32.75 46.70 31.80
N GLY B 31 -32.53 46.85 30.50
CA GLY B 31 -31.19 47.10 29.97
C GLY B 31 -30.80 46.06 28.93
N THR B 32 -29.52 45.70 28.93
CA THR B 32 -29.02 44.74 27.94
C THR B 32 -28.21 43.71 28.68
N GLY B 33 -27.98 42.59 28.02
CA GLY B 33 -27.16 41.57 28.63
C GLY B 33 -26.77 40.51 27.63
N GLN B 34 -25.97 39.58 28.11
CA GLN B 34 -25.48 38.48 27.31
C GLN B 34 -25.42 37.24 28.19
N ALA B 35 -25.71 36.08 27.62
CA ALA B 35 -25.58 34.81 28.31
C ALA B 35 -25.21 33.71 27.33
N ALA B 36 -24.25 32.89 27.71
CA ALA B 36 -23.92 31.69 26.95
C ALA B 36 -25.08 30.70 27.00
N ASP B 37 -25.30 29.98 25.92
CA ASP B 37 -26.20 28.82 25.91
C ASP B 37 -25.38 27.57 26.14
N LEU B 38 -25.62 26.91 27.27
N LEU B 38 -25.62 26.90 27.27
CA LEU B 38 -24.76 25.78 27.67
CA LEU B 38 -24.75 25.79 27.68
C LEU B 38 -24.98 24.55 26.81
C LEU B 38 -24.98 24.53 26.84
N LYS B 39 -26.22 24.23 26.49
CA LYS B 39 -26.55 22.99 25.77
C LYS B 39 -25.97 22.94 24.34
N SER B 40 -26.13 24.03 23.60
N SER B 40 -26.10 24.03 23.60
CA SER B 40 -25.57 24.12 22.25
CA SER B 40 -25.54 24.06 22.25
C SER B 40 -24.04 24.10 22.29
C SER B 40 -24.02 24.08 22.29
N THR B 41 -23.48 24.85 23.23
CA THR B 41 -22.04 24.91 23.39
C THR B 41 -21.49 23.50 23.67
N GLN B 42 -22.13 22.76 24.55
CA GLN B 42 -21.66 21.44 24.96
C GLN B 42 -21.91 20.42 23.82
N ALA B 43 -22.94 20.60 23.04
CA ALA B 43 -23.20 19.68 21.93
C ALA B 43 -22.08 19.79 20.91
N ALA B 44 -21.66 21.02 20.60
CA ALA B 44 -20.56 21.21 19.66
C ALA B 44 -19.25 20.67 20.25
N ILE B 45 -18.98 21.01 21.49
CA ILE B 45 -17.75 20.58 22.13
C ILE B 45 -17.71 19.07 22.19
N ASP B 46 -18.85 18.44 22.48
CA ASP B 46 -18.85 16.99 22.66
C ASP B 46 -18.63 16.31 21.30
N GLN B 47 -19.20 16.85 20.24
CA GLN B 47 -18.97 16.27 18.91
C GLN B 47 -17.50 16.43 18.47
N ILE B 48 -16.92 17.59 18.75
N ILE B 48 -16.90 17.58 18.78
CA ILE B 48 -15.54 17.84 18.38
CA ILE B 48 -15.52 17.85 18.40
C ILE B 48 -14.59 16.96 19.20
C ILE B 48 -14.54 17.00 19.21
N ASN B 49 -14.87 16.76 20.46
CA ASN B 49 -14.03 15.91 21.29
C ASN B 49 -14.19 14.47 20.83
N GLY B 50 -15.39 14.12 20.38
CA GLY B 50 -15.67 12.79 19.87
C GLY B 50 -14.80 12.53 18.64
N LYS B 51 -14.77 13.46 17.70
N LYS B 51 -14.76 13.50 17.73
CA LYS B 51 -13.99 13.20 16.48
CA LYS B 51 -14.00 13.35 16.50
C LYS B 51 -12.49 13.26 16.73
C LYS B 51 -12.55 13.19 16.83
N LEU B 52 -12.07 14.08 17.68
CA LEU B 52 -10.67 14.17 18.03
C LEU B 52 -10.21 12.86 18.66
N ASN B 53 -11.03 12.34 19.54
CA ASN B 53 -10.65 11.10 20.23
C ASN B 53 -10.64 9.92 19.25
N ARG B 54 -11.50 9.95 18.23
CA ARG B 54 -11.42 8.87 17.20
C ARG B 54 -10.12 8.95 16.39
N VAL B 55 -9.73 10.16 16.08
CA VAL B 55 -8.52 10.39 15.28
C VAL B 55 -7.25 10.11 16.06
N ILE B 56 -7.19 10.41 17.36
CA ILE B 56 -5.90 10.30 18.03
C ILE B 56 -5.77 8.97 18.80
N GLU B 57 -6.78 8.13 18.67
CA GLU B 57 -6.81 6.79 19.21
C GLU B 57 -5.76 5.86 18.56
N LYS B 58 -5.15 5.01 19.38
CA LYS B 58 -4.47 3.80 18.89
C LYS B 58 -3.48 4.00 17.76
N THR B 59 -2.30 4.52 18.02
CA THR B 59 -1.25 4.30 17.03
C THR B 59 -1.02 2.77 16.94
N ASN B 60 -0.60 2.33 15.76
CA ASN B 60 -0.11 1.00 15.52
C ASN B 60 1.23 0.73 16.23
N GLU B 61 1.44 -0.51 16.66
CA GLU B 61 2.72 -0.89 17.24
C GLU B 61 3.43 -1.80 16.24
N LYS B 62 4.63 -1.43 15.80
CA LYS B 62 5.40 -2.26 14.89
C LYS B 62 6.82 -2.48 15.48
N PHE B 63 7.40 -3.62 15.18
CA PHE B 63 8.68 -3.98 15.76
C PHE B 63 9.70 -4.17 14.65
N HIS B 64 10.13 -5.39 14.37
CA HIS B 64 11.08 -5.61 13.28
C HIS B 64 10.37 -5.47 11.92
N GLN B 65 10.96 -4.63 11.08
CA GLN B 65 10.40 -4.29 9.80
C GLN B 65 11.46 -4.52 8.71
N ILE B 66 11.53 -3.64 7.73
CA ILE B 66 12.57 -3.73 6.72
C ILE B 66 13.48 -2.53 6.90
N GLU B 67 14.68 -2.68 6.35
CA GLU B 67 15.61 -1.56 6.28
C GLU B 67 15.11 -0.51 5.29
N LYS B 68 15.41 0.74 5.60
CA LYS B 68 14.93 1.88 4.82
C LYS B 68 16.03 2.86 4.40
N GLU B 69 17.26 2.67 4.91
CA GLU B 69 18.44 3.40 4.43
C GLU B 69 19.50 2.37 4.13
N PHE B 70 20.36 2.67 3.15
CA PHE B 70 21.34 1.70 2.61
C PHE B 70 22.68 2.38 2.36
N SER B 71 23.75 1.71 2.69
CA SER B 71 25.06 2.33 2.55
C SER B 71 25.77 1.87 1.27
N GLU B 72 25.22 0.89 0.56
CA GLU B 72 25.84 0.40 -0.69
C GLU B 72 24.78 0.29 -1.77
N VAL B 73 25.17 0.54 -3.01
CA VAL B 73 24.32 0.24 -4.16
C VAL B 73 24.19 -1.29 -4.29
N GLU B 74 22.97 -1.77 -4.49
CA GLU B 74 22.73 -3.21 -4.66
C GLU B 74 21.82 -3.57 -5.81
N GLY B 75 21.04 -2.65 -6.33
CA GLY B 75 20.16 -2.99 -7.45
C GLY B 75 18.79 -3.54 -7.03
N ARG B 76 18.38 -4.66 -7.63
CA ARG B 76 16.96 -5.09 -7.66
C ARG B 76 16.24 -5.20 -6.31
N ILE B 77 16.87 -5.83 -5.33
N ILE B 77 16.86 -5.83 -5.32
CA ILE B 77 16.21 -6.04 -4.05
CA ILE B 77 16.18 -6.02 -4.05
C ILE B 77 16.08 -4.73 -3.26
C ILE B 77 16.07 -4.71 -3.28
N GLN B 78 17.12 -3.91 -3.29
CA GLN B 78 17.06 -2.58 -2.69
C GLN B 78 16.06 -1.69 -3.41
N ASP B 79 16.04 -1.77 -4.75
CA ASP B 79 15.05 -0.97 -5.51
C ASP B 79 13.63 -1.27 -4.96
N LEU B 80 13.34 -2.55 -4.80
CA LEU B 80 12.02 -2.98 -4.32
C LEU B 80 11.75 -2.54 -2.85
N GLU B 81 12.73 -2.69 -1.96
CA GLU B 81 12.58 -2.22 -0.59
C GLU B 81 12.25 -0.73 -0.54
N LYS B 82 12.93 0.05 -1.37
CA LYS B 82 12.74 1.50 -1.33
C LYS B 82 11.37 1.86 -1.96
N TYR B 83 10.99 1.12 -2.97
CA TYR B 83 9.71 1.38 -3.64
C TYR B 83 8.53 1.03 -2.74
N VAL B 84 8.65 -0.04 -2.00
CA VAL B 84 7.60 -0.49 -1.08
C VAL B 84 7.41 0.62 -0.02
N GLU B 85 8.53 1.13 0.51
CA GLU B 85 8.41 2.18 1.53
C GLU B 85 7.89 3.50 0.98
N ASP B 86 8.37 3.91 -0.18
CA ASP B 86 7.95 5.16 -0.82
C ASP B 86 6.45 5.10 -1.13
N THR B 87 6.01 3.93 -1.56
CA THR B 87 4.62 3.67 -1.92
C THR B 87 3.74 3.81 -0.65
N LYS B 88 4.18 3.19 0.44
CA LYS B 88 3.50 3.22 1.71
C LYS B 88 3.40 4.67 2.21
N ILE B 89 4.49 5.40 2.15
CA ILE B 89 4.51 6.76 2.70
C ILE B 89 3.57 7.63 1.90
N ASP B 90 3.57 7.47 0.59
CA ASP B 90 2.70 8.31 -0.26
C ASP B 90 1.22 8.00 0.00
N LEU B 91 0.88 6.72 0.20
CA LEU B 91 -0.48 6.37 0.59
C LEU B 91 -0.91 6.93 1.94
N TRP B 92 -0.07 6.81 2.98
CA TRP B 92 -0.41 7.38 4.30
C TRP B 92 -0.48 8.91 4.26
N SER B 93 0.38 9.54 3.46
CA SER B 93 0.39 11.01 3.37
C SER B 93 -0.93 11.46 2.72
N TYR B 94 -1.36 10.70 1.72
CA TYR B 94 -2.68 10.97 1.08
C TYR B 94 -3.81 10.76 2.11
N ASN B 95 -3.75 9.68 2.90
CA ASN B 95 -4.82 9.43 3.90
C ASN B 95 -4.87 10.60 4.90
N ALA B 96 -3.71 11.09 5.29
CA ALA B 96 -3.61 12.14 6.30
C ALA B 96 -4.22 13.45 5.72
N GLU B 97 -3.86 13.78 4.50
CA GLU B 97 -4.36 14.98 3.84
C GLU B 97 -5.88 14.97 3.71
N LEU B 98 -6.41 13.83 3.26
CA LEU B 98 -7.83 13.69 3.04
C LEU B 98 -8.59 13.70 4.35
N LEU B 99 -8.04 13.04 5.36
CA LEU B 99 -8.71 12.91 6.64
C LEU B 99 -8.91 14.33 7.24
N VAL B 100 -7.87 15.15 7.26
CA VAL B 100 -8.08 16.49 7.86
C VAL B 100 -8.98 17.37 6.99
N ALA B 101 -8.89 17.26 5.67
CA ALA B 101 -9.83 18.02 4.83
C ALA B 101 -11.30 17.69 5.10
N LEU B 102 -11.62 16.39 5.20
CA LEU B 102 -12.99 15.92 5.42
C LEU B 102 -13.47 16.28 6.81
N GLU B 103 -12.61 16.05 7.79
CA GLU B 103 -12.93 16.33 9.18
C GLU B 103 -13.21 17.84 9.35
N ASN B 104 -12.34 18.66 8.76
CA ASN B 104 -12.43 20.11 8.94
C ASN B 104 -13.68 20.68 8.24
N GLN B 105 -13.98 20.16 7.05
CA GLN B 105 -15.20 20.58 6.33
C GLN B 105 -16.40 20.29 7.24
N HIS B 106 -16.39 19.10 7.81
CA HIS B 106 -17.47 18.66 8.66
C HIS B 106 -17.57 19.40 10.00
N THR B 107 -16.44 19.80 10.59
CA THR B 107 -16.43 20.56 11.83
C THR B 107 -17.01 21.94 11.60
N ILE B 108 -16.69 22.54 10.47
CA ILE B 108 -17.27 23.82 10.13
C ILE B 108 -18.79 23.69 9.93
N ASP B 109 -19.21 22.66 9.22
CA ASP B 109 -20.63 22.46 9.01
C ASP B 109 -21.40 22.07 10.26
N LEU B 110 -20.79 21.32 11.17
CA LEU B 110 -21.54 20.90 12.35
C LEU B 110 -21.66 22.08 13.33
N THR B 111 -20.66 22.92 13.38
CA THR B 111 -20.77 24.12 14.23
C THR B 111 -21.80 25.14 13.69
N ASP B 112 -21.80 25.31 12.39
CA ASP B 112 -22.85 26.13 11.68
C ASP B 112 -24.24 25.57 11.97
N SER B 113 -24.38 24.25 11.87
CA SER B 113 -25.61 23.56 12.17
C SER B 113 -26.07 23.84 13.62
N GLU B 114 -25.17 23.73 14.61
CA GLU B 114 -25.56 23.95 16.01
C GLU B 114 -26.05 25.42 16.20
N MET B 115 -25.42 26.37 15.52
CA MET B 115 -25.92 27.76 15.58
C MET B 115 -27.35 27.84 15.04
N ASN B 116 -27.56 27.22 13.88
CA ASN B 116 -28.87 27.24 13.22
C ASN B 116 -29.92 26.52 14.05
N LYS B 117 -29.55 25.44 14.71
CA LYS B 117 -30.52 24.67 15.52
C LYS B 117 -30.98 25.50 16.73
N LEU B 118 -30.07 26.21 17.36
CA LEU B 118 -30.43 27.08 18.47
C LEU B 118 -31.36 28.21 18.04
N PHE B 119 -31.05 28.84 16.91
CA PHE B 119 -31.89 29.88 16.35
C PHE B 119 -33.29 29.34 16.09
N GLU B 120 -33.40 28.18 15.46
CA GLU B 120 -34.70 27.61 15.13
C GLU B 120 -35.48 27.24 16.39
N LYS B 121 -34.76 26.75 17.39
CA LYS B 121 -35.42 26.32 18.61
C LYS B 121 -36.01 27.56 19.33
N THR B 122 -35.24 28.63 19.32
CA THR B 122 -35.66 29.88 19.96
C THR B 122 -36.93 30.42 19.27
N GLY B 123 -36.88 30.46 17.94
CA GLY B 123 -38.02 30.86 17.12
C GLY B 123 -39.26 30.08 17.45
N ARG B 124 -39.10 28.77 17.59
CA ARG B 124 -40.23 27.89 17.87
C ARG B 124 -40.83 28.16 19.24
N GLN B 125 -40.01 28.50 20.24
CA GLN B 125 -40.57 28.84 21.54
C GLN B 125 -41.43 30.11 21.45
N LEU B 126 -40.96 31.09 20.70
CA LEU B 126 -41.62 32.38 20.66
C LEU B 126 -42.97 32.41 19.93
N ARG B 127 -43.23 31.42 19.08
CA ARG B 127 -44.51 31.27 18.37
C ARG B 127 -44.89 32.56 17.66
N GLU B 128 -46.08 33.11 17.95
CA GLU B 128 -46.53 34.32 17.25
C GLU B 128 -46.17 35.60 18.02
N ASN B 129 -45.28 35.51 19.00
CA ASN B 129 -45.02 36.68 19.84
C ASN B 129 -43.81 37.47 19.39
N ALA B 130 -43.12 36.98 18.34
CA ALA B 130 -41.91 37.60 17.86
C ALA B 130 -41.79 37.43 16.35
N GLU B 131 -40.90 38.21 15.74
CA GLU B 131 -40.55 38.02 14.34
C GLU B 131 -39.02 37.98 14.17
N ASP B 132 -38.59 37.15 13.23
CA ASP B 132 -37.21 37.00 12.80
C ASP B 132 -36.83 38.24 12.01
N MET B 133 -35.85 39.00 12.51
CA MET B 133 -35.43 40.22 11.84
C MET B 133 -34.48 39.96 10.71
N GLY B 134 -34.08 38.71 10.54
CA GLY B 134 -33.29 38.30 9.40
C GLY B 134 -31.77 38.34 9.63
N ASN B 135 -31.35 38.75 10.83
CA ASN B 135 -29.91 38.88 11.16
C ASN B 135 -29.54 38.10 12.44
N GLY B 136 -30.34 37.08 12.72
CA GLY B 136 -30.21 36.22 13.89
C GLY B 136 -30.85 36.83 15.12
N CYS B 137 -31.63 37.89 14.95
CA CYS B 137 -32.30 38.54 16.07
C CYS B 137 -33.82 38.38 15.94
N PHE B 138 -34.48 38.22 17.07
CA PHE B 138 -35.93 38.24 17.12
C PHE B 138 -36.41 39.55 17.73
N LYS B 139 -37.35 40.21 17.07
CA LYS B 139 -38.12 41.29 17.67
C LYS B 139 -39.29 40.68 18.44
N ILE B 140 -39.30 40.88 19.74
CA ILE B 140 -40.34 40.35 20.64
C ILE B 140 -41.36 41.46 20.92
N TYR B 141 -42.63 41.18 20.61
CA TYR B 141 -43.65 42.24 20.54
C TYR B 141 -44.45 42.36 21.86
N HIS B 142 -43.76 42.21 22.98
CA HIS B 142 -44.37 42.40 24.28
C HIS B 142 -43.30 42.79 25.28
N LYS B 143 -43.73 43.38 26.38
CA LYS B 143 -42.78 43.64 27.45
C LYS B 143 -42.17 42.34 27.93
N CYS B 144 -40.85 42.28 28.02
CA CYS B 144 -40.17 41.01 28.28
C CYS B 144 -38.97 41.30 29.18
N ASP B 145 -39.22 41.30 30.50
CA ASP B 145 -38.20 41.66 31.50
C ASP B 145 -37.15 40.56 31.70
N ASN B 146 -36.25 40.77 32.65
CA ASN B 146 -35.11 39.86 32.76
C ASN B 146 -35.54 38.43 33.02
N ALA B 147 -36.58 38.26 33.84
CA ALA B 147 -37.06 36.93 34.12
C ALA B 147 -37.71 36.30 32.88
N CYS B 148 -38.39 37.10 32.06
CA CYS B 148 -38.97 36.63 30.80
C CYS B 148 -37.89 36.19 29.80
N ILE B 149 -36.85 37.03 29.65
CA ILE B 149 -35.71 36.65 28.81
C ILE B 149 -35.11 35.34 29.32
N GLU B 150 -34.96 35.22 30.63
CA GLU B 150 -34.36 33.99 31.17
C GLU B 150 -35.28 32.79 30.89
N SER B 151 -36.61 32.99 30.90
CA SER B 151 -37.51 31.89 30.58
C SER B 151 -37.31 31.42 29.14
N ILE B 152 -37.02 32.33 28.24
CA ILE B 152 -36.69 31.90 26.88
C ILE B 152 -35.36 31.11 26.86
N ARG B 153 -34.36 31.69 27.50
CA ARG B 153 -33.04 31.08 27.50
C ARG B 153 -33.08 29.68 28.16
N ASN B 154 -33.94 29.47 29.17
CA ASN B 154 -33.94 28.16 29.83
C ASN B 154 -35.05 27.22 29.32
N GLY B 155 -35.82 27.67 28.34
CA GLY B 155 -36.71 26.78 27.61
C GLY B 155 -38.07 26.56 28.26
N THR B 156 -38.48 27.49 29.12
CA THR B 156 -39.74 27.38 29.82
C THR B 156 -40.70 28.53 29.48
N TYR B 157 -40.33 29.37 28.50
CA TYR B 157 -41.19 30.49 28.09
C TYR B 157 -42.59 30.00 27.71
N ASP B 158 -43.60 30.69 28.22
CA ASP B 158 -44.99 30.32 27.98
C ASP B 158 -45.64 31.33 27.03
N HIS B 159 -45.68 30.99 25.76
CA HIS B 159 -46.08 31.95 24.74
C HIS B 159 -47.52 32.44 24.98
N ASP B 160 -48.36 31.58 25.55
CA ASP B 160 -49.77 31.94 25.70
C ASP B 160 -49.96 33.12 26.66
N VAL B 161 -49.06 33.27 27.62
CA VAL B 161 -49.18 34.34 28.59
C VAL B 161 -49.12 35.68 27.90
N TYR B 162 -48.33 35.77 26.84
CA TYR B 162 -48.02 37.06 26.23
C TYR B 162 -48.71 37.24 24.86
N ARG B 163 -49.41 36.22 24.39
CA ARG B 163 -49.89 36.22 23.00
C ARG B 163 -50.81 37.37 22.65
N ASP B 164 -51.77 37.69 23.52
CA ASP B 164 -52.71 38.77 23.27
C ASP B 164 -51.97 40.10 23.09
N GLU B 165 -51.07 40.38 24.03
CA GLU B 165 -50.26 41.60 24.00
C GLU B 165 -49.45 41.68 22.70
N ALA B 166 -48.80 40.56 22.34
CA ALA B 166 -47.91 40.56 21.18
C ALA B 166 -48.65 40.75 19.87
N LEU B 167 -49.76 40.04 19.69
CA LEU B 167 -50.55 40.13 18.48
C LEU B 167 -51.10 41.54 18.34
N ASN B 168 -51.53 42.14 19.44
CA ASN B 168 -52.00 43.50 19.36
C ASN B 168 -50.87 44.39 18.83
N ASN B 169 -49.67 44.21 19.34
CA ASN B 169 -48.55 44.99 18.85
C ASN B 169 -48.10 44.67 17.41
N ARG B 170 -48.19 43.41 16.99
CA ARG B 170 -47.68 43.03 15.67
C ARG B 170 -48.59 43.48 14.57
N PHE B 171 -49.90 43.32 14.80
CA PHE B 171 -50.87 43.33 13.72
C PHE B 171 -51.85 44.49 13.77
N GLN B 172 -51.81 45.27 14.86
CA GLN B 172 -52.75 46.36 15.02
C GLN B 172 -52.06 47.61 15.55
N PRO C 3 -63.08 22.33 17.50
CA PRO C 3 -62.69 23.64 16.98
C PRO C 3 -61.36 23.57 16.22
N GLY C 4 -60.56 22.51 16.50
CA GLY C 4 -59.34 22.23 15.74
C GLY C 4 -58.81 20.80 15.80
N ALA C 5 -57.56 20.64 15.42
CA ALA C 5 -56.95 19.33 15.40
C ALA C 5 -55.46 19.51 15.59
N THR C 6 -54.77 18.42 15.92
N THR C 6 -54.76 18.40 15.83
CA THR C 6 -53.33 18.43 15.93
CA THR C 6 -53.32 18.46 15.92
C THR C 6 -52.86 17.41 14.92
C THR C 6 -52.71 17.35 15.08
N LEU C 7 -51.76 17.73 14.22
CA LEU C 7 -51.13 16.83 13.27
C LEU C 7 -49.64 16.76 13.60
N CYS C 8 -49.17 15.58 14.01
CA CYS C 8 -47.78 15.38 14.42
C CYS C 8 -46.99 14.63 13.36
N LEU C 9 -45.75 15.08 13.14
CA LEU C 9 -44.83 14.39 12.25
C LEU C 9 -43.86 13.57 13.09
N GLY C 10 -43.46 12.41 12.60
CA GLY C 10 -42.56 11.56 13.39
C GLY C 10 -41.88 10.52 12.54
N HIS C 11 -41.04 9.72 13.20
CA HIS C 11 -40.27 8.69 12.53
C HIS C 11 -40.33 7.42 13.38
N HIS C 12 -40.00 6.27 12.80
CA HIS C 12 -40.10 5.04 13.57
C HIS C 12 -38.88 4.84 14.50
N ALA C 13 -38.99 3.84 15.35
CA ALA C 13 -37.92 3.41 16.25
C ALA C 13 -38.15 1.93 16.50
N VAL C 14 -37.17 1.25 17.09
CA VAL C 14 -37.30 -0.14 17.46
C VAL C 14 -36.82 -0.24 18.91
N PRO C 15 -37.24 -1.27 19.62
CA PRO C 15 -36.87 -1.36 21.04
C PRO C 15 -35.38 -1.50 21.21
N ASN C 16 -34.76 -2.29 20.34
CA ASN C 16 -33.31 -2.52 20.45
C ASN C 16 -32.65 -2.44 19.12
N GLY C 17 -31.92 -1.37 18.89
CA GLY C 17 -31.24 -1.14 17.63
C GLY C 17 -29.85 -1.72 17.67
N THR C 18 -28.98 -1.20 16.82
CA THR C 18 -27.63 -1.67 16.67
C THR C 18 -26.65 -0.52 16.83
N LEU C 19 -25.57 -0.75 17.55
CA LEU C 19 -24.53 0.26 17.73
C LEU C 19 -23.58 0.29 16.53
N VAL C 20 -23.32 1.49 16.04
CA VAL C 20 -22.39 1.72 14.97
C VAL C 20 -21.44 2.86 15.31
N LYS C 21 -20.38 2.98 14.52
CA LYS C 21 -19.42 4.06 14.63
C LYS C 21 -19.61 5.14 13.58
N THR C 22 -19.33 6.38 13.98
CA THR C 22 -19.36 7.48 13.04
C THR C 22 -18.07 8.26 13.16
N ILE C 23 -18.04 9.42 12.49
CA ILE C 23 -16.92 10.36 12.59
C ILE C 23 -16.73 10.89 14.02
N THR C 24 -17.85 11.15 14.67
CA THR C 24 -17.86 11.78 15.97
C THR C 24 -18.17 10.85 17.14
N ASP C 25 -18.67 9.65 16.89
CA ASP C 25 -19.08 8.74 17.98
C ASP C 25 -18.52 7.35 17.78
N ASP C 26 -17.91 6.78 18.82
N ASP C 26 -17.91 6.79 18.83
CA ASP C 26 -17.43 5.40 18.74
CA ASP C 26 -17.43 5.42 18.82
C ASP C 26 -18.59 4.41 18.83
C ASP C 26 -18.58 4.43 18.83
N GLN C 27 -19.71 4.83 19.44
CA GLN C 27 -20.89 3.97 19.50
C GLN C 27 -22.16 4.79 19.54
N ILE C 28 -22.99 4.65 18.50
CA ILE C 28 -24.24 5.36 18.47
C ILE C 28 -25.32 4.40 17.92
N GLU C 29 -26.53 4.43 18.46
CA GLU C 29 -27.52 3.42 18.11
C GLU C 29 -28.39 3.83 16.91
N VAL C 30 -28.44 2.98 15.89
CA VAL C 30 -29.34 3.16 14.74
C VAL C 30 -30.35 2.01 14.69
N THR C 31 -31.36 2.12 13.84
CA THR C 31 -32.43 1.14 13.89
C THR C 31 -31.98 -0.17 13.27
N ASN C 32 -30.97 -0.13 12.43
CA ASN C 32 -30.59 -1.32 11.64
C ASN C 32 -29.19 -1.10 11.06
N ALA C 33 -28.44 -2.16 10.87
CA ALA C 33 -27.14 -2.08 10.24
C ALA C 33 -26.82 -3.43 9.59
N THR C 34 -25.74 -3.48 8.83
CA THR C 34 -25.39 -4.72 8.19
C THR C 34 -23.89 -4.90 8.34
N GLU C 35 -23.45 -6.16 8.41
CA GLU C 35 -22.08 -6.47 8.72
C GLU C 35 -21.24 -6.40 7.43
N LEU C 36 -20.11 -5.71 7.47
CA LEU C 36 -19.27 -5.61 6.28
C LEU C 36 -18.03 -6.52 6.31
N VAL C 37 -17.81 -7.20 7.43
CA VAL C 37 -16.64 -8.05 7.58
C VAL C 37 -17.11 -9.53 7.69
N GLN C 38 -16.70 -10.32 6.72
CA GLN C 38 -16.99 -11.73 6.74
C GLN C 38 -16.06 -12.36 7.80
N SER C 39 -16.61 -12.98 8.82
CA SER C 39 -15.74 -13.51 9.87
C SER C 39 -15.92 -14.99 10.12
N SER C 40 -16.78 -15.64 9.36
CA SER C 40 -16.99 -17.08 9.54
C SER C 40 -16.78 -17.82 8.24
N SER C 41 -16.44 -19.12 8.36
CA SER C 41 -16.36 -20.04 7.24
C SER C 41 -17.05 -21.34 7.67
N THR C 42 -17.57 -22.10 6.70
CA THR C 42 -18.04 -23.46 6.95
C THR C 42 -16.91 -24.41 7.30
N GLY C 43 -15.69 -24.02 6.98
CA GLY C 43 -14.56 -24.89 7.26
C GLY C 43 -14.27 -25.84 6.11
N LYS C 44 -14.99 -25.71 4.99
CA LYS C 44 -14.76 -26.64 3.88
C LYS C 44 -14.49 -25.85 2.63
N ILE C 45 -13.59 -26.35 1.82
CA ILE C 45 -13.23 -25.75 0.55
C ILE C 45 -14.17 -26.31 -0.49
N CYS C 46 -14.93 -25.44 -1.14
CA CYS C 46 -15.87 -25.85 -2.20
C CYS C 46 -15.15 -26.19 -3.51
N ASN C 47 -15.58 -27.31 -4.13
CA ASN C 47 -14.89 -27.77 -5.32
C ASN C 47 -15.39 -27.15 -6.62
N ASN C 48 -16.32 -26.20 -6.54
CA ASN C 48 -16.73 -25.43 -7.70
C ASN C 48 -16.74 -23.98 -7.28
N PRO C 49 -16.46 -23.06 -8.24
CA PRO C 49 -16.25 -23.29 -9.67
C PRO C 49 -14.78 -23.49 -10.05
N HIS C 50 -13.86 -23.38 -9.09
CA HIS C 50 -12.44 -23.56 -9.41
C HIS C 50 -12.08 -25.05 -9.39
N ARG C 51 -11.16 -25.45 -10.28
CA ARG C 51 -10.68 -26.81 -10.26
C ARG C 51 -9.68 -26.99 -9.12
N ILE C 52 -10.07 -27.78 -8.13
CA ILE C 52 -9.23 -28.00 -6.94
C ILE C 52 -8.53 -29.34 -7.07
N LEU C 53 -7.23 -29.40 -6.80
CA LEU C 53 -6.54 -30.68 -6.82
C LEU C 53 -6.00 -30.87 -5.42
N ASP C 54 -6.50 -31.86 -4.71
CA ASP C 54 -6.05 -32.17 -3.36
C ASP C 54 -4.77 -32.99 -3.45
N GLY C 55 -3.68 -32.49 -2.90
CA GLY C 55 -2.41 -33.18 -3.02
C GLY C 55 -2.34 -34.41 -2.16
N ILE C 56 -3.29 -34.53 -1.23
CA ILE C 56 -3.31 -35.62 -0.26
C ILE C 56 -1.93 -35.82 0.42
N ASP C 57 -1.26 -36.95 0.18
CA ASP C 57 0.05 -37.22 0.77
C ASP C 57 1.23 -36.57 0.05
N CYS C 58 0.95 -35.73 -0.93
CA CYS C 58 2.00 -35.21 -1.80
C CYS C 58 2.11 -33.69 -1.87
N THR C 59 3.33 -33.21 -1.81
CA THR C 59 3.63 -31.84 -2.20
C THR C 59 3.64 -31.71 -3.69
N LEU C 60 3.48 -30.49 -4.17
CA LEU C 60 3.54 -30.24 -5.60
C LEU C 60 4.91 -30.64 -6.16
N ILE C 61 6.00 -30.34 -5.45
CA ILE C 61 7.31 -30.71 -5.96
C ILE C 61 7.49 -32.24 -6.04
N ASP C 62 7.03 -32.98 -5.04
CA ASP C 62 7.08 -34.44 -5.17
C ASP C 62 6.23 -35.00 -6.30
N ALA C 63 5.08 -34.39 -6.58
CA ALA C 63 4.29 -34.80 -7.73
C ALA C 63 5.05 -34.48 -9.05
N LEU C 64 5.69 -33.31 -9.09
CA LEU C 64 6.47 -32.85 -10.26
C LEU C 64 7.58 -33.86 -10.58
N LEU C 65 8.38 -34.19 -9.57
CA LEU C 65 9.53 -35.05 -9.77
C LEU C 65 9.11 -36.48 -10.10
N GLY C 66 7.97 -36.90 -9.53
CA GLY C 66 7.44 -38.22 -9.77
C GLY C 66 7.89 -39.22 -8.72
N ASP C 67 7.94 -38.77 -7.46
CA ASP C 67 8.03 -39.67 -6.30
C ASP C 67 6.94 -40.74 -6.54
N PRO C 68 7.29 -42.04 -6.45
CA PRO C 68 6.29 -43.04 -6.85
C PRO C 68 4.91 -42.90 -6.18
N HIS C 69 4.82 -42.61 -4.87
CA HIS C 69 3.50 -42.55 -4.27
C HIS C 69 2.73 -41.31 -4.75
N CYS C 70 3.41 -40.41 -5.47
CA CYS C 70 2.77 -39.21 -6.03
C CYS C 70 2.50 -39.32 -7.52
N ASP C 71 2.86 -40.44 -8.15
CA ASP C 71 2.67 -40.57 -9.60
C ASP C 71 1.20 -40.61 -10.01
N VAL C 72 0.32 -40.80 -9.04
N VAL C 72 0.31 -40.76 -9.04
CA VAL C 72 -1.10 -40.63 -9.30
CA VAL C 72 -1.11 -40.65 -9.34
C VAL C 72 -1.40 -39.28 -9.91
C VAL C 72 -1.45 -39.25 -9.86
N PHE C 73 -0.55 -38.29 -9.66
CA PHE C 73 -0.78 -36.93 -10.13
C PHE C 73 -0.20 -36.63 -11.52
N GLN C 74 0.37 -37.63 -12.16
CA GLN C 74 1.01 -37.38 -13.44
C GLN C 74 -0.01 -36.72 -14.37
N ASN C 75 0.42 -35.66 -15.06
CA ASN C 75 -0.37 -34.92 -16.07
C ASN C 75 -1.59 -34.18 -15.56
N GLU C 76 -1.70 -34.04 -14.25
CA GLU C 76 -2.86 -33.40 -13.67
C GLU C 76 -2.83 -31.90 -13.90
N THR C 77 -3.98 -31.25 -13.70
CA THR C 77 -4.08 -29.82 -13.83
C THR C 77 -4.88 -29.28 -12.66
N TRP C 78 -4.81 -27.97 -12.43
CA TRP C 78 -5.55 -27.37 -11.34
C TRP C 78 -5.69 -25.87 -11.56
N ASP C 79 -6.76 -25.30 -10.99
CA ASP C 79 -6.79 -23.89 -10.66
C ASP C 79 -6.10 -23.69 -9.29
N LEU C 80 -6.40 -24.56 -8.33
CA LEU C 80 -5.78 -24.48 -7.00
C LEU C 80 -5.29 -25.84 -6.53
N PHE C 81 -3.98 -25.98 -6.38
CA PHE C 81 -3.37 -27.18 -5.79
C PHE C 81 -3.38 -26.98 -4.27
N VAL C 82 -3.90 -27.95 -3.52
CA VAL C 82 -4.01 -27.84 -2.06
C VAL C 82 -3.03 -28.82 -1.41
N GLU C 83 -2.04 -28.27 -0.71
CA GLU C 83 -1.02 -29.08 -0.04
C GLU C 83 -1.42 -29.27 1.38
N ARG C 84 -1.34 -30.52 1.81
CA ARG C 84 -1.73 -30.95 3.16
C ARG C 84 -0.54 -31.09 4.07
N SER C 85 -0.78 -30.90 5.37
CA SER C 85 0.30 -30.99 6.34
C SER C 85 0.82 -32.42 6.50
N LYS C 86 0.00 -33.39 6.12
CA LYS C 86 0.40 -34.80 6.23
C LYS C 86 1.30 -35.28 5.07
N ALA C 87 1.55 -34.43 4.10
CA ALA C 87 2.35 -34.85 2.96
C ALA C 87 3.72 -35.37 3.42
N PHE C 88 4.29 -36.33 2.68
CA PHE C 88 5.64 -36.80 2.96
C PHE C 88 6.33 -37.22 1.66
N SER C 89 7.65 -37.20 1.69
CA SER C 89 8.45 -37.68 0.56
C SER C 89 8.83 -39.12 0.81
N ASN C 90 8.98 -39.91 -0.25
CA ASN C 90 9.32 -41.31 -0.07
C ASN C 90 10.19 -41.83 -1.20
N CYS C 91 11.10 -40.98 -1.65
CA CYS C 91 12.03 -41.34 -2.71
C CYS C 91 13.49 -40.94 -2.33
N TYR C 92 14.34 -40.69 -3.31
CA TYR C 92 15.74 -40.35 -3.02
C TYR C 92 15.76 -38.99 -2.32
N PRO C 93 16.55 -38.85 -1.22
CA PRO C 93 16.58 -37.57 -0.50
C PRO C 93 17.15 -36.47 -1.38
N TYR C 94 16.49 -35.31 -1.40
CA TYR C 94 16.89 -34.30 -2.37
C TYR C 94 16.74 -32.94 -1.74
N ASP C 95 17.35 -31.93 -2.34
CA ASP C 95 16.91 -30.58 -2.06
C ASP C 95 16.85 -29.79 -3.35
N VAL C 96 16.23 -28.63 -3.26
CA VAL C 96 16.02 -27.80 -4.41
C VAL C 96 16.49 -26.43 -4.00
N PRO C 97 17.65 -26.02 -4.50
CA PRO C 97 17.98 -24.59 -4.31
C PRO C 97 16.84 -23.71 -4.86
N ASP C 98 16.46 -22.68 -4.12
CA ASP C 98 15.25 -21.91 -4.52
C ASP C 98 13.99 -22.74 -4.74
N TYR C 99 13.75 -23.65 -3.79
CA TYR C 99 12.55 -24.48 -3.77
C TYR C 99 11.30 -23.63 -3.91
N ALA C 100 11.27 -22.49 -3.23
CA ALA C 100 10.05 -21.70 -3.21
C ALA C 100 9.73 -21.19 -4.61
N SER C 101 10.74 -20.81 -5.36
CA SER C 101 10.53 -20.35 -6.72
C SER C 101 10.06 -21.46 -7.67
N LEU C 102 10.63 -22.65 -7.56
CA LEU C 102 10.18 -23.74 -8.42
C LEU C 102 8.73 -24.09 -8.09
N ARG C 103 8.38 -24.21 -6.82
CA ARG C 103 7.02 -24.48 -6.40
C ARG C 103 6.11 -23.43 -6.92
N SER C 104 6.52 -22.17 -6.84
CA SER C 104 5.67 -21.06 -7.30
C SER C 104 5.45 -21.09 -8.81
N LEU C 105 6.49 -21.36 -9.59
CA LEU C 105 6.34 -21.26 -11.03
C LEU C 105 5.52 -22.45 -11.53
N VAL C 106 5.67 -23.62 -10.92
CA VAL C 106 4.84 -24.76 -11.35
C VAL C 106 3.38 -24.55 -10.93
N ALA C 107 3.18 -24.01 -9.74
CA ALA C 107 1.83 -23.75 -9.25
C ALA C 107 1.09 -22.80 -10.17
N SER C 108 1.77 -21.74 -10.57
CA SER C 108 1.21 -20.70 -11.43
C SER C 108 0.95 -21.22 -12.83
N SER C 109 1.80 -22.12 -13.30
CA SER C 109 1.59 -22.77 -14.58
C SER C 109 0.33 -23.65 -14.57
N GLY C 110 0.04 -24.32 -13.45
CA GLY C 110 -1.26 -24.94 -13.28
C GLY C 110 -1.37 -26.32 -13.91
N THR C 111 -0.24 -26.88 -14.30
CA THR C 111 -0.24 -28.20 -14.92
C THR C 111 1.04 -28.99 -14.68
N LEU C 112 0.91 -30.31 -14.65
CA LEU C 112 2.07 -31.20 -14.67
C LEU C 112 2.14 -31.97 -16.00
N GLU C 113 1.47 -31.46 -17.02
CA GLU C 113 1.56 -32.08 -18.34
C GLU C 113 3.01 -32.30 -18.74
N PHE C 114 3.39 -33.54 -19.03
CA PHE C 114 4.78 -33.89 -19.29
C PHE C 114 4.85 -34.63 -20.63
N ILE C 115 5.83 -34.28 -21.44
CA ILE C 115 6.09 -34.91 -22.72
C ILE C 115 7.48 -35.54 -22.66
N THR C 116 7.53 -36.85 -22.86
N THR C 116 7.53 -36.85 -22.86
CA THR C 116 8.80 -37.56 -22.90
CA THR C 116 8.80 -37.54 -22.91
C THR C 116 9.52 -37.27 -24.23
C THR C 116 9.52 -37.22 -24.23
N GLU C 117 10.85 -37.08 -24.17
CA GLU C 117 11.63 -36.86 -25.37
C GLU C 117 12.71 -37.91 -25.49
N GLY C 118 13.13 -38.16 -26.72
CA GLY C 118 14.01 -39.26 -27.03
C GLY C 118 15.46 -38.87 -26.83
N PHE C 119 15.83 -38.51 -25.61
CA PHE C 119 17.23 -38.31 -25.28
C PHE C 119 18.04 -39.60 -25.53
N THR C 120 19.19 -39.46 -26.18
CA THR C 120 20.14 -40.55 -26.36
C THR C 120 21.29 -40.36 -25.38
N TRP C 121 21.59 -41.40 -24.60
CA TRP C 121 22.66 -41.31 -23.62
C TRP C 121 23.72 -42.36 -23.93
N THR C 122 24.63 -42.03 -24.83
CA THR C 122 25.58 -43.01 -25.34
C THR C 122 26.63 -43.34 -24.30
N GLY C 123 26.85 -44.62 -24.06
CA GLY C 123 27.96 -45.08 -23.23
C GLY C 123 27.70 -45.09 -21.74
N VAL C 124 26.44 -44.88 -21.33
CA VAL C 124 26.11 -45.00 -19.93
C VAL C 124 24.95 -45.95 -19.66
N THR C 125 24.80 -46.35 -18.41
CA THR C 125 23.68 -47.18 -17.98
C THR C 125 22.55 -46.26 -17.54
N GLN C 126 21.34 -46.52 -17.99
CA GLN C 126 20.19 -45.69 -17.67
C GLN C 126 19.34 -46.29 -16.57
N ASN C 127 18.42 -45.49 -16.06
CA ASN C 127 17.37 -45.96 -15.18
C ASN C 127 17.89 -46.50 -13.88
N GLY C 128 18.87 -45.86 -13.28
CA GLY C 128 19.33 -46.31 -11.99
C GLY C 128 18.20 -46.12 -10.96
N GLY C 129 18.28 -46.90 -9.89
CA GLY C 129 17.27 -46.79 -8.85
C GLY C 129 17.82 -47.14 -7.48
N SER C 130 16.94 -47.07 -6.49
CA SER C 130 17.35 -47.17 -5.11
C SER C 130 16.26 -47.78 -4.26
N ASN C 131 16.67 -48.43 -3.17
CA ASN C 131 15.70 -48.97 -2.23
C ASN C 131 15.13 -47.89 -1.35
N ALA C 132 15.70 -46.69 -1.43
CA ALA C 132 15.05 -45.53 -0.80
C ALA C 132 13.85 -45.02 -1.61
N CYS C 133 13.63 -45.56 -2.81
CA CYS C 133 12.57 -45.06 -3.65
C CYS C 133 11.87 -46.21 -4.36
N LYS C 134 11.22 -47.08 -3.61
CA LYS C 134 10.67 -48.33 -4.16
C LYS C 134 9.48 -48.02 -5.02
N ARG C 135 9.36 -48.77 -6.11
CA ARG C 135 8.23 -48.61 -6.99
C ARG C 135 7.69 -50.03 -7.18
N GLY C 136 6.56 -50.34 -6.57
CA GLY C 136 6.20 -51.75 -6.47
C GLY C 136 7.09 -52.40 -5.42
N PRO C 137 7.36 -53.70 -5.57
CA PRO C 137 8.25 -54.32 -4.58
C PRO C 137 9.74 -53.94 -4.79
N GLY C 138 10.12 -53.59 -6.02
CA GLY C 138 11.53 -53.40 -6.34
C GLY C 138 12.04 -51.97 -6.12
N SER C 139 13.37 -51.83 -6.09
CA SER C 139 14.00 -50.51 -6.11
C SER C 139 13.48 -49.68 -7.28
N GLY C 140 13.53 -48.36 -7.13
CA GLY C 140 13.02 -47.49 -8.17
C GLY C 140 13.57 -46.08 -8.04
N PHE C 141 12.88 -45.14 -8.66
CA PHE C 141 13.38 -43.78 -8.75
C PHE C 141 12.25 -42.88 -9.20
N PHE C 142 12.49 -41.57 -9.13
CA PHE C 142 11.55 -40.57 -9.66
C PHE C 142 11.10 -40.91 -11.09
N SER C 143 9.81 -40.81 -11.38
CA SER C 143 9.35 -41.20 -12.71
C SER C 143 9.88 -40.25 -13.79
N ARG C 144 10.16 -38.99 -13.43
CA ARG C 144 10.48 -38.00 -14.46
C ARG C 144 11.97 -37.77 -14.65
N LEU C 145 12.77 -38.48 -13.87
CA LEU C 145 14.24 -38.31 -13.89
C LEU C 145 14.90 -39.65 -14.27
N ASN C 146 16.12 -39.61 -14.77
CA ASN C 146 16.79 -40.78 -15.30
C ASN C 146 18.18 -40.83 -14.70
N TRP C 147 18.42 -41.70 -13.74
CA TRP C 147 19.72 -41.76 -13.08
C TRP C 147 20.73 -42.53 -13.95
N LEU C 148 21.69 -41.80 -14.51
CA LEU C 148 22.70 -42.41 -15.37
C LEU C 148 23.93 -42.78 -14.56
N THR C 149 24.47 -43.94 -14.90
CA THR C 149 25.72 -44.39 -14.33
C THR C 149 26.60 -45.02 -15.40
N LYS C 150 27.74 -45.55 -14.98
CA LYS C 150 28.72 -46.05 -15.91
C LYS C 150 28.23 -47.30 -16.60
N SER C 151 28.83 -47.58 -17.75
CA SER C 151 28.59 -48.78 -18.47
C SER C 151 29.95 -49.44 -18.67
N GLY C 152 30.07 -50.65 -18.14
CA GLY C 152 31.34 -51.36 -18.18
C GLY C 152 32.26 -50.66 -17.21
N SER C 153 33.35 -50.11 -17.72
CA SER C 153 34.31 -49.46 -16.86
C SER C 153 34.47 -47.98 -17.16
N THR C 154 33.59 -47.41 -17.98
CA THR C 154 33.72 -45.99 -18.32
C THR C 154 32.40 -45.23 -18.22
N TYR C 155 32.51 -43.92 -18.09
CA TYR C 155 31.40 -43.00 -18.19
C TYR C 155 31.95 -41.89 -19.07
N PRO C 156 31.50 -41.82 -20.31
CA PRO C 156 32.06 -40.86 -21.27
C PRO C 156 31.52 -39.47 -21.05
N VAL C 157 32.07 -38.48 -21.73
CA VAL C 157 31.46 -37.18 -21.67
C VAL C 157 30.14 -37.23 -22.46
N LEU C 158 29.05 -37.05 -21.76
CA LEU C 158 27.74 -36.90 -22.37
C LEU C 158 27.59 -35.49 -22.91
N ASN C 159 27.02 -35.40 -24.12
CA ASN C 159 26.86 -34.13 -24.81
C ASN C 159 25.66 -34.25 -25.74
N VAL C 160 24.51 -33.78 -25.29
CA VAL C 160 23.25 -34.03 -26.01
C VAL C 160 22.48 -32.75 -26.20
N THR C 161 21.73 -32.63 -27.29
N THR C 161 21.63 -32.76 -27.22
CA THR C 161 20.89 -31.43 -27.44
CA THR C 161 20.90 -31.58 -27.63
C THR C 161 19.48 -31.79 -27.85
C THR C 161 19.41 -31.92 -27.73
N MET C 162 18.54 -30.96 -27.42
CA MET C 162 17.11 -31.08 -27.67
C MET C 162 16.59 -29.70 -28.02
N PRO C 163 16.30 -29.47 -29.30
CA PRO C 163 15.76 -28.15 -29.68
C PRO C 163 14.32 -27.99 -29.31
N ASN C 164 13.90 -26.76 -29.05
CA ASN C 164 12.49 -26.47 -28.92
C ASN C 164 11.95 -25.96 -30.23
N ASN C 165 11.24 -26.84 -30.93
CA ASN C 165 10.64 -26.49 -32.20
C ASN C 165 9.14 -26.30 -32.07
N ASP C 166 8.67 -26.10 -30.85
CA ASP C 166 7.26 -25.90 -30.58
C ASP C 166 7.00 -24.40 -30.38
N ASN C 167 5.77 -24.03 -30.12
CA ASN C 167 5.44 -22.62 -29.92
C ASN C 167 5.12 -22.27 -28.47
N PHE C 168 5.58 -23.10 -27.54
CA PHE C 168 5.40 -22.83 -26.13
C PHE C 168 6.74 -23.11 -25.43
N ASP C 169 6.84 -22.63 -24.20
CA ASP C 169 8.05 -22.78 -23.40
C ASP C 169 8.09 -24.16 -22.75
N LYS C 170 9.28 -24.74 -22.68
CA LYS C 170 9.44 -26.05 -22.12
C LYS C 170 10.12 -25.90 -20.78
N LEU C 171 9.62 -26.56 -19.74
CA LEU C 171 10.33 -26.61 -18.46
C LEU C 171 11.02 -27.96 -18.29
N TYR C 172 12.34 -27.93 -18.12
CA TYR C 172 13.14 -29.12 -17.85
C TYR C 172 13.62 -29.19 -16.40
N ILE C 173 13.38 -30.33 -15.77
CA ILE C 173 13.77 -30.56 -14.38
C ILE C 173 14.86 -31.59 -14.43
N TRP C 174 15.98 -31.29 -13.78
CA TRP C 174 17.14 -32.16 -13.79
C TRP C 174 17.85 -32.06 -12.47
N GLY C 175 18.85 -32.91 -12.26
CA GLY C 175 19.49 -32.92 -10.96
C GLY C 175 20.94 -33.30 -11.00
N VAL C 176 21.54 -33.24 -9.83
CA VAL C 176 22.94 -33.56 -9.67
C VAL C 176 23.07 -34.43 -8.44
N HIS C 177 23.77 -35.54 -8.59
CA HIS C 177 23.92 -36.48 -7.50
C HIS C 177 25.19 -36.15 -6.69
N HIS C 178 25.01 -36.02 -5.39
CA HIS C 178 26.10 -35.84 -4.43
C HIS C 178 26.33 -37.12 -3.65
N PRO C 179 27.34 -37.90 -4.03
CA PRO C 179 27.66 -39.14 -3.31
C PRO C 179 28.20 -38.84 -1.92
N SER C 180 28.18 -39.81 -1.03
CA SER C 180 28.66 -39.57 0.32
C SER C 180 30.12 -39.95 0.48
N THR C 181 30.65 -40.75 -0.46
CA THR C 181 32.05 -41.18 -0.39
C THR C 181 32.69 -41.28 -1.75
N ASN C 182 34.01 -41.32 -1.74
CA ASN C 182 34.79 -41.46 -2.96
C ASN C 182 34.57 -42.82 -3.58
N GLN C 183 34.46 -43.87 -2.77
CA GLN C 183 34.14 -45.19 -3.29
C GLN C 183 32.85 -45.13 -4.12
N GLU C 184 31.83 -44.50 -3.56
CA GLU C 184 30.58 -44.34 -4.27
C GLU C 184 30.72 -43.48 -5.56
N GLN C 185 31.39 -42.35 -5.48
CA GLN C 185 31.61 -41.52 -6.67
C GLN C 185 32.26 -42.30 -7.85
N THR C 186 33.37 -42.97 -7.58
CA THR C 186 34.13 -43.60 -8.64
C THR C 186 33.40 -44.85 -9.08
N SER C 187 32.73 -45.49 -8.15
CA SER C 187 32.03 -46.72 -8.46
C SER C 187 30.85 -46.46 -9.39
N LEU C 188 30.21 -45.31 -9.25
CA LEU C 188 29.07 -44.95 -10.11
C LEU C 188 29.47 -44.27 -11.43
N TYR C 189 30.47 -43.39 -11.36
CA TYR C 189 30.74 -42.44 -12.45
C TYR C 189 32.16 -42.48 -12.98
N VAL C 190 32.99 -43.35 -12.40
CA VAL C 190 34.38 -43.55 -12.80
C VAL C 190 35.25 -42.32 -12.51
N GLN C 191 34.89 -41.17 -13.05
CA GLN C 191 35.64 -39.95 -12.77
C GLN C 191 35.63 -39.71 -11.26
N ALA C 192 36.74 -39.23 -10.72
CA ALA C 192 36.84 -39.02 -9.27
C ALA C 192 36.01 -37.80 -8.89
N SER C 193 35.76 -36.94 -9.88
CA SER C 193 34.95 -35.76 -9.69
C SER C 193 34.10 -35.50 -10.93
N GLY C 194 32.79 -35.30 -10.74
CA GLY C 194 31.88 -35.13 -11.87
C GLY C 194 31.55 -33.67 -12.15
N ARG C 195 30.59 -33.46 -13.04
N ARG C 195 30.57 -33.45 -13.02
CA ARG C 195 30.23 -32.12 -13.46
CA ARG C 195 30.29 -32.10 -13.51
C ARG C 195 29.00 -32.20 -14.32
C ARG C 195 29.09 -32.10 -14.45
N VAL C 196 28.12 -31.23 -14.17
CA VAL C 196 26.88 -31.17 -14.94
C VAL C 196 26.67 -29.77 -15.44
N THR C 197 26.57 -29.60 -16.76
CA THR C 197 26.36 -28.31 -17.35
C THR C 197 25.10 -28.34 -18.25
N VAL C 198 24.11 -27.49 -17.97
CA VAL C 198 22.88 -27.46 -18.74
C VAL C 198 22.70 -26.02 -19.18
N SER C 199 22.49 -25.85 -20.48
CA SER C 199 22.41 -24.50 -21.04
C SER C 199 21.49 -24.33 -22.23
N THR C 200 21.18 -23.07 -22.51
CA THR C 200 20.45 -22.67 -23.70
C THR C 200 21.33 -21.62 -24.39
N ARG C 201 20.86 -21.02 -25.47
N ARG C 201 20.84 -21.04 -25.47
CA ARG C 201 21.65 -19.96 -26.09
CA ARG C 201 21.55 -19.94 -26.13
C ARG C 201 21.79 -18.78 -25.15
C ARG C 201 21.77 -18.79 -25.17
N ARG C 202 20.86 -18.65 -24.20
CA ARG C 202 20.85 -17.44 -23.38
C ARG C 202 21.13 -17.65 -21.90
N SER C 203 21.26 -18.86 -21.46
CA SER C 203 21.52 -19.09 -20.05
C SER C 203 22.34 -20.36 -19.86
N GLN C 204 23.03 -20.48 -18.73
CA GLN C 204 23.85 -21.66 -18.47
C GLN C 204 23.95 -21.92 -16.97
N GLN C 205 24.10 -23.20 -16.60
CA GLN C 205 24.35 -23.62 -15.22
C GLN C 205 25.35 -24.76 -15.24
N THR C 206 26.42 -24.62 -14.48
CA THR C 206 27.34 -25.72 -14.26
C THR C 206 27.32 -25.95 -12.76
N ILE C 207 27.18 -27.21 -12.37
CA ILE C 207 27.10 -27.64 -10.99
C ILE C 207 28.15 -28.70 -10.79
N ILE C 208 28.95 -28.52 -9.76
CA ILE C 208 29.95 -29.49 -9.39
C ILE C 208 29.43 -30.25 -8.17
N PRO C 209 29.41 -31.58 -8.23
CA PRO C 209 28.89 -32.32 -7.08
C PRO C 209 29.83 -32.25 -5.86
N ASN C 210 29.28 -32.41 -4.67
CA ASN C 210 30.07 -32.33 -3.46
C ASN C 210 29.93 -33.64 -2.70
N ILE C 211 31.08 -34.28 -2.45
CA ILE C 211 31.09 -35.62 -1.89
C ILE C 211 31.22 -35.43 -0.40
N GLY C 212 30.35 -36.05 0.38
CA GLY C 212 30.42 -35.98 1.82
C GLY C 212 29.15 -36.56 2.45
N SER C 213 29.17 -36.83 3.75
CA SER C 213 27.96 -37.30 4.43
C SER C 213 27.02 -36.18 4.84
N ARG C 214 25.77 -36.29 4.40
CA ARG C 214 24.62 -35.64 5.00
C ARG C 214 23.90 -36.63 5.96
N PRO C 215 22.89 -36.13 6.71
CA PRO C 215 22.20 -37.02 7.65
C PRO C 215 21.48 -38.15 6.92
N TRP C 216 21.54 -39.34 7.49
CA TRP C 216 20.80 -40.49 7.00
C TRP C 216 19.33 -40.16 6.79
N VAL C 217 18.86 -40.30 5.56
CA VAL C 217 17.44 -40.24 5.24
C VAL C 217 17.10 -41.45 4.38
N ARG C 218 16.13 -42.24 4.83
CA ARG C 218 15.77 -43.48 4.12
C ARG C 218 16.98 -44.30 3.73
N GLY C 219 17.87 -44.46 4.70
CA GLY C 219 19.02 -45.31 4.49
C GLY C 219 20.18 -44.67 3.76
N LEU C 220 20.11 -43.36 3.45
CA LEU C 220 21.11 -42.75 2.56
C LEU C 220 21.69 -41.44 3.08
N SER C 221 23.01 -41.27 2.96
N SER C 221 23.01 -41.28 2.93
CA SER C 221 23.68 -40.06 3.35
CA SER C 221 23.72 -40.07 3.34
C SER C 221 23.97 -39.21 2.13
C SER C 221 24.04 -39.17 2.18
N SER C 222 23.65 -39.76 0.98
N SER C 222 23.83 -39.69 0.99
CA SER C 222 23.80 -39.09 -0.29
CA SER C 222 23.96 -38.92 -0.22
C SER C 222 22.53 -38.29 -0.66
C SER C 222 22.70 -38.06 -0.43
N ARG C 223 22.70 -37.32 -1.53
CA ARG C 223 21.60 -36.41 -1.86
C ARG C 223 21.56 -36.17 -3.35
N ILE C 224 20.39 -35.77 -3.85
CA ILE C 224 20.30 -35.19 -5.18
C ILE C 224 19.87 -33.70 -5.07
N SER C 225 20.54 -32.79 -5.78
CA SER C 225 20.10 -31.39 -5.91
C SER C 225 19.33 -31.19 -7.21
N ILE C 226 18.18 -30.56 -7.12
CA ILE C 226 17.28 -30.35 -8.25
C ILE C 226 17.39 -28.92 -8.81
N TYR C 227 17.51 -28.84 -10.12
CA TYR C 227 17.63 -27.61 -10.87
C TYR C 227 16.59 -27.61 -12.00
N TRP C 228 16.37 -26.45 -12.60
N TRP C 228 16.32 -26.43 -12.55
CA TRP C 228 15.42 -26.36 -13.68
CA TRP C 228 15.36 -26.31 -13.65
C TRP C 228 15.93 -25.41 -14.75
C TRP C 228 15.88 -25.37 -14.73
N THR C 229 15.44 -25.60 -15.96
CA THR C 229 15.85 -24.79 -17.09
C THR C 229 14.66 -24.59 -18.02
N ILE C 230 14.40 -23.35 -18.40
CA ILE C 230 13.32 -23.09 -19.30
C ILE C 230 13.90 -22.84 -20.68
N VAL C 231 13.35 -23.52 -21.67
CA VAL C 231 13.76 -23.36 -23.06
C VAL C 231 12.62 -22.75 -23.88
N LYS C 232 12.82 -21.54 -24.39
CA LYS C 232 11.80 -20.91 -25.22
C LYS C 232 11.77 -21.44 -26.67
N PRO C 233 10.66 -21.20 -27.38
CA PRO C 233 10.53 -21.63 -28.77
C PRO C 233 11.66 -21.09 -29.63
N GLY C 234 12.35 -21.97 -30.35
CA GLY C 234 13.45 -21.57 -31.20
C GLY C 234 14.80 -21.69 -30.53
N ASP C 235 14.81 -21.83 -29.21
CA ASP C 235 16.05 -22.06 -28.49
C ASP C 235 16.24 -23.56 -28.37
N VAL C 236 17.34 -23.94 -27.74
CA VAL C 236 17.86 -25.30 -27.75
C VAL C 236 18.41 -25.60 -26.36
N LEU C 237 18.28 -26.85 -25.90
CA LEU C 237 18.84 -27.31 -24.63
C LEU C 237 20.08 -28.13 -24.96
N VAL C 238 21.16 -27.93 -24.23
CA VAL C 238 22.30 -28.82 -24.35
C VAL C 238 22.67 -29.27 -22.95
N ILE C 239 22.95 -30.55 -22.81
CA ILE C 239 23.33 -31.09 -21.53
C ILE C 239 24.66 -31.75 -21.73
N ASN C 240 25.61 -31.43 -20.86
CA ASN C 240 26.97 -31.87 -21.02
C ASN C 240 27.44 -32.35 -19.65
N SER C 241 27.92 -33.57 -19.53
CA SER C 241 28.32 -34.04 -18.22
C SER C 241 29.29 -35.19 -18.28
N ASN C 242 30.28 -35.22 -17.39
CA ASN C 242 31.15 -36.38 -17.29
C ASN C 242 30.97 -37.10 -15.95
N GLY C 243 29.76 -37.04 -15.41
CA GLY C 243 29.44 -37.67 -14.15
C GLY C 243 28.38 -36.96 -13.31
N ASN C 244 27.59 -37.74 -12.57
CA ASN C 244 26.68 -37.23 -11.54
C ASN C 244 25.41 -36.57 -12.06
N LEU C 245 25.17 -36.68 -13.36
CA LEU C 245 23.97 -36.16 -13.97
C LEU C 245 22.72 -37.01 -13.63
N ILE C 246 21.70 -36.36 -13.10
CA ILE C 246 20.37 -36.95 -13.02
C ILE C 246 19.56 -36.31 -14.13
N ALA C 247 19.34 -37.06 -15.19
CA ALA C 247 18.93 -36.50 -16.48
C ALA C 247 17.42 -36.34 -16.53
N PRO C 248 16.93 -35.36 -17.31
CA PRO C 248 15.47 -35.26 -17.56
C PRO C 248 15.02 -36.36 -18.52
N ARG C 249 13.73 -36.72 -18.49
CA ARG C 249 13.17 -37.63 -19.49
C ARG C 249 12.35 -36.91 -20.52
N GLY C 250 12.15 -35.61 -20.35
CA GLY C 250 11.34 -34.80 -21.26
C GLY C 250 11.09 -33.46 -20.57
N TYR C 251 10.03 -32.76 -20.94
CA TYR C 251 9.76 -31.46 -20.41
C TYR C 251 8.34 -31.38 -19.90
N PHE C 252 8.07 -30.39 -19.04
CA PHE C 252 6.73 -30.01 -18.66
C PHE C 252 6.29 -28.82 -19.52
N LYS C 253 5.06 -28.88 -20.04
CA LYS C 253 4.52 -27.77 -20.80
C LYS C 253 4.18 -26.63 -19.86
N MET C 254 4.63 -25.42 -20.16
N MET C 254 4.65 -25.43 -20.18
CA MET C 254 4.37 -24.27 -19.29
CA MET C 254 4.37 -24.27 -19.37
C MET C 254 3.22 -23.44 -19.82
C MET C 254 3.08 -23.63 -19.87
N ARG C 255 2.27 -23.15 -18.94
CA ARG C 255 1.07 -22.42 -19.29
C ARG C 255 1.07 -21.16 -18.47
N THR C 256 0.22 -20.22 -18.83
CA THR C 256 -0.03 -19.08 -17.97
C THR C 256 -1.53 -19.02 -17.78
N GLY C 257 -1.98 -18.48 -16.65
CA GLY C 257 -3.38 -18.45 -16.34
C GLY C 257 -3.55 -18.12 -14.87
N LYS C 258 -4.63 -18.61 -14.30
CA LYS C 258 -5.03 -18.17 -12.97
C LYS C 258 -4.67 -19.20 -11.91
N SER C 259 -3.83 -20.19 -12.19
CA SER C 259 -3.63 -21.23 -11.20
C SER C 259 -2.71 -20.77 -10.06
N SER C 260 -2.87 -21.41 -8.90
CA SER C 260 -2.03 -21.16 -7.76
C SER C 260 -1.98 -22.39 -6.83
N ILE C 261 -1.46 -22.20 -5.62
CA ILE C 261 -1.27 -23.28 -4.65
C ILE C 261 -1.61 -22.72 -3.26
N MET C 262 -2.09 -23.57 -2.34
CA MET C 262 -2.44 -23.11 -1.01
C MET C 262 -2.17 -24.23 -0.03
N ARG C 263 -1.66 -23.90 1.15
CA ARG C 263 -1.50 -24.89 2.19
C ARG C 263 -2.75 -24.87 3.06
N SER C 264 -3.39 -26.02 3.18
CA SER C 264 -4.60 -26.10 3.95
C SER C 264 -4.86 -27.52 4.37
N ASP C 265 -5.43 -27.70 5.56
CA ASP C 265 -5.96 -29.00 5.95
C ASP C 265 -7.50 -29.06 5.93
N ALA C 266 -8.17 -28.07 5.34
CA ALA C 266 -9.65 -28.10 5.27
C ALA C 266 -10.13 -29.18 4.27
N PRO C 267 -11.22 -29.86 4.60
CA PRO C 267 -11.75 -30.85 3.66
C PRO C 267 -12.36 -30.17 2.47
N ILE C 268 -12.38 -30.89 1.36
CA ILE C 268 -13.01 -30.42 0.15
C ILE C 268 -14.44 -30.96 0.05
N ASP C 269 -15.38 -30.10 -0.27
CA ASP C 269 -16.78 -30.48 -0.31
C ASP C 269 -17.34 -30.13 -1.69
N THR C 270 -18.45 -30.76 -2.07
CA THR C 270 -19.11 -30.42 -3.33
C THR C 270 -20.12 -29.34 -3.04
N CYS C 271 -19.80 -28.12 -3.46
CA CYS C 271 -20.58 -26.96 -3.13
C CYS C 271 -19.98 -25.87 -3.99
N ILE C 272 -20.50 -24.66 -3.93
CA ILE C 272 -20.04 -23.64 -4.85
C ILE C 272 -19.60 -22.41 -4.08
N SER C 273 -18.39 -21.92 -4.35
CA SER C 273 -17.95 -20.68 -3.73
C SER C 273 -16.76 -20.10 -4.51
N GLU C 274 -16.85 -18.83 -4.83
CA GLU C 274 -15.79 -18.13 -5.55
C GLU C 274 -14.52 -17.93 -4.73
N CYS C 275 -14.67 -17.73 -3.41
CA CYS C 275 -13.55 -17.35 -2.55
C CYS C 275 -13.06 -18.54 -1.70
N ILE C 276 -11.75 -18.82 -1.73
CA ILE C 276 -11.16 -19.91 -0.98
C ILE C 276 -10.11 -19.35 -0.01
N THR C 277 -10.17 -19.80 1.25
CA THR C 277 -9.11 -19.53 2.20
C THR C 277 -8.61 -20.85 2.76
N PRO C 278 -7.47 -20.84 3.44
CA PRO C 278 -7.04 -22.09 4.08
C PRO C 278 -8.01 -22.63 5.14
N ASN C 279 -8.84 -21.76 5.72
CA ASN C 279 -9.83 -22.20 6.70
C ASN C 279 -11.06 -22.84 6.05
N GLY C 280 -11.16 -22.75 4.74
CA GLY C 280 -12.38 -23.06 4.02
C GLY C 280 -12.81 -21.91 3.12
N SER C 281 -13.83 -22.19 2.32
CA SER C 281 -14.44 -21.20 1.44
C SER C 281 -15.21 -20.22 2.30
N ILE C 282 -15.31 -18.99 1.82
CA ILE C 282 -16.12 -17.98 2.50
C ILE C 282 -16.96 -17.25 1.46
N PRO C 283 -18.15 -16.82 1.86
CA PRO C 283 -19.02 -15.99 1.02
C PRO C 283 -18.29 -14.73 0.63
N ASN C 284 -18.64 -14.13 -0.51
CA ASN C 284 -17.97 -12.90 -0.91
C ASN C 284 -18.97 -11.73 -1.13
N ASP C 285 -20.11 -11.82 -0.47
CA ASP C 285 -21.09 -10.74 -0.50
C ASP C 285 -20.60 -9.50 0.28
N LYS C 286 -19.73 -9.65 1.26
CA LYS C 286 -19.25 -8.49 2.00
C LYS C 286 -17.92 -8.00 1.42
N PRO C 287 -17.61 -6.72 1.59
CA PRO C 287 -16.38 -6.17 1.02
C PRO C 287 -15.12 -6.54 1.78
N PHE C 288 -15.24 -6.92 3.04
CA PHE C 288 -14.05 -7.22 3.85
C PHE C 288 -14.20 -8.54 4.53
N GLN C 289 -13.09 -9.08 5.04
CA GLN C 289 -13.13 -10.34 5.73
C GLN C 289 -11.98 -10.39 6.69
N ASN C 290 -12.18 -11.14 7.76
CA ASN C 290 -11.14 -11.30 8.77
C ASN C 290 -10.83 -12.77 9.02
N VAL C 291 -11.08 -13.62 8.02
CA VAL C 291 -10.89 -15.07 8.18
C VAL C 291 -9.41 -15.42 7.98
N ASN C 292 -8.83 -14.91 6.89
CA ASN C 292 -7.43 -15.20 6.59
C ASN C 292 -6.89 -14.26 5.51
N LYS C 293 -5.67 -13.78 5.71
CA LYS C 293 -5.00 -12.97 4.71
C LYS C 293 -4.65 -13.75 3.46
N ILE C 294 -4.57 -15.07 3.61
CA ILE C 294 -4.36 -15.94 2.46
C ILE C 294 -5.69 -16.27 1.80
N THR C 295 -5.86 -15.86 0.54
CA THR C 295 -7.09 -16.21 -0.20
C THR C 295 -6.80 -16.48 -1.69
N TYR C 296 -7.81 -17.06 -2.37
CA TYR C 296 -7.74 -17.34 -3.79
C TYR C 296 -9.15 -17.11 -4.36
N GLY C 297 -9.26 -16.33 -5.44
CA GLY C 297 -10.54 -16.16 -6.12
C GLY C 297 -11.10 -14.77 -5.88
N ALA C 298 -12.40 -14.63 -6.07
CA ALA C 298 -13.05 -13.32 -5.85
C ALA C 298 -13.43 -13.19 -4.38
N CYS C 299 -12.59 -12.49 -3.62
CA CYS C 299 -12.61 -12.51 -2.17
C CYS C 299 -12.75 -11.10 -1.63
N PRO C 300 -13.42 -10.98 -0.50
CA PRO C 300 -13.40 -9.71 0.25
C PRO C 300 -11.93 -9.40 0.66
N LYS C 301 -11.60 -8.13 0.87
CA LYS C 301 -10.25 -7.76 1.31
C LYS C 301 -10.07 -8.07 2.79
N TYR C 302 -8.92 -8.59 3.12
CA TYR C 302 -8.59 -8.88 4.50
C TYR C 302 -8.35 -7.60 5.30
N VAL C 303 -9.02 -7.51 6.44
CA VAL C 303 -8.79 -6.40 7.38
C VAL C 303 -8.62 -6.95 8.78
N LYS C 304 -8.12 -6.12 9.69
CA LYS C 304 -7.85 -6.56 11.04
C LYS C 304 -9.09 -6.59 11.90
N GLN C 305 -10.09 -5.76 11.56
CA GLN C 305 -11.30 -5.67 12.39
C GLN C 305 -12.13 -6.96 12.30
N ASN C 306 -12.73 -7.42 13.40
CA ASN C 306 -13.56 -8.63 13.28
C ASN C 306 -15.00 -8.28 13.00
N THR C 307 -15.34 -7.00 13.07
CA THR C 307 -16.69 -6.54 12.76
C THR C 307 -16.64 -5.06 12.37
N LEU C 308 -17.43 -4.69 11.37
CA LEU C 308 -17.64 -3.29 10.99
C LEU C 308 -19.07 -3.16 10.50
N LYS C 309 -19.86 -2.36 11.21
CA LYS C 309 -21.28 -2.28 10.93
C LYS C 309 -21.59 -1.04 10.13
N LEU C 310 -22.24 -1.24 8.99
CA LEU C 310 -22.72 -0.16 8.14
C LEU C 310 -24.18 0.12 8.49
N ALA C 311 -24.48 1.34 8.94
CA ALA C 311 -25.86 1.70 9.30
C ALA C 311 -26.75 1.60 8.09
N THR C 312 -27.93 1.03 8.26
CA THR C 312 -28.87 1.01 7.17
C THR C 312 -30.23 1.54 7.65
N GLY C 313 -30.21 2.38 8.69
CA GLY C 313 -31.42 2.97 9.21
C GLY C 313 -31.00 4.22 9.97
N MET C 314 -32.00 4.97 10.40
CA MET C 314 -31.79 6.20 11.10
C MET C 314 -31.38 5.96 12.55
N ARG C 315 -31.00 7.05 13.20
N ARG C 315 -31.03 7.06 13.21
CA ARG C 315 -30.81 7.04 14.63
CA ARG C 315 -30.87 7.09 14.65
C ARG C 315 -32.05 6.48 15.36
C ARG C 315 -32.07 6.47 15.36
N ASN C 316 -31.79 5.55 16.28
CA ASN C 316 -32.86 4.90 17.01
C ASN C 316 -33.11 5.62 18.33
N VAL C 317 -34.30 6.20 18.46
CA VAL C 317 -34.65 7.02 19.61
C VAL C 317 -35.97 6.51 20.21
N PRO C 318 -35.93 5.33 20.82
CA PRO C 318 -37.21 4.84 21.32
C PRO C 318 -37.69 5.60 22.56
N GLU C 319 -36.80 6.31 23.24
CA GLU C 319 -37.27 7.19 24.30
C GLU C 319 -36.87 8.62 24.00
N GLY D 1 -28.20 15.03 14.86
CA GLY D 1 -27.95 15.10 13.38
C GLY D 1 -27.83 16.56 12.98
N LEU D 2 -27.38 16.83 11.77
CA LEU D 2 -27.16 18.21 11.37
C LEU D 2 -28.43 19.04 11.33
N PHE D 3 -29.56 18.37 11.13
CA PHE D 3 -30.81 19.09 10.90
C PHE D 3 -31.62 19.28 12.18
N GLY D 4 -31.34 18.50 13.20
CA GLY D 4 -31.98 18.79 14.47
C GLY D 4 -33.40 18.29 14.60
N ALA D 5 -33.82 17.34 13.76
CA ALA D 5 -35.17 16.82 13.84
C ALA D 5 -35.19 15.52 14.65
N ILE D 6 -34.58 14.48 14.11
CA ILE D 6 -34.49 13.21 14.77
C ILE D 6 -33.54 13.35 15.96
N ALA D 7 -33.94 12.88 17.14
CA ALA D 7 -33.18 13.10 18.39
C ALA D 7 -33.00 14.62 18.56
N GLY D 8 -33.98 15.40 18.11
CA GLY D 8 -33.91 16.83 18.27
C GLY D 8 -35.28 17.37 18.60
N PHE D 9 -35.87 18.20 17.71
CA PHE D 9 -37.17 18.77 18.04
C PHE D 9 -38.28 17.72 18.01
N ILE D 10 -38.08 16.63 17.27
CA ILE D 10 -38.90 15.46 17.48
C ILE D 10 -38.34 14.72 18.69
N GLU D 11 -39.09 14.66 19.77
CA GLU D 11 -38.56 14.17 21.05
C GLU D 11 -38.13 12.71 20.97
N ASN D 12 -38.93 11.87 20.34
CA ASN D 12 -38.50 10.48 20.15
C ASN D 12 -39.18 9.83 18.99
N GLY D 13 -38.70 8.63 18.70
CA GLY D 13 -39.26 7.80 17.64
C GLY D 13 -40.53 7.06 18.05
N TRP D 14 -41.22 6.52 17.05
CA TRP D 14 -42.49 5.80 17.24
C TRP D 14 -42.34 4.31 16.94
N GLU D 15 -42.34 3.49 17.97
CA GLU D 15 -42.20 2.05 17.78
C GLU D 15 -43.46 1.47 17.14
N GLY D 16 -44.56 2.22 17.23
CA GLY D 16 -45.83 1.78 16.65
C GLY D 16 -46.01 2.17 15.19
N MET D 17 -45.03 2.81 14.58
N MET D 17 -45.00 2.84 14.63
CA MET D 17 -45.16 3.09 13.16
CA MET D 17 -44.94 3.12 13.21
C MET D 17 -44.37 2.09 12.34
C MET D 17 -44.27 1.91 12.59
N ILE D 18 -45.05 1.01 11.99
CA ILE D 18 -44.45 -0.20 11.46
C ILE D 18 -44.43 -0.21 9.92
N ASP D 19 -45.36 0.47 9.27
CA ASP D 19 -45.38 0.40 7.81
C ASP D 19 -44.73 1.57 7.07
N GLY D 20 -43.86 2.30 7.76
CA GLY D 20 -43.10 3.38 7.13
C GLY D 20 -41.99 3.87 8.06
N TRP D 21 -41.06 4.65 7.52
CA TRP D 21 -40.00 5.23 8.33
C TRP D 21 -40.40 6.58 8.89
N TYR D 22 -41.27 7.29 8.19
CA TYR D 22 -41.73 8.61 8.58
C TYR D 22 -43.23 8.65 8.38
N GLY D 23 -43.93 9.49 9.13
CA GLY D 23 -45.38 9.56 8.98
C GLY D 23 -46.04 10.57 9.89
N PHE D 24 -47.37 10.49 9.93
CA PHE D 24 -48.24 11.45 10.53
C PHE D 24 -49.06 10.74 11.58
N ARG D 25 -49.24 11.41 12.71
CA ARG D 25 -50.26 11.03 13.67
C ARG D 25 -51.14 12.26 13.91
N HIS D 26 -52.42 12.03 14.11
CA HIS D 26 -53.32 13.18 14.33
C HIS D 26 -54.31 12.88 15.42
N GLN D 27 -54.88 13.96 15.98
CA GLN D 27 -56.05 13.85 16.80
C GLN D 27 -56.99 14.97 16.38
N ASN D 28 -58.24 14.60 16.14
CA ASN D 28 -59.28 15.53 15.70
C ASN D 28 -60.58 15.06 16.36
N SER D 29 -61.71 15.62 15.98
CA SER D 29 -62.92 15.30 16.72
C SER D 29 -63.33 13.84 16.50
N GLU D 30 -62.84 13.23 15.44
CA GLU D 30 -63.20 11.86 15.11
C GLU D 30 -62.32 10.82 15.78
N GLY D 31 -61.28 11.27 16.50
CA GLY D 31 -60.42 10.31 17.19
C GLY D 31 -58.99 10.55 16.80
N THR D 32 -58.17 9.51 16.87
CA THR D 32 -56.77 9.67 16.51
C THR D 32 -56.47 8.70 15.38
N GLY D 33 -55.40 8.94 14.65
CA GLY D 33 -55.00 8.03 13.59
C GLY D 33 -53.50 8.15 13.34
N GLN D 34 -53.00 7.32 12.43
CA GLN D 34 -51.60 7.32 12.05
C GLN D 34 -51.51 6.78 10.62
N ALA D 35 -50.57 7.32 9.85
CA ALA D 35 -50.28 6.77 8.55
C ALA D 35 -48.85 7.07 8.18
N ALA D 36 -48.20 6.11 7.54
CA ALA D 36 -46.86 6.30 7.02
C ALA D 36 -46.89 7.26 5.85
N ASP D 37 -45.83 8.04 5.70
CA ASP D 37 -45.60 8.81 4.50
C ASP D 37 -44.69 8.00 3.59
N LEU D 38 -45.24 7.59 2.45
N LEU D 38 -45.22 7.63 2.42
CA LEU D 38 -44.52 6.75 1.50
CA LEU D 38 -44.53 6.74 1.50
C LEU D 38 -43.35 7.45 0.81
C LEU D 38 -43.38 7.41 0.74
N LYS D 39 -43.54 8.66 0.33
CA LYS D 39 -42.47 9.33 -0.44
C LYS D 39 -41.19 9.58 0.38
N SER D 40 -41.32 10.06 1.61
N SER D 40 -41.32 10.06 1.61
CA SER D 40 -40.15 10.30 2.45
CA SER D 40 -40.14 10.30 2.43
C SER D 40 -39.46 8.98 2.85
C SER D 40 -39.45 8.98 2.81
N THR D 41 -40.27 8.00 3.20
CA THR D 41 -39.79 6.68 3.54
C THR D 41 -38.97 6.09 2.38
N GLN D 42 -39.54 6.17 1.18
CA GLN D 42 -38.91 5.62 -0.01
C GLN D 42 -37.65 6.41 -0.38
N ALA D 43 -37.63 7.73 -0.13
CA ALA D 43 -36.43 8.52 -0.45
C ALA D 43 -35.25 8.07 0.45
N ALA D 44 -35.53 7.84 1.73
CA ALA D 44 -34.48 7.40 2.63
C ALA D 44 -34.02 5.98 2.25
N ILE D 45 -34.97 5.11 2.07
CA ILE D 45 -34.68 3.73 1.75
C ILE D 45 -33.87 3.66 0.43
N ASP D 46 -34.22 4.46 -0.57
CA ASP D 46 -33.54 4.39 -1.85
C ASP D 46 -32.10 4.88 -1.69
N GLN D 47 -31.90 5.93 -0.90
CA GLN D 47 -30.54 6.42 -0.70
C GLN D 47 -29.71 5.41 0.05
N ILE D 48 -30.30 4.75 1.02
CA ILE D 48 -29.55 3.80 1.82
C ILE D 48 -29.24 2.55 1.00
N ASN D 49 -30.17 2.13 0.14
CA ASN D 49 -29.93 0.99 -0.74
C ASN D 49 -28.85 1.36 -1.77
N GLY D 50 -28.85 2.61 -2.21
CA GLY D 50 -27.88 3.10 -3.19
C GLY D 50 -26.46 2.99 -2.62
N LYS D 51 -26.34 3.46 -1.38
N LYS D 51 -26.28 3.47 -1.39
CA LYS D 51 -25.11 3.48 -0.61
CA LYS D 51 -24.99 3.44 -0.73
C LYS D 51 -24.56 2.07 -0.39
C LYS D 51 -24.55 2.01 -0.48
N LEU D 52 -25.47 1.20 0.01
CA LEU D 52 -25.20 -0.18 0.32
C LEU D 52 -24.72 -0.90 -0.93
N ASN D 53 -25.36 -0.63 -2.06
CA ASN D 53 -25.03 -1.36 -3.28
C ASN D 53 -23.69 -0.88 -3.83
N ARG D 54 -23.35 0.38 -3.60
CA ARG D 54 -22.03 0.84 -4.01
C ARG D 54 -20.94 0.12 -3.20
N VAL D 55 -21.20 -0.06 -1.90
CA VAL D 55 -20.21 -0.63 -0.98
C VAL D 55 -20.02 -2.12 -1.18
N ILE D 56 -21.09 -2.90 -1.40
CA ILE D 56 -20.90 -4.34 -1.42
C ILE D 56 -20.70 -4.87 -2.83
N GLU D 57 -20.66 -3.95 -3.79
CA GLU D 57 -20.35 -4.25 -5.18
C GLU D 57 -18.97 -4.91 -5.34
N LYS D 58 -18.94 -5.94 -6.17
CA LYS D 58 -17.70 -6.44 -6.79
C LYS D 58 -16.48 -6.50 -5.90
N THR D 59 -16.35 -7.56 -5.11
CA THR D 59 -15.03 -7.88 -4.57
C THR D 59 -14.07 -8.04 -5.75
N ASN D 60 -12.79 -7.80 -5.48
CA ASN D 60 -11.72 -8.06 -6.39
C ASN D 60 -11.48 -9.58 -6.58
N GLU D 61 -10.83 -9.94 -7.66
CA GLU D 61 -10.51 -11.34 -7.91
C GLU D 61 -9.00 -11.45 -8.07
N LYS D 62 -8.35 -12.22 -7.20
CA LYS D 62 -6.90 -12.39 -7.23
C LYS D 62 -6.59 -13.89 -7.25
N PHE D 63 -5.48 -14.23 -7.87
CA PHE D 63 -5.18 -15.62 -8.10
C PHE D 63 -3.84 -15.94 -7.45
N HIS D 64 -2.77 -16.17 -8.21
CA HIS D 64 -1.46 -16.42 -7.57
C HIS D 64 -0.87 -15.10 -7.04
N GLN D 65 -0.46 -15.10 -5.78
CA GLN D 65 0.02 -13.92 -5.10
C GLN D 65 1.42 -14.17 -4.51
N ILE D 66 1.62 -13.77 -3.28
CA ILE D 66 2.84 -14.12 -2.58
C ILE D 66 2.47 -15.02 -1.42
N GLU D 67 3.48 -15.75 -0.91
CA GLU D 67 3.29 -16.50 0.34
C GLU D 67 3.18 -15.52 1.50
N LYS D 68 2.44 -15.93 2.52
CA LYS D 68 2.16 -15.08 3.64
C LYS D 68 2.43 -15.72 5.01
N GLU D 69 2.73 -17.00 5.01
CA GLU D 69 3.19 -17.73 6.22
C GLU D 69 4.44 -18.50 5.81
N PHE D 70 5.34 -18.72 6.76
CA PHE D 70 6.66 -19.28 6.48
C PHE D 70 7.06 -20.26 7.57
N SER D 71 7.63 -21.40 7.18
CA SER D 71 7.98 -22.40 8.18
C SER D 71 9.46 -22.32 8.58
N GLU D 72 10.25 -21.54 7.84
CA GLU D 72 11.67 -21.37 8.18
C GLU D 72 12.00 -19.89 8.25
N VAL D 73 12.99 -19.59 9.08
CA VAL D 73 13.60 -18.26 9.18
C VAL D 73 14.52 -18.05 7.95
N GLU D 74 14.41 -16.90 7.28
CA GLU D 74 15.16 -16.63 6.05
C GLU D 74 15.79 -15.24 5.96
N GLY D 75 15.35 -14.29 6.78
CA GLY D 75 15.95 -12.96 6.69
C GLY D 75 15.30 -12.04 5.64
N ARG D 76 16.15 -11.37 4.87
CA ARG D 76 15.80 -10.16 4.13
C ARG D 76 14.57 -10.28 3.20
N ILE D 77 14.50 -11.33 2.41
N ILE D 77 14.51 -11.33 2.40
CA ILE D 77 13.40 -11.44 1.48
CA ILE D 77 13.40 -11.48 1.47
C ILE D 77 12.08 -11.74 2.20
C ILE D 77 12.09 -11.73 2.20
N GLN D 78 12.12 -12.55 3.23
CA GLN D 78 10.93 -12.85 3.99
C GLN D 78 10.54 -11.62 4.78
N ASP D 79 11.52 -10.88 5.29
CA ASP D 79 11.16 -9.63 6.02
C ASP D 79 10.32 -8.74 5.07
N LEU D 80 10.78 -8.64 3.82
CA LEU D 80 10.10 -7.79 2.84
C LEU D 80 8.71 -8.34 2.46
N GLU D 81 8.60 -9.65 2.24
CA GLU D 81 7.30 -10.24 1.97
C GLU D 81 6.27 -9.93 3.10
N LYS D 82 6.69 -10.11 4.34
CA LYS D 82 5.83 -9.90 5.51
C LYS D 82 5.50 -8.42 5.65
N TYR D 83 6.47 -7.55 5.38
CA TYR D 83 6.26 -6.09 5.53
C TYR D 83 5.27 -5.57 4.46
N VAL D 84 5.35 -6.10 3.26
CA VAL D 84 4.50 -5.70 2.16
C VAL D 84 3.06 -6.11 2.54
N GLU D 85 2.89 -7.32 3.06
CA GLU D 85 1.54 -7.78 3.41
C GLU D 85 0.95 -7.03 4.62
N ASP D 86 1.79 -6.76 5.60
CA ASP D 86 1.37 -6.04 6.80
C ASP D 86 0.98 -4.60 6.45
N THR D 87 1.73 -4.01 5.53
CA THR D 87 1.49 -2.66 5.07
C THR D 87 0.11 -2.57 4.34
N LYS D 88 -0.11 -3.53 3.47
CA LYS D 88 -1.33 -3.67 2.70
C LYS D 88 -2.54 -3.82 3.62
N ILE D 89 -2.43 -4.71 4.58
CA ILE D 89 -3.51 -4.99 5.52
C ILE D 89 -3.83 -3.75 6.38
N ASP D 90 -2.80 -3.03 6.80
CA ASP D 90 -3.05 -1.82 7.61
C ASP D 90 -3.75 -0.73 6.77
N LEU D 91 -3.34 -0.57 5.51
CA LEU D 91 -3.99 0.43 4.65
C LEU D 91 -5.46 0.06 4.39
N TRP D 92 -5.76 -1.22 4.11
CA TRP D 92 -7.14 -1.62 3.84
C TRP D 92 -7.98 -1.51 5.10
N SER D 93 -7.37 -1.80 6.24
CA SER D 93 -8.06 -1.74 7.52
C SER D 93 -8.48 -0.28 7.81
N TYR D 94 -7.57 0.62 7.50
CA TYR D 94 -7.83 2.06 7.63
C TYR D 94 -8.98 2.45 6.68
N ASN D 95 -8.89 2.01 5.42
CA ASN D 95 -9.93 2.31 4.44
C ASN D 95 -11.30 1.83 4.94
N ALA D 96 -11.37 0.64 5.53
CA ALA D 96 -12.63 0.07 5.96
C ALA D 96 -13.19 0.86 7.16
N GLU D 97 -12.32 1.24 8.08
CA GLU D 97 -12.72 1.99 9.28
C GLU D 97 -13.23 3.36 8.85
N LEU D 98 -12.55 3.98 7.90
CA LEU D 98 -12.92 5.34 7.54
C LEU D 98 -14.22 5.30 6.75
N LEU D 99 -14.36 4.28 5.91
CA LEU D 99 -15.50 4.19 5.01
C LEU D 99 -16.77 4.10 5.87
N VAL D 100 -16.77 3.24 6.89
N VAL D 100 -16.69 3.25 6.88
CA VAL D 100 -18.01 3.10 7.65
CA VAL D 100 -17.84 2.99 7.71
C VAL D 100 -18.25 4.30 8.52
C VAL D 100 -18.20 4.24 8.51
N ALA D 101 -17.19 4.93 9.04
CA ALA D 101 -17.42 6.14 9.82
C ALA D 101 -18.12 7.22 8.97
N LEU D 102 -17.60 7.52 7.78
CA LEU D 102 -18.16 8.52 6.87
C LEU D 102 -19.56 8.17 6.40
N GLU D 103 -19.75 6.91 6.02
CA GLU D 103 -21.05 6.44 5.56
C GLU D 103 -22.09 6.59 6.68
N ASN D 104 -21.73 6.21 7.89
CA ASN D 104 -22.68 6.15 8.97
C ASN D 104 -23.03 7.57 9.41
N GLN D 105 -22.03 8.46 9.44
CA GLN D 105 -22.32 9.87 9.77
C GLN D 105 -23.36 10.38 8.76
N HIS D 106 -23.10 10.07 7.51
CA HIS D 106 -23.94 10.56 6.43
C HIS D 106 -25.34 9.92 6.42
N THR D 107 -25.45 8.64 6.78
CA THR D 107 -26.75 7.98 6.86
C THR D 107 -27.61 8.62 7.97
N ILE D 108 -27.00 8.95 9.10
CA ILE D 108 -27.71 9.58 10.19
C ILE D 108 -28.16 11.00 9.76
N ASP D 109 -27.30 11.71 9.06
CA ASP D 109 -27.69 13.05 8.55
C ASP D 109 -28.74 13.01 7.46
N LEU D 110 -28.72 12.02 6.57
CA LEU D 110 -29.66 12.06 5.48
C LEU D 110 -31.02 11.63 6.00
N THR D 111 -31.04 10.75 7.00
CA THR D 111 -32.33 10.36 7.59
C THR D 111 -32.95 11.49 8.41
N ASP D 112 -32.12 12.24 9.10
CA ASP D 112 -32.53 13.42 9.85
C ASP D 112 -33.09 14.45 8.85
N SER D 113 -32.38 14.59 7.75
CA SER D 113 -32.76 15.53 6.71
C SER D 113 -34.13 15.17 6.13
N GLU D 114 -34.39 13.90 5.85
CA GLU D 114 -35.68 13.53 5.30
C GLU D 114 -36.84 13.83 6.28
N MET D 115 -36.61 13.58 7.56
CA MET D 115 -37.62 13.98 8.59
C MET D 115 -37.88 15.48 8.51
N ASN D 116 -36.82 16.26 8.44
CA ASN D 116 -36.95 17.70 8.42
C ASN D 116 -37.68 18.14 7.15
N LYS D 117 -37.43 17.48 6.01
CA LYS D 117 -38.02 17.90 4.74
C LYS D 117 -39.53 17.65 4.76
N LEU D 118 -39.93 16.53 5.35
CA LEU D 118 -41.35 16.23 5.47
C LEU D 118 -42.05 17.22 6.39
N PHE D 119 -41.42 17.54 7.52
CA PHE D 119 -41.92 18.59 8.39
C PHE D 119 -42.14 19.94 7.66
N GLU D 120 -41.11 20.40 6.94
N GLU D 120 -41.14 20.40 6.93
CA GLU D 120 -41.15 21.67 6.19
CA GLU D 120 -41.23 21.69 6.25
C GLU D 120 -42.25 21.64 5.12
C GLU D 120 -42.24 21.67 5.09
N LYS D 121 -42.39 20.53 4.42
CA LYS D 121 -43.38 20.40 3.36
C LYS D 121 -44.81 20.49 3.91
N THR D 122 -45.01 19.85 5.06
CA THR D 122 -46.31 19.88 5.70
C THR D 122 -46.68 21.31 6.14
N GLY D 123 -45.75 21.97 6.78
CA GLY D 123 -45.92 23.37 7.17
C GLY D 123 -46.25 24.26 6.01
N ARG D 124 -45.57 24.04 4.88
CA ARG D 124 -45.85 24.86 3.70
C ARG D 124 -47.24 24.62 3.16
N GLN D 125 -47.73 23.38 3.21
CA GLN D 125 -49.11 23.13 2.78
C GLN D 125 -50.07 23.91 3.61
N LEU D 126 -49.84 23.89 4.93
CA LEU D 126 -50.82 24.46 5.86
C LEU D 126 -50.87 26.00 5.84
N ARG D 127 -49.87 26.65 5.27
CA ARG D 127 -49.90 28.11 5.15
C ARG D 127 -50.27 28.80 6.48
N GLU D 128 -51.30 29.66 6.48
CA GLU D 128 -51.70 30.42 7.68
C GLU D 128 -52.76 29.70 8.52
N ASN D 129 -52.99 28.42 8.28
CA ASN D 129 -54.05 27.70 8.97
C ASN D 129 -53.60 26.88 10.15
N ALA D 130 -52.29 26.88 10.38
CA ALA D 130 -51.72 26.08 11.44
C ALA D 130 -50.52 26.77 12.06
N GLU D 131 -50.14 26.34 13.28
CA GLU D 131 -48.90 26.80 13.88
C GLU D 131 -48.03 25.63 14.32
N ASP D 132 -46.74 25.82 14.10
CA ASP D 132 -45.67 24.89 14.54
C ASP D 132 -45.54 24.98 16.05
N MET D 133 -45.89 23.90 16.74
CA MET D 133 -45.85 23.86 18.20
C MET D 133 -44.46 23.62 18.75
N GLY D 134 -43.49 23.36 17.89
CA GLY D 134 -42.12 23.24 18.37
C GLY D 134 -41.62 21.82 18.63
N ASN D 135 -42.53 20.82 18.53
CA ASN D 135 -42.19 19.45 18.86
C ASN D 135 -42.52 18.54 17.69
N GLY D 136 -42.54 19.11 16.48
CA GLY D 136 -42.86 18.37 15.29
C GLY D 136 -44.36 18.27 15.06
N CYS D 137 -45.15 18.98 15.86
CA CYS D 137 -46.58 18.99 15.69
C CYS D 137 -47.08 20.34 15.23
N PHE D 138 -48.15 20.31 14.43
CA PHE D 138 -48.86 21.49 14.00
C PHE D 138 -50.20 21.54 14.69
N LYS D 139 -50.51 22.67 15.32
CA LYS D 139 -51.85 22.95 15.78
C LYS D 139 -52.65 23.48 14.59
N ILE D 140 -53.73 22.81 14.24
CA ILE D 140 -54.52 23.21 13.09
C ILE D 140 -55.76 23.95 13.59
N TYR D 141 -55.94 25.18 13.12
CA TYR D 141 -56.92 26.09 13.72
C TYR D 141 -58.27 26.08 13.01
N HIS D 142 -58.69 24.93 12.52
CA HIS D 142 -60.01 24.77 11.96
C HIS D 142 -60.46 23.32 12.14
N LYS D 143 -61.76 23.07 12.02
CA LYS D 143 -62.23 21.71 12.13
C LYS D 143 -61.60 20.93 11.00
N CYS D 144 -61.05 19.77 11.31
CA CYS D 144 -60.27 19.01 10.31
C CYS D 144 -60.58 17.55 10.54
N ASP D 145 -61.65 17.07 9.90
CA ASP D 145 -62.05 15.68 10.02
C ASP D 145 -61.08 14.76 9.28
N ASN D 146 -61.43 13.48 9.23
CA ASN D 146 -60.49 12.50 8.71
C ASN D 146 -60.17 12.73 7.25
N ALA D 147 -61.17 13.19 6.48
CA ALA D 147 -60.94 13.44 5.06
C ALA D 147 -60.00 14.62 4.90
N CYS D 148 -60.19 15.64 5.74
CA CYS D 148 -59.28 16.78 5.71
C CYS D 148 -57.82 16.41 6.05
N ILE D 149 -57.63 15.64 7.12
CA ILE D 149 -56.33 15.09 7.46
C ILE D 149 -55.75 14.33 6.28
N GLU D 150 -56.55 13.48 5.66
CA GLU D 150 -56.04 12.70 4.56
C GLU D 150 -55.62 13.62 3.40
N SER D 151 -56.34 14.76 3.24
CA SER D 151 -55.97 15.69 2.16
C SER D 151 -54.61 16.35 2.42
N ILE D 152 -54.26 16.54 3.69
CA ILE D 152 -52.90 16.97 4.02
C ILE D 152 -51.88 15.88 3.70
N ARG D 153 -52.14 14.67 4.19
CA ARG D 153 -51.21 13.56 3.94
C ARG D 153 -51.02 13.29 2.44
N ASN D 154 -52.05 13.51 1.64
CA ASN D 154 -51.92 13.15 0.22
C ASN D 154 -51.62 14.36 -0.70
N GLY D 155 -51.37 15.50 -0.09
CA GLY D 155 -50.92 16.68 -0.79
C GLY D 155 -51.95 17.47 -1.57
N THR D 156 -53.24 17.28 -1.27
CA THR D 156 -54.27 17.95 -2.01
C THR D 156 -54.99 19.03 -1.15
N TYR D 157 -54.59 19.20 0.09
CA TYR D 157 -55.22 20.16 0.97
C TYR D 157 -55.23 21.56 0.35
N ASP D 158 -56.39 22.20 0.34
CA ASP D 158 -56.52 23.55 -0.24
C ASP D 158 -56.67 24.55 0.90
N HIS D 159 -55.59 25.25 1.24
CA HIS D 159 -55.57 26.08 2.46
C HIS D 159 -56.63 27.20 2.41
N ASP D 160 -56.96 27.65 1.21
CA ASP D 160 -57.92 28.73 1.03
C ASP D 160 -59.32 28.36 1.51
N VAL D 161 -59.67 27.08 1.42
CA VAL D 161 -60.98 26.64 1.86
C VAL D 161 -61.15 26.98 3.34
N TYR D 162 -60.08 26.82 4.11
CA TYR D 162 -60.16 26.93 5.56
C TYR D 162 -59.63 28.21 6.17
N ARG D 163 -59.08 29.11 5.36
CA ARG D 163 -58.27 30.22 5.84
C ARG D 163 -59.07 31.19 6.69
N ASP D 164 -60.30 31.51 6.30
CA ASP D 164 -61.09 32.44 7.07
C ASP D 164 -61.35 31.90 8.49
N GLU D 165 -61.73 30.64 8.56
CA GLU D 165 -62.01 30.00 9.84
C GLU D 165 -60.75 30.02 10.71
N ALA D 166 -59.64 29.61 10.09
CA ALA D 166 -58.39 29.47 10.81
C ALA D 166 -57.88 30.81 11.35
N LEU D 167 -57.92 31.85 10.53
CA LEU D 167 -57.43 33.17 10.94
C LEU D 167 -58.28 33.71 12.07
N ASN D 168 -59.60 33.52 12.00
N ASN D 168 -59.59 33.53 11.99
CA ASN D 168 -60.46 33.94 13.11
CA ASN D 168 -60.43 33.96 13.10
C ASN D 168 -60.02 33.26 14.41
C ASN D 168 -60.04 33.25 14.41
N ASN D 169 -59.76 31.96 14.34
CA ASN D 169 -59.33 31.22 15.51
C ASN D 169 -57.92 31.56 16.03
N ARG D 170 -56.99 31.90 15.13
CA ARG D 170 -55.62 32.20 15.54
C ARG D 170 -55.46 33.59 16.13
N PHE D 171 -56.13 34.55 15.50
CA PHE D 171 -55.95 35.96 15.80
C PHE D 171 -57.28 36.60 16.22
N PRO E 3 -53.98 42.58 -6.28
CA PRO E 3 -53.04 43.69 -6.05
C PRO E 3 -51.80 43.23 -5.23
N GLY E 4 -50.93 42.52 -5.94
CA GLY E 4 -49.72 41.97 -5.35
C GLY E 4 -48.76 41.48 -6.41
N ALA E 5 -47.85 40.59 -6.02
CA ALA E 5 -46.83 40.12 -6.92
C ALA E 5 -46.42 38.71 -6.50
N THR E 6 -45.74 38.00 -7.40
CA THR E 6 -45.11 36.72 -7.04
C THR E 6 -43.62 36.84 -7.28
N LEU E 7 -42.80 36.26 -6.40
CA LEU E 7 -41.36 36.26 -6.62
C LEU E 7 -40.89 34.83 -6.37
N CYS E 8 -40.37 34.20 -7.42
CA CYS E 8 -39.94 32.80 -7.35
C CYS E 8 -38.42 32.71 -7.33
N LEU E 9 -37.90 31.79 -6.51
CA LEU E 9 -36.50 31.47 -6.51
C LEU E 9 -36.26 30.22 -7.38
N GLY E 10 -35.12 30.14 -8.03
CA GLY E 10 -34.81 29.00 -8.88
C GLY E 10 -33.35 28.94 -9.22
N HIS E 11 -33.01 27.94 -10.02
CA HIS E 11 -31.65 27.65 -10.39
C HIS E 11 -31.64 27.18 -11.83
N HIS E 12 -30.47 27.15 -12.46
CA HIS E 12 -30.43 26.85 -13.88
C HIS E 12 -30.47 25.33 -14.10
N ALA E 13 -30.62 24.97 -15.36
CA ALA E 13 -30.55 23.58 -15.84
C ALA E 13 -30.13 23.64 -17.29
N VAL E 14 -29.73 22.52 -17.85
CA VAL E 14 -29.40 22.40 -19.29
C VAL E 14 -30.10 21.16 -19.90
N PRO E 15 -30.32 21.15 -21.24
CA PRO E 15 -31.11 20.05 -21.82
C PRO E 15 -30.51 18.68 -21.54
N ASN E 16 -29.21 18.58 -21.56
CA ASN E 16 -28.59 17.34 -21.06
C ASN E 16 -27.25 17.60 -20.40
N GLY E 17 -27.08 17.07 -19.20
CA GLY E 17 -25.82 17.26 -18.48
C GLY E 17 -24.86 16.10 -18.64
N THR E 18 -24.24 15.72 -17.54
N THR E 18 -24.26 15.74 -17.53
CA THR E 18 -23.24 14.69 -17.51
CA THR E 18 -23.31 14.65 -17.55
C THR E 18 -23.49 13.82 -16.30
C THR E 18 -23.52 13.82 -16.30
N LEU E 19 -23.33 12.51 -16.46
CA LEU E 19 -23.53 11.57 -15.37
C LEU E 19 -22.26 11.43 -14.53
N VAL E 20 -22.43 11.46 -13.21
CA VAL E 20 -21.35 11.25 -12.26
C VAL E 20 -21.78 10.29 -11.15
N LYS E 21 -20.80 9.83 -10.37
CA LYS E 21 -21.05 8.94 -9.26
C LYS E 21 -20.97 9.68 -7.93
N THR E 22 -21.80 9.23 -6.98
CA THR E 22 -21.78 9.77 -5.65
C THR E 22 -21.71 8.59 -4.67
N ILE E 23 -21.86 8.91 -3.39
CA ILE E 23 -21.91 7.90 -2.32
C ILE E 23 -23.20 7.06 -2.46
N THR E 24 -24.29 7.72 -2.84
N THR E 24 -24.26 7.71 -2.89
CA THR E 24 -25.58 7.06 -2.91
CA THR E 24 -25.57 7.08 -2.96
C THR E 24 -26.06 6.67 -4.31
C THR E 24 -25.87 6.48 -4.34
N ASP E 25 -25.40 7.16 -5.37
CA ASP E 25 -25.84 6.91 -6.73
C ASP E 25 -24.69 6.53 -7.63
N ASP E 26 -24.87 5.45 -8.38
CA ASP E 26 -23.85 5.04 -9.31
C ASP E 26 -23.90 5.97 -10.53
N GLN E 27 -25.05 6.56 -10.83
CA GLN E 27 -25.13 7.54 -11.93
C GLN E 27 -26.16 8.59 -11.60
N ILE E 28 -25.77 9.85 -11.52
CA ILE E 28 -26.73 10.95 -11.32
C ILE E 28 -26.26 12.12 -12.18
N GLU E 29 -27.20 12.85 -12.77
CA GLU E 29 -26.88 13.85 -13.77
C GLU E 29 -26.63 15.24 -13.11
N VAL E 30 -25.50 15.87 -13.43
CA VAL E 30 -25.19 17.21 -12.96
C VAL E 30 -24.99 18.07 -14.21
N THR E 31 -24.90 19.39 -14.03
CA THR E 31 -24.86 20.29 -15.19
C THR E 31 -23.52 20.22 -15.89
N ASN E 32 -22.46 19.81 -15.19
CA ASN E 32 -21.12 19.85 -15.75
C ASN E 32 -20.18 18.98 -14.88
N ALA E 33 -19.11 18.48 -15.50
CA ALA E 33 -18.12 17.70 -14.79
C ALA E 33 -16.78 17.78 -15.54
N THR E 34 -15.71 17.35 -14.88
N THR E 34 -15.73 17.38 -14.84
CA THR E 34 -14.42 17.31 -15.49
CA THR E 34 -14.40 17.28 -15.41
C THR E 34 -13.74 15.97 -15.21
C THR E 34 -13.90 15.85 -15.31
N GLU E 35 -13.04 15.49 -16.24
CA GLU E 35 -12.40 14.19 -16.25
C GLU E 35 -11.14 14.19 -15.37
N LEU E 36 -11.02 13.23 -14.48
CA LEU E 36 -9.82 13.18 -13.63
C LEU E 36 -8.82 12.09 -14.03
N VAL E 37 -9.20 11.26 -14.99
CA VAL E 37 -8.27 10.22 -15.52
C VAL E 37 -7.74 10.56 -16.91
N GLN E 38 -6.43 10.67 -17.02
CA GLN E 38 -5.78 10.82 -18.32
C GLN E 38 -5.74 9.46 -19.00
N SER E 39 -6.39 9.34 -20.17
CA SER E 39 -6.49 8.02 -20.81
C SER E 39 -5.91 8.02 -22.23
N SER E 40 -5.31 9.11 -22.65
CA SER E 40 -4.76 9.16 -23.99
C SER E 40 -3.34 9.69 -23.99
N SER E 41 -2.62 9.32 -25.04
CA SER E 41 -1.29 9.82 -25.29
C SER E 41 -1.17 10.11 -26.78
N THR E 42 -0.33 11.08 -27.15
CA THR E 42 0.06 11.26 -28.57
C THR E 42 0.75 10.05 -29.16
N GLY E 43 1.38 9.24 -28.32
CA GLY E 43 2.10 8.12 -28.83
C GLY E 43 3.56 8.39 -29.10
N LYS E 44 4.02 9.57 -28.72
CA LYS E 44 5.41 9.91 -28.91
C LYS E 44 6.02 10.39 -27.61
N ILE E 45 7.30 10.11 -27.43
CA ILE E 45 8.04 10.55 -26.26
C ILE E 45 8.67 11.90 -26.55
N CYS E 46 8.34 12.92 -25.76
CA CYS E 46 8.87 14.24 -25.99
C CYS E 46 10.31 14.35 -25.51
N ASN E 47 11.14 15.03 -26.28
CA ASN E 47 12.57 15.04 -26.00
C ASN E 47 12.99 16.12 -25.00
N ASN E 48 12.02 16.85 -24.47
CA ASN E 48 12.27 17.79 -23.39
C ASN E 48 11.18 17.64 -22.34
N PRO E 49 11.45 18.00 -21.09
CA PRO E 49 12.68 18.63 -20.58
C PRO E 49 13.73 17.59 -20.14
N HIS E 50 13.39 16.31 -20.19
CA HIS E 50 14.32 15.27 -19.73
C HIS E 50 15.27 14.89 -20.86
N ARG E 51 16.49 14.52 -20.53
CA ARG E 51 17.43 14.11 -21.56
C ARG E 51 17.12 12.67 -21.93
N ILE E 52 16.61 12.47 -23.14
CA ILE E 52 16.26 11.12 -23.60
C ILE E 52 17.39 10.57 -24.44
N LEU E 53 17.86 9.37 -24.12
CA LEU E 53 18.83 8.66 -24.95
C LEU E 53 18.20 7.41 -25.55
N ASP E 54 18.05 7.41 -26.87
CA ASP E 54 17.48 6.28 -27.61
C ASP E 54 18.58 5.22 -27.79
N GLY E 55 18.37 4.03 -27.22
CA GLY E 55 19.37 2.97 -27.37
C GLY E 55 19.46 2.38 -28.78
N ILE E 56 18.48 2.68 -29.62
CA ILE E 56 18.41 2.11 -30.98
C ILE E 56 18.57 0.61 -31.00
N ASP E 57 19.67 0.09 -31.55
CA ASP E 57 19.88 -1.37 -31.64
C ASP E 57 20.59 -1.94 -30.40
N CYS E 58 20.75 -1.14 -29.36
CA CYS E 58 21.54 -1.54 -28.20
C CYS E 58 20.79 -1.52 -26.87
N THR E 59 20.99 -2.58 -26.09
CA THR E 59 20.62 -2.56 -24.70
C THR E 59 21.65 -1.76 -23.89
N LEU E 60 21.25 -1.31 -22.71
CA LEU E 60 22.13 -0.55 -21.87
C LEU E 60 23.33 -1.41 -21.50
N ILE E 61 23.13 -2.70 -21.21
CA ILE E 61 24.27 -3.56 -20.78
C ILE E 61 25.25 -3.71 -21.96
N ASP E 62 24.76 -3.82 -23.18
CA ASP E 62 25.67 -3.94 -24.35
C ASP E 62 26.42 -2.64 -24.62
N ALA E 63 25.78 -1.50 -24.40
CA ALA E 63 26.47 -0.20 -24.45
C ALA E 63 27.55 -0.06 -23.33
N LEU E 64 27.24 -0.55 -22.13
CA LEU E 64 28.16 -0.60 -20.99
C LEU E 64 29.41 -1.42 -21.31
N LEU E 65 29.19 -2.67 -21.71
CA LEU E 65 30.29 -3.58 -21.96
C LEU E 65 31.10 -3.15 -23.16
N GLY E 66 30.43 -2.54 -24.14
CA GLY E 66 31.08 -2.07 -25.35
C GLY E 66 31.07 -3.08 -26.48
N ASP E 67 29.94 -3.77 -26.69
CA ASP E 67 29.63 -4.48 -27.93
C ASP E 67 29.93 -3.50 -29.11
N PRO E 68 30.70 -3.93 -30.15
CA PRO E 68 31.18 -2.94 -31.14
C PRO E 68 30.08 -2.07 -31.80
N HIS E 69 28.94 -2.66 -32.13
CA HIS E 69 27.89 -1.88 -32.74
C HIS E 69 27.26 -0.89 -31.78
N CYS E 70 27.57 -0.99 -30.47
CA CYS E 70 27.16 0.00 -29.48
C CYS E 70 28.27 0.97 -29.12
N ASP E 71 29.37 0.99 -29.87
CA ASP E 71 30.49 1.88 -29.53
C ASP E 71 30.07 3.36 -29.52
N VAL E 72 29.07 3.69 -30.30
CA VAL E 72 28.61 5.08 -30.34
C VAL E 72 28.09 5.60 -28.99
N PHE E 73 27.72 4.69 -28.06
CA PHE E 73 27.23 5.11 -26.75
C PHE E 73 28.33 5.37 -25.72
N GLN E 74 29.60 5.23 -26.13
CA GLN E 74 30.67 5.44 -25.17
C GLN E 74 30.54 6.80 -24.48
N ASN E 75 30.64 6.81 -23.16
CA ASN E 75 30.54 8.03 -22.35
C ASN E 75 29.20 8.75 -22.41
N GLU E 76 28.15 8.09 -22.87
CA GLU E 76 26.87 8.78 -22.97
C GLU E 76 26.23 9.07 -21.59
N THR E 77 25.26 9.99 -21.58
CA THR E 77 24.54 10.29 -20.36
C THR E 77 23.06 10.35 -20.70
N TRP E 78 22.22 10.20 -19.68
CA TRP E 78 20.76 10.25 -19.91
C TRP E 78 20.06 10.61 -18.60
N ASP E 79 18.89 11.23 -18.74
CA ASP E 79 17.87 11.13 -17.71
C ASP E 79 17.05 9.83 -17.94
N LEU E 80 16.66 9.57 -19.19
CA LEU E 80 15.94 8.34 -19.49
C LEU E 80 16.54 7.63 -20.68
N PHE E 81 17.07 6.42 -20.44
CA PHE E 81 17.57 5.55 -21.52
C PHE E 81 16.38 4.72 -22.05
N VAL E 82 16.15 4.73 -23.36
CA VAL E 82 15.04 4.02 -23.93
C VAL E 82 15.56 2.82 -24.67
N GLU E 83 15.21 1.64 -24.18
CA GLU E 83 15.59 0.39 -24.82
C GLU E 83 14.51 -0.03 -25.76
N ARG E 84 14.93 -0.40 -26.96
CA ARG E 84 14.02 -0.77 -28.04
C ARG E 84 13.96 -2.28 -28.19
N SER E 85 12.81 -2.78 -28.65
CA SER E 85 12.64 -4.21 -28.85
C SER E 85 13.48 -4.76 -30.01
N LYS E 86 13.91 -3.91 -30.94
CA LYS E 86 14.79 -4.34 -32.02
C LYS E 86 16.26 -4.53 -31.60
N ALA E 87 16.59 -4.23 -30.33
CA ALA E 87 17.99 -4.30 -29.91
C ALA E 87 18.52 -5.72 -30.06
N PHE E 88 19.81 -5.85 -30.35
CA PHE E 88 20.37 -7.19 -30.42
C PHE E 88 21.82 -7.15 -29.95
N SER E 89 22.35 -8.27 -29.49
CA SER E 89 23.74 -8.40 -29.15
C SER E 89 24.52 -8.96 -30.35
N ASN E 90 25.77 -8.54 -30.50
CA ASN E 90 26.58 -9.05 -31.62
C ASN E 90 28.04 -9.17 -31.24
N CYS E 91 28.29 -9.72 -30.05
CA CYS E 91 29.63 -9.84 -29.51
C CYS E 91 29.77 -11.21 -28.87
N TYR E 92 30.74 -11.39 -27.97
CA TYR E 92 31.00 -12.70 -27.40
C TYR E 92 29.76 -13.10 -26.59
N PRO E 93 29.28 -14.31 -26.76
CA PRO E 93 28.06 -14.72 -26.03
C PRO E 93 28.30 -14.66 -24.51
N TYR E 94 27.39 -14.04 -23.78
CA TYR E 94 27.64 -13.79 -22.37
C TYR E 94 26.37 -13.90 -21.56
N ASP E 95 26.54 -14.05 -20.27
CA ASP E 95 25.42 -13.81 -19.37
C ASP E 95 25.88 -12.98 -18.17
N VAL E 96 24.91 -12.41 -17.46
CA VAL E 96 25.16 -11.62 -16.27
C VAL E 96 24.31 -12.20 -15.14
N PRO E 97 24.92 -12.92 -14.17
CA PRO E 97 24.15 -13.33 -13.00
C PRO E 97 23.57 -12.04 -12.38
N ASP E 98 22.30 -12.04 -12.10
CA ASP E 98 21.67 -10.75 -11.66
C ASP E 98 21.80 -9.59 -12.66
N TYR E 99 21.60 -9.92 -13.94
CA TYR E 99 21.49 -8.97 -14.99
C TYR E 99 20.59 -7.79 -14.61
N ALA E 100 19.41 -8.05 -14.04
CA ALA E 100 18.49 -6.97 -13.73
C ALA E 100 19.09 -5.93 -12.78
N SER E 101 19.90 -6.38 -11.82
CA SER E 101 20.51 -5.47 -10.86
C SER E 101 21.58 -4.59 -11.51
N LEU E 102 22.41 -5.18 -12.37
CA LEU E 102 23.40 -4.37 -13.08
C LEU E 102 22.73 -3.37 -14.01
N ARG E 103 21.72 -3.80 -14.74
CA ARG E 103 20.96 -2.86 -15.61
C ARG E 103 20.38 -1.74 -14.76
N SER E 104 19.79 -2.08 -13.62
CA SER E 104 19.17 -1.08 -12.77
C SER E 104 20.17 -0.06 -12.21
N LEU E 105 21.30 -0.52 -11.69
CA LEU E 105 22.20 0.40 -11.02
C LEU E 105 22.90 1.29 -12.06
N VAL E 106 23.18 0.74 -13.25
CA VAL E 106 23.74 1.59 -14.33
C VAL E 106 22.71 2.61 -14.81
N ALA E 107 21.47 2.18 -14.95
CA ALA E 107 20.43 3.07 -15.48
C ALA E 107 20.25 4.24 -14.50
N SER E 108 20.34 3.90 -13.22
CA SER E 108 20.12 4.87 -12.14
C SER E 108 21.29 5.85 -11.96
N SER E 109 22.49 5.36 -12.25
CA SER E 109 23.67 6.21 -12.26
C SER E 109 23.65 7.25 -13.40
N GLY E 110 23.07 6.89 -14.54
CA GLY E 110 22.74 7.83 -15.58
C GLY E 110 23.88 8.22 -16.52
N THR E 111 24.97 7.47 -16.45
CA THR E 111 26.10 7.74 -17.31
C THR E 111 26.93 6.49 -17.60
N LEU E 112 27.58 6.47 -18.77
CA LEU E 112 28.59 5.50 -19.06
C LEU E 112 30.02 6.11 -19.08
N GLU E 113 30.21 7.21 -18.36
N GLU E 113 30.23 7.20 -18.35
CA GLU E 113 31.51 7.87 -18.27
CA GLU E 113 31.54 7.85 -18.32
C GLU E 113 32.55 6.86 -17.80
C GLU E 113 32.54 6.84 -17.82
N PHE E 114 33.55 6.61 -18.64
CA PHE E 114 34.52 5.57 -18.39
C PHE E 114 35.95 6.10 -18.37
N ILE E 115 36.73 5.67 -17.39
CA ILE E 115 38.07 6.14 -17.24
C ILE E 115 38.97 4.94 -17.32
N THR E 116 39.86 4.94 -18.32
CA THR E 116 40.79 3.85 -18.46
C THR E 116 41.88 3.96 -17.38
N GLU E 117 42.26 2.82 -16.79
CA GLU E 117 43.31 2.81 -15.75
C GLU E 117 44.49 1.96 -16.21
N GLY E 118 45.68 2.33 -15.79
CA GLY E 118 46.89 1.62 -16.18
C GLY E 118 47.09 0.31 -15.44
N PHE E 119 46.17 -0.64 -15.59
CA PHE E 119 46.38 -1.98 -15.07
C PHE E 119 47.59 -2.59 -15.77
N THR E 120 48.45 -3.22 -14.98
CA THR E 120 49.57 -3.99 -15.54
C THR E 120 49.25 -5.46 -15.37
N TRP E 121 49.38 -6.23 -16.45
CA TRP E 121 49.10 -7.65 -16.43
C TRP E 121 50.35 -8.40 -16.84
N THR E 122 51.20 -8.68 -15.87
CA THR E 122 52.53 -9.19 -16.17
C THR E 122 52.44 -10.63 -16.62
N GLY E 123 53.03 -10.95 -17.76
CA GLY E 123 53.17 -12.33 -18.18
C GLY E 123 52.01 -12.93 -18.95
N VAL E 124 51.05 -12.11 -19.37
CA VAL E 124 49.97 -12.61 -20.20
C VAL E 124 49.81 -11.78 -21.47
N THR E 125 49.12 -12.37 -22.44
CA THR E 125 48.80 -11.65 -23.66
C THR E 125 47.47 -10.91 -23.47
N GLN E 126 47.43 -9.66 -23.89
CA GLN E 126 46.21 -8.86 -23.72
C GLN E 126 45.40 -8.74 -24.99
N ASN E 127 44.17 -8.21 -24.83
CA ASN E 127 43.31 -7.79 -25.90
C ASN E 127 42.86 -8.91 -26.84
N GLY E 128 42.57 -10.07 -26.28
CA GLY E 128 42.03 -11.16 -27.06
C GLY E 128 40.75 -10.77 -27.81
N GLY E 129 40.60 -11.33 -28.99
CA GLY E 129 39.42 -11.10 -29.81
C GLY E 129 38.80 -12.35 -30.35
N SER E 130 37.62 -12.19 -30.93
CA SER E 130 36.85 -13.29 -31.43
C SER E 130 36.13 -12.88 -32.69
N ASN E 131 36.00 -13.84 -33.60
CA ASN E 131 35.11 -13.71 -34.72
C ASN E 131 33.65 -13.66 -34.40
N ALA E 132 33.28 -13.93 -33.14
CA ALA E 132 31.92 -13.72 -32.72
C ALA E 132 31.65 -12.24 -32.44
N CYS E 133 32.72 -11.45 -32.43
CA CYS E 133 32.63 -10.06 -31.95
C CYS E 133 33.45 -9.15 -32.84
N LYS E 134 33.05 -9.07 -34.10
CA LYS E 134 33.84 -8.39 -35.10
C LYS E 134 33.76 -6.88 -34.95
N ARG E 135 34.85 -6.20 -35.20
N ARG E 135 34.93 -6.27 -35.09
CA ARG E 135 34.83 -4.75 -35.17
CA ARG E 135 35.06 -4.85 -35.33
C ARG E 135 35.50 -4.38 -36.49
C ARG E 135 35.47 -4.73 -36.74
N GLY E 136 34.66 -4.05 -37.51
CA GLY E 136 35.00 -4.04 -38.91
C GLY E 136 35.00 -5.50 -39.36
N PRO E 137 35.82 -5.82 -40.36
CA PRO E 137 35.84 -7.20 -40.82
C PRO E 137 36.68 -8.12 -39.92
N GLY E 138 37.41 -7.58 -38.96
CA GLY E 138 38.33 -8.38 -38.17
C GLY E 138 37.73 -8.82 -36.83
N SER E 139 38.39 -9.75 -36.17
CA SER E 139 37.94 -10.17 -34.84
C SER E 139 38.07 -9.04 -33.80
N GLY E 140 37.19 -9.05 -32.80
CA GLY E 140 37.20 -8.02 -31.79
C GLY E 140 36.66 -8.54 -30.47
N PHE E 141 36.35 -7.61 -29.57
CA PHE E 141 35.87 -7.99 -28.25
C PHE E 141 35.20 -6.74 -27.65
N PHE E 142 34.55 -6.89 -26.50
CA PHE E 142 33.95 -5.75 -25.82
C PHE E 142 34.99 -4.69 -25.60
N SER E 143 34.65 -3.45 -25.94
CA SER E 143 35.62 -2.39 -25.80
C SER E 143 36.11 -2.18 -24.36
N ARG E 144 35.26 -2.41 -23.36
CA ARG E 144 35.63 -2.10 -21.98
C ARG E 144 36.23 -3.27 -21.22
N LEU E 145 36.42 -4.40 -21.90
CA LEU E 145 36.91 -5.60 -21.26
C LEU E 145 38.17 -6.07 -21.98
N ASN E 146 39.03 -6.79 -21.26
CA ASN E 146 40.34 -7.15 -21.77
C ASN E 146 40.54 -8.66 -21.60
N TRP E 147 40.43 -9.40 -22.70
CA TRP E 147 40.57 -10.84 -22.66
C TRP E 147 42.04 -11.23 -22.61
N LEU E 148 42.43 -11.74 -21.43
CA LEU E 148 43.83 -12.08 -21.15
C LEU E 148 44.02 -13.55 -21.44
N THR E 149 45.13 -13.90 -22.10
CA THR E 149 45.47 -15.30 -22.36
C THR E 149 46.96 -15.55 -22.10
N LYS E 150 47.40 -16.79 -22.22
CA LYS E 150 48.79 -17.11 -21.91
C LYS E 150 49.75 -16.32 -22.79
N SER E 151 50.97 -16.11 -22.29
CA SER E 151 52.06 -15.62 -23.12
C SER E 151 53.21 -16.63 -23.10
N GLY E 152 53.67 -17.00 -24.29
CA GLY E 152 54.61 -18.10 -24.41
C GLY E 152 53.87 -19.35 -24.01
N SER E 153 54.39 -20.03 -22.99
CA SER E 153 53.80 -21.29 -22.57
C SER E 153 53.24 -21.19 -21.16
N THR E 154 53.13 -20.00 -20.61
CA THR E 154 52.67 -19.83 -19.25
C THR E 154 51.65 -18.73 -19.07
N TYR E 155 50.88 -18.86 -17.99
CA TYR E 155 49.94 -17.85 -17.52
C TYR E 155 50.19 -17.75 -16.01
N PRO E 156 50.91 -16.73 -15.56
CA PRO E 156 51.29 -16.69 -14.14
C PRO E 156 50.08 -16.25 -13.32
N VAL E 157 50.18 -16.31 -12.00
CA VAL E 157 49.09 -15.80 -11.18
C VAL E 157 49.13 -14.29 -11.34
N LEU E 158 48.01 -13.72 -11.71
CA LEU E 158 47.82 -12.31 -11.73
C LEU E 158 47.37 -11.84 -10.35
N ASN E 159 48.01 -10.79 -9.88
CA ASN E 159 47.73 -10.29 -8.55
C ASN E 159 47.99 -8.79 -8.59
N VAL E 160 46.93 -8.01 -8.69
CA VAL E 160 47.02 -6.57 -8.96
C VAL E 160 46.10 -5.77 -8.07
N THR E 161 46.43 -4.51 -7.82
CA THR E 161 45.53 -3.67 -7.05
C THR E 161 45.35 -2.31 -7.73
N MET E 162 44.24 -1.62 -7.45
CA MET E 162 43.99 -0.30 -8.02
C MET E 162 43.25 0.46 -6.93
N PRO E 163 43.91 1.43 -6.32
CA PRO E 163 43.26 2.13 -5.20
C PRO E 163 42.28 3.20 -5.70
N ASN E 164 41.26 3.47 -4.93
CA ASN E 164 40.38 4.59 -5.23
C ASN E 164 40.76 5.78 -4.37
N ASN E 165 41.52 6.69 -4.98
CA ASN E 165 41.94 7.89 -4.26
C ASN E 165 41.17 9.09 -4.76
N ASP E 166 40.04 8.83 -5.41
CA ASP E 166 39.14 9.88 -5.82
C ASP E 166 38.06 10.07 -4.73
N ASN E 167 37.12 10.97 -4.97
CA ASN E 167 36.10 11.26 -3.99
C ASN E 167 34.72 10.85 -4.48
N PHE E 168 34.67 9.92 -5.45
CA PHE E 168 33.41 9.33 -5.92
C PHE E 168 33.60 7.81 -5.99
N ASP E 169 32.50 7.08 -6.14
CA ASP E 169 32.53 5.63 -6.21
C ASP E 169 32.91 5.15 -7.61
N LYS E 170 33.72 4.10 -7.70
CA LYS E 170 34.08 3.52 -8.99
C LYS E 170 33.31 2.22 -9.25
N LEU E 171 32.69 2.09 -10.43
CA LEU E 171 32.12 0.82 -10.86
C LEU E 171 33.07 0.05 -11.81
N TYR E 172 33.47 -1.16 -11.41
CA TYR E 172 34.34 -2.05 -12.19
C TYR E 172 33.51 -3.19 -12.74
N ILE E 173 33.55 -3.35 -14.07
CA ILE E 173 32.94 -4.48 -14.76
C ILE E 173 34.04 -5.44 -15.23
N TRP E 174 33.86 -6.71 -14.94
CA TRP E 174 34.85 -7.72 -15.26
C TRP E 174 34.09 -9.00 -15.54
N GLY E 175 34.80 -10.05 -15.90
CA GLY E 175 34.14 -11.30 -16.23
C GLY E 175 35.02 -12.54 -16.08
N VAL E 176 34.41 -13.67 -16.34
CA VAL E 176 35.08 -14.95 -16.27
C VAL E 176 34.72 -15.70 -17.51
N HIS E 177 35.74 -16.27 -18.13
CA HIS E 177 35.55 -17.04 -19.35
C HIS E 177 35.30 -18.50 -19.02
N HIS E 178 34.24 -19.03 -19.62
CA HIS E 178 33.84 -20.43 -19.52
C HIS E 178 34.10 -21.14 -20.85
N PRO E 179 35.24 -21.84 -20.95
CA PRO E 179 35.56 -22.57 -22.18
C PRO E 179 34.64 -23.76 -22.44
N SER E 180 34.65 -24.26 -23.67
CA SER E 180 33.77 -25.38 -23.97
C SER E 180 34.44 -26.76 -23.77
N THR E 181 35.77 -26.81 -23.87
CA THR E 181 36.55 -28.03 -23.62
C THR E 181 37.77 -27.81 -22.73
N ASN E 182 38.27 -28.88 -22.13
CA ASN E 182 39.53 -28.83 -21.38
C ASN E 182 40.69 -28.42 -22.27
N GLN E 183 40.62 -28.79 -23.54
CA GLN E 183 41.69 -28.44 -24.46
C GLN E 183 41.74 -26.94 -24.67
N GLU E 184 40.57 -26.32 -24.66
CA GLU E 184 40.46 -24.89 -24.84
C GLU E 184 41.00 -24.22 -23.61
N GLN E 185 40.59 -24.73 -22.45
CA GLN E 185 41.03 -24.24 -21.16
C GLN E 185 42.55 -24.17 -21.11
N THR E 186 43.22 -25.28 -21.42
CA THR E 186 44.66 -25.33 -21.22
C THR E 186 45.39 -24.56 -22.31
N SER E 187 44.85 -24.60 -23.52
N SER E 187 44.84 -24.60 -23.52
CA SER E 187 45.42 -23.86 -24.64
CA SER E 187 45.38 -23.87 -24.66
C SER E 187 45.44 -22.35 -24.38
C SER E 187 45.40 -22.35 -24.43
N LEU E 188 44.39 -21.84 -23.72
CA LEU E 188 44.30 -20.42 -23.43
C LEU E 188 45.01 -20.00 -22.15
N TYR E 189 44.86 -20.80 -21.08
CA TYR E 189 45.25 -20.37 -19.72
C TYR E 189 46.26 -21.29 -19.05
N VAL E 190 46.66 -22.35 -19.73
CA VAL E 190 47.64 -23.33 -19.22
C VAL E 190 47.11 -24.10 -18.01
N GLN E 191 46.71 -23.42 -16.93
CA GLN E 191 46.16 -24.16 -15.78
C GLN E 191 44.89 -24.91 -16.19
N ALA E 192 44.72 -26.12 -15.65
CA ALA E 192 43.56 -26.94 -15.99
C ALA E 192 42.27 -26.40 -15.36
N SER E 193 42.37 -25.66 -14.26
CA SER E 193 41.20 -24.95 -13.75
C SER E 193 41.58 -23.57 -13.22
N GLY E 194 40.89 -22.56 -13.73
CA GLY E 194 41.20 -21.20 -13.38
C GLY E 194 40.38 -20.78 -12.18
N ARG E 195 40.47 -19.50 -11.84
CA ARG E 195 39.69 -18.93 -10.78
C ARG E 195 39.90 -17.44 -10.86
N VAL E 196 38.90 -16.68 -10.42
CA VAL E 196 38.96 -15.24 -10.42
C VAL E 196 38.42 -14.79 -9.05
N THR E 197 39.23 -14.06 -8.31
CA THR E 197 38.77 -13.45 -7.06
C THR E 197 38.97 -11.94 -7.15
N VAL E 198 37.88 -11.19 -7.03
CA VAL E 198 37.94 -9.73 -7.02
C VAL E 198 37.41 -9.22 -5.69
N SER E 199 38.18 -8.35 -5.03
CA SER E 199 37.84 -7.95 -3.68
C SER E 199 38.05 -6.45 -3.40
N THR E 200 37.38 -5.99 -2.35
CA THR E 200 37.66 -4.70 -1.75
C THR E 200 37.96 -5.07 -0.30
N ARG E 201 38.10 -4.09 0.59
N ARG E 201 38.10 -4.07 0.57
CA ARG E 201 38.55 -4.40 1.94
CA ARG E 201 38.54 -4.32 1.94
C ARG E 201 37.54 -5.24 2.70
C ARG E 201 37.56 -5.18 2.70
N ARG E 202 36.27 -4.97 2.44
CA ARG E 202 35.22 -5.66 3.19
C ARG E 202 34.32 -6.55 2.34
N SER E 203 34.66 -6.76 1.08
CA SER E 203 33.84 -7.60 0.21
C SER E 203 34.70 -8.40 -0.76
N GLN E 204 34.16 -9.51 -1.24
CA GLN E 204 34.86 -10.31 -2.23
C GLN E 204 33.86 -11.11 -3.07
N GLN E 205 34.26 -11.40 -4.30
CA GLN E 205 33.55 -12.34 -5.14
C GLN E 205 34.58 -13.32 -5.67
N THR E 206 34.27 -14.60 -5.58
CA THR E 206 35.14 -15.63 -6.11
C THR E 206 34.40 -16.58 -7.04
N ILE E 207 34.90 -16.69 -8.25
CA ILE E 207 34.23 -17.40 -9.30
C ILE E 207 35.18 -18.46 -9.85
N ILE E 208 34.63 -19.63 -10.12
CA ILE E 208 35.40 -20.72 -10.71
C ILE E 208 34.74 -20.93 -12.06
N PRO E 209 35.54 -21.01 -13.14
CA PRO E 209 34.91 -21.16 -14.44
C PRO E 209 34.24 -22.53 -14.61
N ASN E 210 33.31 -22.58 -15.54
CA ASN E 210 32.55 -23.77 -15.85
C ASN E 210 33.00 -24.28 -17.24
N ILE E 211 33.41 -25.53 -17.37
CA ILE E 211 33.87 -26.05 -18.66
C ILE E 211 32.81 -26.96 -19.28
N GLY E 212 32.45 -26.74 -20.53
CA GLY E 212 31.47 -27.59 -21.16
C GLY E 212 30.85 -27.00 -22.40
N SER E 213 30.27 -27.89 -23.21
CA SER E 213 29.65 -27.46 -24.45
C SER E 213 28.28 -26.91 -24.20
N ARG E 214 27.98 -25.89 -24.98
CA ARG E 214 26.74 -25.17 -24.89
C ARG E 214 26.34 -24.88 -26.33
N PRO E 215 25.11 -24.41 -26.53
CA PRO E 215 24.69 -24.22 -27.93
C PRO E 215 25.46 -23.09 -28.61
N TRP E 216 25.79 -23.35 -29.86
CA TRP E 216 26.55 -22.35 -30.63
C TRP E 216 25.79 -21.04 -30.72
N VAL E 217 26.51 -19.97 -30.44
CA VAL E 217 26.04 -18.60 -30.67
C VAL E 217 27.19 -17.94 -31.42
N ARG E 218 26.89 -17.42 -32.60
CA ARG E 218 27.92 -16.81 -33.45
C ARG E 218 29.18 -17.64 -33.47
N GLY E 219 29.01 -18.94 -33.68
CA GLY E 219 30.14 -19.81 -33.89
C GLY E 219 30.71 -20.43 -32.64
N LEU E 220 30.23 -20.05 -31.46
CA LEU E 220 30.92 -20.38 -30.21
C LEU E 220 30.05 -21.15 -29.24
N SER E 221 30.66 -22.15 -28.63
CA SER E 221 30.07 -22.94 -27.57
C SER E 221 30.50 -22.42 -26.19
N SER E 222 31.46 -21.51 -26.18
CA SER E 222 32.00 -20.93 -24.95
C SER E 222 31.16 -19.71 -24.55
N ARG E 223 31.36 -19.23 -23.31
CA ARG E 223 30.58 -18.10 -22.76
C ARG E 223 31.44 -17.25 -21.89
N ILE E 224 31.00 -16.01 -21.64
CA ILE E 224 31.56 -15.22 -20.58
C ILE E 224 30.45 -14.83 -19.59
N SER E 225 30.75 -14.88 -18.30
CA SER E 225 29.87 -14.34 -17.28
C SER E 225 30.42 -13.04 -16.76
N ILE E 226 29.54 -12.06 -16.61
CA ILE E 226 29.88 -10.71 -16.22
C ILE E 226 29.56 -10.49 -14.74
N TYR E 227 30.52 -9.90 -14.02
CA TYR E 227 30.36 -9.47 -12.63
C TYR E 227 30.75 -8.00 -12.47
N TRP E 228 30.46 -7.43 -11.30
N TRP E 228 30.34 -7.39 -11.36
CA TRP E 228 30.73 -6.02 -11.09
CA TRP E 228 30.68 -6.00 -11.05
C TRP E 228 31.05 -5.77 -9.63
C TRP E 228 31.17 -5.85 -9.62
N THR E 229 31.88 -4.76 -9.37
CA THR E 229 32.39 -4.47 -8.04
C THR E 229 32.43 -2.98 -7.93
N ILE E 230 31.84 -2.45 -6.86
CA ILE E 230 31.92 -1.01 -6.59
C ILE E 230 33.01 -0.72 -5.57
N VAL E 231 33.85 0.28 -5.85
CA VAL E 231 34.92 0.62 -4.92
C VAL E 231 34.74 2.06 -4.44
N LYS E 232 34.53 2.24 -3.14
CA LYS E 232 34.34 3.57 -2.57
C LYS E 232 35.61 4.33 -2.33
N PRO E 233 35.49 5.67 -2.17
CA PRO E 233 36.69 6.44 -1.89
C PRO E 233 37.45 5.86 -0.72
N GLY E 234 38.76 5.73 -0.87
CA GLY E 234 39.60 5.26 0.21
C GLY E 234 39.67 3.76 0.30
N ASP E 235 38.84 3.07 -0.49
CA ASP E 235 38.92 1.63 -0.57
C ASP E 235 39.82 1.27 -1.75
N VAL E 236 40.00 -0.02 -1.97
N VAL E 236 40.02 -0.02 -1.99
CA VAL E 236 40.95 -0.52 -2.97
CA VAL E 236 40.87 -0.44 -3.05
C VAL E 236 40.48 -1.80 -3.62
C VAL E 236 40.23 -1.64 -3.72
N LEU E 237 40.68 -1.91 -4.94
CA LEU E 237 40.34 -3.12 -5.68
C LEU E 237 41.58 -4.02 -5.74
N VAL E 238 41.39 -5.32 -5.51
CA VAL E 238 42.43 -6.31 -5.76
C VAL E 238 41.83 -7.42 -6.62
N ILE E 239 42.59 -7.86 -7.61
CA ILE E 239 42.16 -8.90 -8.53
C ILE E 239 43.21 -9.97 -8.51
N ASN E 240 42.80 -11.20 -8.30
CA ASN E 240 43.76 -12.28 -8.20
C ASN E 240 43.19 -13.41 -9.05
N SER E 241 43.97 -13.95 -9.98
CA SER E 241 43.46 -14.98 -10.86
C SER E 241 44.57 -15.82 -11.44
N ASN E 242 44.34 -17.12 -11.59
CA ASN E 242 45.32 -17.94 -12.26
C ASN E 242 44.78 -18.44 -13.58
N GLY E 243 43.84 -17.70 -14.16
CA GLY E 243 43.20 -18.15 -15.39
C GLY E 243 41.75 -17.71 -15.55
N ASN E 244 41.37 -17.49 -16.81
CA ASN E 244 39.96 -17.28 -17.21
C ASN E 244 39.42 -15.88 -16.86
N LEU E 245 40.30 -14.99 -16.44
CA LEU E 245 39.89 -13.61 -16.14
C LEU E 245 39.59 -12.82 -17.40
N ILE E 246 38.39 -12.24 -17.47
CA ILE E 246 38.14 -11.18 -18.45
C ILE E 246 38.30 -9.88 -17.65
N ALA E 247 39.40 -9.19 -17.90
CA ALA E 247 39.85 -8.11 -17.03
C ALA E 247 39.16 -6.81 -17.29
N PRO E 248 39.02 -5.99 -16.25
CA PRO E 248 38.51 -4.64 -16.46
C PRO E 248 39.57 -3.76 -17.13
N ARG E 249 39.18 -2.67 -17.78
CA ARG E 249 40.14 -1.74 -18.38
C ARG E 249 40.21 -0.44 -17.60
N GLY E 250 39.28 -0.31 -16.64
CA GLY E 250 39.12 0.94 -15.92
C GLY E 250 37.78 0.90 -15.21
N TYR E 251 37.26 2.08 -14.89
CA TYR E 251 36.02 2.16 -14.13
C TYR E 251 35.01 3.10 -14.75
N PHE E 252 33.74 2.87 -14.42
CA PHE E 252 32.66 3.79 -14.75
C PHE E 252 32.47 4.68 -13.52
N LYS E 253 32.37 5.97 -13.75
CA LYS E 253 32.06 6.89 -12.67
C LYS E 253 30.59 6.78 -12.28
N MET E 254 30.33 6.55 -11.00
N MET E 254 30.35 6.53 -10.99
CA MET E 254 28.95 6.44 -10.52
CA MET E 254 28.99 6.46 -10.46
C MET E 254 28.40 7.76 -10.00
C MET E 254 28.44 7.85 -10.10
N ARG E 255 27.16 8.04 -10.38
CA ARG E 255 26.46 9.24 -9.96
C ARG E 255 25.15 8.83 -9.30
N THR E 256 24.56 9.77 -8.54
CA THR E 256 23.22 9.58 -8.03
C THR E 256 22.40 10.69 -8.63
N GLY E 257 21.12 10.46 -8.86
CA GLY E 257 20.28 11.50 -9.41
C GLY E 257 18.98 10.88 -9.88
N LYS E 258 18.38 11.48 -10.90
CA LYS E 258 17.05 11.14 -11.36
C LYS E 258 17.01 10.17 -12.56
N SER E 259 18.14 9.59 -12.93
CA SER E 259 18.17 8.79 -14.16
C SER E 259 17.46 7.44 -14.03
N SER E 260 16.94 6.96 -15.15
CA SER E 260 16.29 5.67 -15.20
C SER E 260 16.31 5.10 -16.63
N ILE E 261 15.59 4.00 -16.84
CA ILE E 261 15.57 3.27 -18.10
C ILE E 261 14.12 2.84 -18.33
N MET E 262 13.70 2.77 -19.59
CA MET E 262 12.35 2.34 -19.92
C MET E 262 12.42 1.55 -21.21
N ARG E 263 11.63 0.48 -21.30
CA ARG E 263 11.45 -0.25 -22.55
C ARG E 263 10.27 0.35 -23.30
N SER E 264 10.50 0.78 -24.53
CA SER E 264 9.47 1.42 -25.32
C SER E 264 9.85 1.41 -26.77
N ASP E 265 8.86 1.24 -27.65
CA ASP E 265 9.10 1.44 -29.08
C ASP E 265 8.50 2.72 -29.59
N ALA E 266 8.15 3.65 -28.70
CA ALA E 266 7.51 4.87 -29.17
C ALA E 266 8.58 5.79 -29.81
N PRO E 267 8.22 6.48 -30.89
CA PRO E 267 9.21 7.38 -31.44
C PRO E 267 9.39 8.63 -30.56
N ILE E 268 10.58 9.22 -30.64
N ILE E 268 10.59 9.20 -30.62
CA ILE E 268 10.92 10.44 -29.92
CA ILE E 268 10.94 10.42 -29.92
C ILE E 268 10.69 11.66 -30.80
C ILE E 268 10.56 11.61 -30.83
N ASP E 269 10.01 12.66 -30.24
CA ASP E 269 9.55 13.83 -30.98
C ASP E 269 10.08 15.07 -30.28
N THR E 270 10.13 16.16 -31.02
CA THR E 270 10.55 17.43 -30.49
C THR E 270 9.33 18.13 -29.90
N CYS E 271 9.22 18.13 -28.58
CA CYS E 271 8.09 18.71 -27.91
C CYS E 271 8.42 18.64 -26.40
N ILE E 272 7.54 19.14 -25.55
CA ILE E 272 7.88 19.21 -24.12
C ILE E 272 6.83 18.46 -23.29
N SER E 273 7.25 17.56 -22.41
CA SER E 273 6.29 16.96 -21.47
C SER E 273 7.01 16.37 -20.27
N GLU E 274 6.53 16.66 -19.07
CA GLU E 274 7.15 16.16 -17.84
C GLU E 274 6.99 14.67 -17.67
N CYS E 275 5.86 14.13 -18.11
CA CYS E 275 5.52 12.73 -17.86
C CYS E 275 5.68 11.85 -19.09
N ILE E 276 6.45 10.77 -18.92
CA ILE E 276 6.73 9.82 -19.98
C ILE E 276 6.18 8.43 -19.62
N THR E 277 5.48 7.80 -20.57
CA THR E 277 5.14 6.38 -20.40
C THR E 277 5.69 5.63 -21.59
N PRO E 278 5.63 4.28 -21.56
CA PRO E 278 6.14 3.56 -22.75
C PRO E 278 5.26 3.79 -23.98
N ASN E 279 4.04 4.23 -23.74
CA ASN E 279 3.09 4.53 -24.79
C ASN E 279 3.39 5.87 -25.43
N GLY E 280 4.27 6.65 -24.79
CA GLY E 280 4.43 8.04 -25.15
C GLY E 280 4.22 8.97 -23.98
N SER E 281 4.56 10.23 -24.20
CA SER E 281 4.35 11.23 -23.17
C SER E 281 2.87 11.43 -22.93
N ILE E 282 2.51 11.86 -21.72
CA ILE E 282 1.12 12.23 -21.43
C ILE E 282 1.09 13.52 -20.64
N PRO E 283 0.01 14.31 -20.78
CA PRO E 283 -0.17 15.49 -19.93
C PRO E 283 -0.29 15.10 -18.48
N ASN E 284 0.00 16.04 -17.59
CA ASN E 284 -0.08 15.72 -16.17
C ASN E 284 -0.95 16.70 -15.39
N ASP E 285 -1.87 17.34 -16.08
CA ASP E 285 -2.83 18.20 -15.42
C ASP E 285 -3.84 17.38 -14.59
N LYS E 286 -4.14 16.13 -14.96
CA LYS E 286 -5.08 15.31 -14.17
C LYS E 286 -4.38 14.53 -13.07
N PRO E 287 -5.10 14.24 -11.97
CA PRO E 287 -4.41 13.58 -10.87
C PRO E 287 -4.18 12.10 -11.17
N PHE E 288 -5.00 11.50 -12.03
CA PHE E 288 -4.90 10.06 -12.31
C PHE E 288 -4.69 9.77 -13.80
N GLN E 289 -4.22 8.56 -14.09
CA GLN E 289 -4.07 8.16 -15.47
C GLN E 289 -4.25 6.65 -15.60
N ASN E 290 -4.70 6.22 -16.77
CA ASN E 290 -4.93 4.83 -17.07
C ASN E 290 -4.15 4.38 -18.29
N VAL E 291 -3.15 5.17 -18.66
CA VAL E 291 -2.36 4.87 -19.84
C VAL E 291 -1.37 3.73 -19.59
N ASN E 292 -0.58 3.82 -18.53
CA ASN E 292 0.43 2.76 -18.24
C ASN E 292 0.92 2.86 -16.80
N LYS E 293 0.99 1.73 -16.13
CA LYS E 293 1.53 1.71 -14.77
C LYS E 293 3.04 2.07 -14.74
N ILE E 294 3.73 1.93 -15.86
CA ILE E 294 5.12 2.33 -16.00
C ILE E 294 5.16 3.80 -16.43
N THR E 295 5.78 4.63 -15.59
CA THR E 295 5.95 6.04 -15.92
C THR E 295 7.29 6.54 -15.40
N TYR E 296 7.69 7.71 -15.90
CA TYR E 296 8.86 8.43 -15.49
C TYR E 296 8.53 9.93 -15.48
N GLY E 297 8.86 10.61 -14.37
CA GLY E 297 8.71 12.05 -14.25
C GLY E 297 7.53 12.46 -13.39
N ALA E 298 7.05 13.69 -13.58
CA ALA E 298 5.90 14.22 -12.82
C ALA E 298 4.61 13.71 -13.44
N CYS E 299 4.07 12.63 -12.91
CA CYS E 299 3.02 11.89 -13.59
C CYS E 299 1.79 11.75 -12.72
N PRO E 300 0.61 11.73 -13.35
CA PRO E 300 -0.55 11.30 -12.58
C PRO E 300 -0.38 9.87 -12.11
N LYS E 301 -1.14 9.52 -11.07
CA LYS E 301 -1.08 8.17 -10.48
C LYS E 301 -1.88 7.20 -11.32
N TYR E 302 -1.32 6.02 -11.55
CA TYR E 302 -2.02 5.01 -12.30
C TYR E 302 -3.19 4.43 -11.52
N VAL E 303 -4.36 4.38 -12.17
CA VAL E 303 -5.53 3.73 -11.65
C VAL E 303 -6.14 2.81 -12.72
N LYS E 304 -7.00 1.89 -12.29
CA LYS E 304 -7.62 0.96 -13.21
C LYS E 304 -8.77 1.58 -13.98
N GLN E 305 -9.38 2.63 -13.46
CA GLN E 305 -10.59 3.19 -14.08
C GLN E 305 -10.17 3.93 -15.36
N ASN E 306 -10.99 3.85 -16.42
CA ASN E 306 -10.66 4.63 -17.61
C ASN E 306 -11.30 6.02 -17.62
N THR E 307 -12.19 6.27 -16.68
CA THR E 307 -12.80 7.59 -16.54
C THR E 307 -13.28 7.76 -15.11
N LEU E 308 -13.09 8.96 -14.58
CA LEU E 308 -13.68 9.32 -13.31
C LEU E 308 -14.07 10.81 -13.40
N LYS E 309 -15.38 11.10 -13.27
CA LYS E 309 -15.86 12.45 -13.48
C LYS E 309 -16.10 13.17 -12.13
N LEU E 310 -15.51 14.34 -11.98
CA LEU E 310 -15.71 15.21 -10.83
C LEU E 310 -16.75 16.25 -11.16
N ALA E 311 -17.87 16.22 -10.45
CA ALA E 311 -18.95 17.16 -10.69
C ALA E 311 -18.43 18.58 -10.49
N THR E 312 -18.79 19.49 -11.39
CA THR E 312 -18.43 20.90 -11.24
C THR E 312 -19.67 21.77 -11.45
N GLY E 313 -20.84 21.20 -11.17
CA GLY E 313 -22.07 21.97 -11.16
C GLY E 313 -23.09 21.20 -10.36
N MET E 314 -24.27 21.81 -10.23
CA MET E 314 -25.37 21.26 -9.47
C MET E 314 -26.09 20.11 -10.18
N ARG E 315 -26.99 19.47 -9.47
N ARG E 315 -27.00 19.46 -9.48
CA ARG E 315 -27.87 18.48 -10.07
CA ARG E 315 -27.90 18.51 -10.08
C ARG E 315 -28.61 19.11 -11.25
C ARG E 315 -28.61 19.14 -11.27
N ASN E 316 -28.68 18.41 -12.36
CA ASN E 316 -29.36 18.93 -13.55
C ASN E 316 -30.77 18.40 -13.56
N VAL E 317 -31.73 19.29 -13.35
CA VAL E 317 -33.13 18.92 -13.18
C VAL E 317 -34.03 19.71 -14.13
N PRO E 318 -33.93 19.48 -15.44
CA PRO E 318 -34.75 20.26 -16.35
C PRO E 318 -36.22 19.90 -16.24
N GLU E 319 -36.52 18.71 -15.76
CA GLU E 319 -37.94 18.33 -15.64
C GLU E 319 -38.24 17.83 -14.26
N LYS E 320 -39.49 17.92 -13.87
CA LYS E 320 -39.97 17.39 -12.61
C LYS E 320 -39.80 15.86 -12.56
N GLY F 1 -31.19 16.17 -2.57
CA GLY F 1 -30.03 16.60 -1.73
C GLY F 1 -30.49 16.83 -0.29
N LEU F 2 -29.54 17.08 0.59
CA LEU F 2 -29.82 17.21 2.03
C LEU F 2 -30.79 18.33 2.40
N PHE F 3 -30.83 19.37 1.59
CA PHE F 3 -31.58 20.57 1.95
C PHE F 3 -32.96 20.62 1.33
N GLY F 4 -33.22 19.74 0.39
CA GLY F 4 -34.58 19.61 -0.07
C GLY F 4 -35.03 20.70 -1.01
N ALA F 5 -34.09 21.50 -1.55
CA ALA F 5 -34.50 22.60 -2.45
C ALA F 5 -34.41 22.20 -3.91
N ILE F 6 -33.18 21.96 -4.38
CA ILE F 6 -32.96 21.48 -5.73
C ILE F 6 -33.47 20.05 -5.84
N ALA F 7 -34.28 19.79 -6.87
CA ALA F 7 -35.02 18.54 -7.02
C ALA F 7 -35.90 18.29 -5.79
N GLY F 8 -36.43 19.38 -5.21
CA GLY F 8 -37.20 19.30 -3.97
C GLY F 8 -38.39 20.23 -4.00
N PHE F 9 -38.43 21.21 -3.09
CA PHE F 9 -39.55 22.12 -3.14
C PHE F 9 -39.48 23.04 -4.36
N ILE F 10 -38.29 23.24 -4.92
N ILE F 10 -38.27 23.26 -4.89
CA ILE F 10 -38.17 23.88 -6.23
CA ILE F 10 -38.10 23.83 -6.22
C ILE F 10 -38.24 22.72 -7.23
C ILE F 10 -38.29 22.63 -7.14
N GLU F 11 -39.35 22.65 -7.94
CA GLU F 11 -39.73 21.47 -8.73
C GLU F 11 -38.75 21.13 -9.85
N ASN F 12 -38.14 22.15 -10.45
CA ASN F 12 -37.17 21.91 -11.48
C ASN F 12 -36.33 23.15 -11.70
N GLY F 13 -35.21 22.97 -12.40
CA GLY F 13 -34.35 24.05 -12.82
C GLY F 13 -34.91 24.74 -14.06
N TRP F 14 -34.29 25.87 -14.39
CA TRP F 14 -34.74 26.74 -15.45
C TRP F 14 -33.70 26.72 -16.54
N GLU F 15 -33.99 26.07 -17.66
CA GLU F 15 -33.11 26.14 -18.81
C GLU F 15 -32.96 27.57 -19.36
N GLY F 16 -33.95 28.44 -19.09
CA GLY F 16 -33.89 29.81 -19.56
C GLY F 16 -33.03 30.73 -18.70
N MET F 17 -32.44 30.23 -17.61
N MET F 17 -32.49 30.21 -17.61
CA MET F 17 -31.54 31.05 -16.82
CA MET F 17 -31.56 30.97 -16.81
C MET F 17 -30.10 30.82 -17.24
C MET F 17 -30.19 30.68 -17.41
N ILE F 18 -29.70 31.62 -18.21
CA ILE F 18 -28.46 31.36 -18.91
C ILE F 18 -27.33 32.29 -18.46
N ASP F 19 -27.61 33.24 -17.57
CA ASP F 19 -26.55 34.14 -17.11
C ASP F 19 -26.25 34.01 -15.59
N GLY F 20 -26.58 32.88 -15.01
CA GLY F 20 -26.37 32.71 -13.59
C GLY F 20 -26.76 31.29 -13.23
N TRP F 21 -26.39 30.88 -12.02
CA TRP F 21 -26.75 29.57 -11.54
C TRP F 21 -28.03 29.59 -10.70
N TYR F 22 -28.23 30.69 -9.99
CA TYR F 22 -29.40 30.84 -9.12
C TYR F 22 -29.97 32.21 -9.41
N GLY F 23 -31.28 32.37 -9.23
CA GLY F 23 -31.89 33.67 -9.43
C GLY F 23 -33.38 33.75 -9.16
N PHE F 24 -34.00 34.79 -9.72
CA PHE F 24 -35.33 35.22 -9.37
C PHE F 24 -36.16 35.34 -10.63
N ARG F 25 -37.40 34.91 -10.58
CA ARG F 25 -38.38 35.29 -11.58
C ARG F 25 -39.53 35.97 -10.86
N HIS F 26 -40.17 36.95 -11.49
CA HIS F 26 -41.23 37.61 -10.81
C HIS F 26 -42.36 37.86 -11.76
N GLN F 27 -43.50 38.10 -11.13
CA GLN F 27 -44.66 38.66 -11.79
C GLN F 27 -45.22 39.81 -10.96
N ASN F 28 -45.40 40.97 -11.59
CA ASN F 28 -46.00 42.08 -10.89
C ASN F 28 -46.87 42.87 -11.86
N SER F 29 -47.23 44.09 -11.49
CA SER F 29 -48.11 44.90 -12.31
C SER F 29 -47.45 45.42 -13.59
N GLU F 30 -46.13 45.41 -13.68
CA GLU F 30 -45.43 45.84 -14.89
C GLU F 30 -44.99 44.67 -15.80
N GLY F 31 -45.38 43.44 -15.44
CA GLY F 31 -45.13 42.25 -16.26
C GLY F 31 -44.35 41.15 -15.52
N THR F 32 -43.48 40.45 -16.25
CA THR F 32 -42.69 39.38 -15.65
C THR F 32 -41.24 39.61 -15.99
N GLY F 33 -40.34 39.00 -15.21
CA GLY F 33 -38.94 39.17 -15.51
C GLY F 33 -38.09 38.12 -14.80
N GLN F 34 -36.81 38.06 -15.16
CA GLN F 34 -35.91 37.09 -14.59
C GLN F 34 -34.60 37.79 -14.38
N ALA F 35 -33.90 37.47 -13.30
CA ALA F 35 -32.57 38.00 -13.09
C ALA F 35 -31.76 36.98 -12.34
N ALA F 36 -30.49 36.85 -12.68
CA ALA F 36 -29.56 36.04 -11.91
C ALA F 36 -29.19 36.69 -10.59
N ASP F 37 -28.95 35.88 -9.55
CA ASP F 37 -28.37 36.35 -8.30
C ASP F 37 -26.88 36.08 -8.34
N LEU F 38 -26.10 37.16 -8.36
N LEU F 38 -26.10 37.17 -8.35
CA LEU F 38 -24.68 37.05 -8.56
CA LEU F 38 -24.66 37.09 -8.55
C LEU F 38 -23.97 36.43 -7.36
C LEU F 38 -23.94 36.47 -7.36
N LYS F 39 -24.32 36.84 -6.14
CA LYS F 39 -23.62 36.35 -4.95
C LYS F 39 -23.74 34.84 -4.70
N SER F 40 -24.95 34.31 -4.82
N SER F 40 -24.95 34.30 -4.82
CA SER F 40 -25.18 32.88 -4.64
CA SER F 40 -25.16 32.87 -4.66
C SER F 40 -24.47 32.06 -5.72
C SER F 40 -24.39 32.10 -5.72
N THR F 41 -24.54 32.53 -6.95
CA THR F 41 -23.89 31.91 -8.08
C THR F 41 -22.37 31.87 -7.86
N GLN F 42 -21.81 33.01 -7.45
CA GLN F 42 -20.37 33.10 -7.24
C GLN F 42 -19.93 32.29 -6.01
N ALA F 43 -20.80 32.14 -5.01
CA ALA F 43 -20.41 31.34 -3.83
C ALA F 43 -20.28 29.87 -4.21
N ALA F 44 -21.23 29.38 -5.01
CA ALA F 44 -21.20 28.01 -5.47
C ALA F 44 -20.00 27.79 -6.38
N ILE F 45 -19.79 28.72 -7.31
CA ILE F 45 -18.68 28.60 -8.27
C ILE F 45 -17.34 28.61 -7.51
N ASP F 46 -17.21 29.47 -6.51
CA ASP F 46 -15.94 29.62 -5.79
C ASP F 46 -15.64 28.36 -4.95
N GLN F 47 -16.66 27.76 -4.32
CA GLN F 47 -16.44 26.54 -3.60
C GLN F 47 -16.09 25.40 -4.54
N ILE F 48 -16.71 25.34 -5.69
CA ILE F 48 -16.42 24.29 -6.66
C ILE F 48 -15.02 24.43 -7.25
N ASN F 49 -14.61 25.65 -7.52
CA ASN F 49 -13.27 25.87 -8.06
C ASN F 49 -12.23 25.60 -6.97
N GLY F 50 -12.57 25.93 -5.73
CA GLY F 50 -11.69 25.60 -4.62
C GLY F 50 -11.45 24.10 -4.47
N LYS F 51 -12.51 23.31 -4.57
N LYS F 51 -12.53 23.33 -4.57
CA LYS F 51 -12.35 21.87 -4.43
CA LYS F 51 -12.43 21.88 -4.45
C LYS F 51 -11.64 21.25 -5.62
C LYS F 51 -11.56 21.37 -5.59
N LEU F 52 -11.89 21.80 -6.80
CA LEU F 52 -11.21 21.35 -8.01
C LEU F 52 -9.71 21.63 -7.94
N ASN F 53 -9.34 22.82 -7.49
CA ASN F 53 -7.94 23.16 -7.37
C ASN F 53 -7.24 22.32 -6.33
N ARG F 54 -7.95 21.93 -5.27
CA ARG F 54 -7.32 21.00 -4.33
C ARG F 54 -7.05 19.64 -4.94
N VAL F 55 -8.00 19.15 -5.71
CA VAL F 55 -7.86 17.82 -6.31
C VAL F 55 -6.79 17.80 -7.41
N ILE F 56 -6.66 18.85 -8.21
CA ILE F 56 -5.76 18.75 -9.36
C ILE F 56 -4.39 19.36 -9.03
N GLU F 57 -4.20 19.76 -7.79
CA GLU F 57 -2.91 20.25 -7.30
C GLU F 57 -1.80 19.17 -7.29
N LYS F 58 -0.64 19.54 -7.84
CA LYS F 58 0.62 18.82 -7.63
C LYS F 58 0.59 17.31 -7.81
N THR F 59 0.91 16.84 -9.01
CA THR F 59 1.25 15.43 -9.17
C THR F 59 2.65 15.24 -8.59
N ASN F 60 2.79 14.21 -7.79
CA ASN F 60 4.05 13.55 -7.51
C ASN F 60 5.00 13.42 -8.71
N GLU F 61 6.27 13.33 -8.40
CA GLU F 61 7.31 13.18 -9.41
C GLU F 61 8.13 11.98 -8.96
N LYS F 62 8.22 10.96 -9.80
CA LYS F 62 9.01 9.77 -9.50
C LYS F 62 9.99 9.47 -10.65
N PHE F 63 11.13 8.85 -10.32
CA PHE F 63 12.14 8.64 -11.33
C PHE F 63 12.42 7.14 -11.45
N HIS F 64 13.58 6.68 -11.00
CA HIS F 64 13.84 5.24 -11.06
C HIS F 64 13.03 4.46 -9.99
N GLN F 65 12.31 3.45 -10.43
CA GLN F 65 11.36 2.72 -9.62
C GLN F 65 11.64 1.21 -9.66
N ILE F 66 10.62 0.38 -9.78
CA ILE F 66 10.85 -1.03 -10.04
C ILE F 66 10.33 -1.39 -11.41
N GLU F 67 10.79 -2.53 -11.90
CA GLU F 67 10.26 -3.05 -13.12
C GLU F 67 8.87 -3.57 -12.87
N LYS F 68 8.04 -3.46 -13.90
CA LYS F 68 6.62 -3.83 -13.79
C LYS F 68 6.13 -4.81 -14.85
N GLU F 69 6.97 -5.09 -15.85
CA GLU F 69 6.72 -6.13 -16.85
C GLU F 69 7.95 -6.98 -16.94
N PHE F 70 7.76 -8.26 -17.29
CA PHE F 70 8.84 -9.22 -17.24
C PHE F 70 8.76 -10.16 -18.42
N SER F 71 9.91 -10.52 -18.97
CA SER F 71 9.93 -11.34 -20.16
C SER F 71 10.24 -12.83 -19.87
N GLU F 72 10.66 -13.16 -18.65
CA GLU F 72 10.96 -14.56 -18.29
C GLU F 72 10.33 -14.88 -16.95
N VAL F 73 9.93 -16.14 -16.79
N VAL F 73 9.84 -16.09 -16.75
CA VAL F 73 9.51 -16.68 -15.50
CA VAL F 73 9.37 -16.45 -15.42
C VAL F 73 10.67 -16.72 -14.50
C VAL F 73 10.59 -16.65 -14.52
N GLU F 74 10.47 -16.16 -13.29
CA GLU F 74 11.52 -16.18 -12.27
C GLU F 74 11.10 -16.70 -10.89
N GLY F 75 9.82 -16.73 -10.57
CA GLY F 75 9.42 -17.16 -9.24
C GLY F 75 9.36 -16.04 -8.21
N ARG F 76 9.95 -16.29 -7.05
CA ARG F 76 9.62 -15.59 -5.80
C ARG F 76 9.81 -14.06 -5.85
N ILE F 77 10.93 -13.61 -6.40
N ILE F 77 10.92 -13.60 -6.40
CA ILE F 77 11.19 -12.20 -6.42
CA ILE F 77 11.18 -12.17 -6.42
C ILE F 77 10.22 -11.45 -7.35
C ILE F 77 10.22 -11.43 -7.36
N GLN F 78 9.97 -12.01 -8.54
CA GLN F 78 9.02 -11.46 -9.47
C GLN F 78 7.57 -11.52 -8.95
N ASP F 79 7.18 -12.62 -8.30
CA ASP F 79 5.87 -12.70 -7.67
C ASP F 79 5.74 -11.47 -6.74
N LEU F 80 6.79 -11.18 -5.98
CA LEU F 80 6.75 -10.06 -5.02
C LEU F 80 6.67 -8.71 -5.70
N GLU F 81 7.48 -8.47 -6.73
CA GLU F 81 7.44 -7.22 -7.47
C GLU F 81 6.02 -6.99 -8.05
N LYS F 82 5.43 -8.04 -8.59
CA LYS F 82 4.10 -7.90 -9.20
C LYS F 82 3.04 -7.65 -8.13
N TYR F 83 3.17 -8.30 -6.98
CA TYR F 83 2.20 -8.15 -5.89
C TYR F 83 2.21 -6.76 -5.32
N VAL F 84 3.41 -6.21 -5.17
CA VAL F 84 3.62 -4.86 -4.68
C VAL F 84 2.94 -3.88 -5.62
N GLU F 85 3.22 -4.00 -6.92
CA GLU F 85 2.57 -3.08 -7.87
C GLU F 85 1.05 -3.26 -7.92
N ASP F 86 0.54 -4.48 -7.89
CA ASP F 86 -0.87 -4.71 -8.00
C ASP F 86 -1.58 -4.15 -6.76
N THR F 87 -0.91 -4.26 -5.61
CA THR F 87 -1.44 -3.79 -4.33
C THR F 87 -1.56 -2.28 -4.33
N LYS F 88 -0.50 -1.63 -4.79
CA LYS F 88 -0.44 -0.18 -4.94
C LYS F 88 -1.54 0.32 -5.84
N ILE F 89 -1.68 -0.31 -7.00
CA ILE F 89 -2.70 0.14 -7.99
C ILE F 89 -4.12 -0.02 -7.44
N ASP F 90 -4.39 -1.13 -6.77
CA ASP F 90 -5.71 -1.32 -6.17
C ASP F 90 -6.00 -0.26 -5.09
N LEU F 91 -5.01 0.07 -4.28
CA LEU F 91 -5.20 1.09 -3.24
C LEU F 91 -5.44 2.45 -3.88
N TRP F 92 -4.68 2.83 -4.89
CA TRP F 92 -4.86 4.15 -5.53
C TRP F 92 -6.19 4.18 -6.28
N SER F 93 -6.60 3.05 -6.82
CA SER F 93 -7.83 3.00 -7.58
C SER F 93 -9.01 3.18 -6.62
N TYR F 94 -8.87 2.61 -5.43
CA TYR F 94 -9.87 2.79 -4.41
C TYR F 94 -9.91 4.28 -3.98
N ASN F 95 -8.74 4.87 -3.74
CA ASN F 95 -8.70 6.27 -3.28
C ASN F 95 -9.43 7.13 -4.33
N ALA F 96 -9.19 6.85 -5.60
CA ALA F 96 -9.74 7.69 -6.69
C ALA F 96 -11.28 7.58 -6.74
N GLU F 97 -11.75 6.36 -6.63
CA GLU F 97 -13.19 6.06 -6.66
C GLU F 97 -13.90 6.75 -5.48
N LEU F 98 -13.30 6.64 -4.29
CA LEU F 98 -13.90 7.20 -3.08
C LEU F 98 -13.81 8.74 -3.12
N LEU F 99 -12.74 9.27 -3.65
CA LEU F 99 -12.55 10.71 -3.66
C LEU F 99 -13.67 11.35 -4.49
N VAL F 100 -13.92 10.85 -5.70
N VAL F 100 -13.89 10.82 -5.69
CA VAL F 100 -14.97 11.46 -6.53
CA VAL F 100 -14.92 11.35 -6.57
C VAL F 100 -16.35 11.22 -5.99
C VAL F 100 -16.32 11.20 -6.00
N ALA F 101 -16.61 10.04 -5.42
CA ALA F 101 -17.92 9.81 -4.74
C ALA F 101 -18.22 10.84 -3.60
N LEU F 102 -17.28 11.03 -2.68
CA LEU F 102 -17.40 11.98 -1.58
C LEU F 102 -17.48 13.42 -2.11
N GLU F 103 -16.63 13.74 -3.08
CA GLU F 103 -16.59 15.09 -3.64
C GLU F 103 -17.93 15.40 -4.32
N ASN F 104 -18.44 14.43 -5.08
CA ASN F 104 -19.63 14.64 -5.89
C ASN F 104 -20.88 14.74 -4.97
N GLN F 105 -20.92 13.93 -3.91
CA GLN F 105 -22.05 14.00 -2.97
C GLN F 105 -22.04 15.38 -2.37
N HIS F 106 -20.86 15.83 -2.02
CA HIS F 106 -20.72 17.15 -1.39
C HIS F 106 -21.03 18.35 -2.31
N THR F 107 -20.64 18.28 -3.58
CA THR F 107 -20.98 19.27 -4.57
C THR F 107 -22.51 19.37 -4.78
N ILE F 108 -23.17 18.23 -4.80
CA ILE F 108 -24.63 18.26 -4.94
C ILE F 108 -25.26 18.91 -3.68
N ASP F 109 -24.77 18.54 -2.48
CA ASP F 109 -25.32 19.11 -1.26
C ASP F 109 -24.98 20.60 -1.10
N LEU F 110 -23.82 21.04 -1.53
CA LEU F 110 -23.44 22.44 -1.30
C LEU F 110 -24.23 23.32 -2.31
N THR F 111 -24.47 22.81 -3.50
CA THR F 111 -25.30 23.56 -4.46
C THR F 111 -26.78 23.65 -4.04
N ASP F 112 -27.30 22.59 -3.48
CA ASP F 112 -28.64 22.55 -2.88
C ASP F 112 -28.71 23.55 -1.72
N SER F 113 -27.68 23.54 -0.89
CA SER F 113 -27.57 24.45 0.24
C SER F 113 -27.58 25.90 -0.24
N GLU F 114 -26.83 26.23 -1.30
CA GLU F 114 -26.85 27.64 -1.76
C GLU F 114 -28.24 28.05 -2.25
N MET F 115 -28.92 27.16 -2.94
CA MET F 115 -30.31 27.48 -3.34
C MET F 115 -31.21 27.76 -2.09
N ASN F 116 -31.08 26.92 -1.09
CA ASN F 116 -31.89 27.05 0.10
C ASN F 116 -31.54 28.32 0.87
N LYS F 117 -30.27 28.69 0.95
CA LYS F 117 -29.86 29.91 1.64
C LYS F 117 -30.45 31.16 0.99
N LEU F 118 -30.45 31.19 -0.34
CA LEU F 118 -31.02 32.31 -1.09
C LEU F 118 -32.51 32.40 -0.82
N PHE F 119 -33.19 31.25 -0.85
CA PHE F 119 -34.60 31.23 -0.52
C PHE F 119 -34.90 31.79 0.88
N GLU F 120 -34.15 31.33 1.89
N GLU F 120 -34.16 31.34 1.89
CA GLU F 120 -34.38 31.74 3.28
CA GLU F 120 -34.43 31.77 3.26
C GLU F 120 -34.11 33.22 3.42
C GLU F 120 -34.10 33.23 3.45
N LYS F 121 -33.09 33.71 2.74
CA LYS F 121 -32.67 35.10 2.87
C LYS F 121 -33.78 35.99 2.32
N THR F 122 -34.36 35.55 1.21
CA THR F 122 -35.47 36.30 0.58
C THR F 122 -36.68 36.34 1.50
N GLY F 123 -37.00 35.20 2.09
CA GLY F 123 -38.16 35.15 2.99
C GLY F 123 -37.92 36.10 4.15
N ARG F 124 -36.66 36.13 4.60
CA ARG F 124 -36.39 36.93 5.78
C ARG F 124 -36.50 38.40 5.47
N GLN F 125 -36.11 38.82 4.28
CA GLN F 125 -36.34 40.23 3.90
C GLN F 125 -37.82 40.59 3.91
N LEU F 126 -38.63 39.71 3.39
CA LEU F 126 -40.04 40.04 3.20
C LEU F 126 -40.86 40.10 4.50
N ARG F 127 -40.40 39.42 5.55
CA ARG F 127 -40.99 39.59 6.88
C ARG F 127 -42.48 39.21 6.82
N GLU F 128 -43.38 40.10 7.21
CA GLU F 128 -44.82 39.74 7.21
C GLU F 128 -45.55 40.20 5.94
N ASN F 129 -44.78 40.55 4.92
CA ASN F 129 -45.41 41.07 3.72
C ASN F 129 -45.66 40.03 2.63
N ALA F 130 -45.23 38.79 2.89
CA ALA F 130 -45.33 37.72 1.90
C ALA F 130 -45.60 36.40 2.59
N GLU F 131 -46.02 35.41 1.81
CA GLU F 131 -46.14 34.04 2.29
C GLU F 131 -45.44 33.09 1.31
N ASP F 132 -44.79 32.09 1.88
CA ASP F 132 -44.15 30.99 1.16
C ASP F 132 -45.20 30.09 0.56
N MET F 133 -45.26 30.03 -0.76
CA MET F 133 -46.28 29.25 -1.43
C MET F 133 -45.92 27.76 -1.50
N GLY F 134 -44.71 27.40 -1.13
CA GLY F 134 -44.35 26.00 -0.96
C GLY F 134 -43.59 25.36 -2.13
N ASN F 135 -43.47 26.13 -3.23
CA ASN F 135 -42.81 25.69 -4.47
C ASN F 135 -41.62 26.61 -4.82
N GLY F 136 -41.03 27.23 -3.81
CA GLY F 136 -39.96 28.20 -4.00
C GLY F 136 -40.41 29.60 -4.39
N CYS F 137 -41.72 29.85 -4.38
CA CYS F 137 -42.21 31.20 -4.68
C CYS F 137 -42.83 31.87 -3.46
N PHE F 138 -42.74 33.19 -3.45
CA PHE F 138 -43.35 34.00 -2.40
C PHE F 138 -44.48 34.77 -3.04
N LYS F 139 -45.65 34.72 -2.41
CA LYS F 139 -46.75 35.62 -2.76
C LYS F 139 -46.59 36.89 -1.95
N ILE F 140 -46.38 37.99 -2.64
CA ILE F 140 -46.20 39.28 -2.01
C ILE F 140 -47.53 40.03 -2.01
N TYR F 141 -47.97 40.38 -0.80
CA TYR F 141 -49.31 40.94 -0.57
C TYR F 141 -49.38 42.45 -0.67
N HIS F 142 -48.61 43.03 -1.58
CA HIS F 142 -48.69 44.45 -1.78
C HIS F 142 -48.27 44.72 -3.22
N LYS F 143 -48.64 45.87 -3.75
CA LYS F 143 -48.15 46.27 -5.07
C LYS F 143 -46.62 46.35 -5.01
N CYS F 144 -45.95 45.69 -5.93
CA CYS F 144 -44.49 45.62 -5.87
C CYS F 144 -43.98 45.80 -7.28
N ASP F 145 -43.75 47.04 -7.69
CA ASP F 145 -43.37 47.31 -9.07
C ASP F 145 -41.93 46.89 -9.32
N ASN F 146 -41.39 47.28 -10.48
CA ASN F 146 -40.09 46.79 -10.84
C ASN F 146 -39.02 47.27 -9.87
N ALA F 147 -39.11 48.52 -9.43
CA ALA F 147 -38.14 49.05 -8.49
C ALA F 147 -38.19 48.28 -7.16
N CYS F 148 -39.42 47.99 -6.74
CA CYS F 148 -39.63 47.22 -5.50
C CYS F 148 -39.04 45.79 -5.63
N ILE F 149 -39.31 45.15 -6.75
CA ILE F 149 -38.69 43.83 -6.99
C ILE F 149 -37.16 43.92 -6.90
N GLU F 150 -36.58 44.91 -7.56
CA GLU F 150 -35.13 45.05 -7.54
C GLU F 150 -34.60 45.30 -6.13
N SER F 151 -35.36 46.03 -5.30
CA SER F 151 -34.95 46.26 -3.92
C SER F 151 -34.85 44.95 -3.16
N ILE F 152 -35.74 44.01 -3.46
CA ILE F 152 -35.58 42.68 -2.88
C ILE F 152 -34.34 41.97 -3.42
N ARG F 153 -34.18 41.98 -4.73
CA ARG F 153 -33.06 41.29 -5.33
C ARG F 153 -31.70 41.85 -4.84
N ASN F 154 -31.65 43.15 -4.51
CA ASN F 154 -30.39 43.75 -4.13
C ASN F 154 -30.24 43.94 -2.61
N GLY F 155 -31.20 43.43 -1.86
CA GLY F 155 -31.08 43.35 -0.41
C GLY F 155 -31.40 44.63 0.32
N THR F 156 -32.14 45.54 -0.31
CA THR F 156 -32.44 46.81 0.30
C THR F 156 -33.92 47.06 0.58
N TYR F 157 -34.75 46.05 0.35
CA TYR F 157 -36.19 46.18 0.56
C TYR F 157 -36.47 46.55 2.01
N ASP F 158 -37.36 47.53 2.19
CA ASP F 158 -37.75 47.97 3.52
C ASP F 158 -39.16 47.49 3.83
N HIS F 159 -39.30 46.44 4.64
CA HIS F 159 -40.60 45.77 4.81
C HIS F 159 -41.63 46.74 5.44
N ASP F 160 -41.12 47.66 6.25
CA ASP F 160 -41.98 48.58 7.00
C ASP F 160 -42.77 49.49 6.10
N VAL F 161 -42.20 49.80 4.95
CA VAL F 161 -42.87 50.71 4.02
C VAL F 161 -44.17 50.09 3.53
N TYR F 162 -44.19 48.76 3.39
CA TYR F 162 -45.35 48.07 2.84
C TYR F 162 -46.22 47.30 3.83
N ARG F 163 -45.73 47.14 5.04
CA ARG F 163 -46.41 46.30 6.05
C ARG F 163 -47.91 46.54 6.26
N ASP F 164 -48.33 47.78 6.41
CA ASP F 164 -49.74 48.07 6.59
C ASP F 164 -50.56 47.51 5.43
N GLU F 165 -50.13 47.78 4.20
CA GLU F 165 -50.83 47.32 3.01
C GLU F 165 -50.90 45.80 2.97
N ALA F 166 -49.76 45.19 3.27
CA ALA F 166 -49.60 43.76 3.19
C ALA F 166 -50.49 43.05 4.20
N LEU F 167 -50.52 43.55 5.42
CA LEU F 167 -51.25 42.89 6.50
C LEU F 167 -52.73 43.01 6.20
N ASN F 168 -53.14 44.18 5.71
CA ASN F 168 -54.53 44.35 5.33
C ASN F 168 -54.93 43.30 4.31
N ASN F 169 -54.08 43.07 3.31
CA ASN F 169 -54.37 42.07 2.29
C ASN F 169 -54.29 40.60 2.75
N ARG F 170 -53.35 40.26 3.65
CA ARG F 170 -53.20 38.87 4.10
C ARG F 170 -54.28 38.43 5.06
N PHE F 171 -54.64 39.33 5.99
CA PHE F 171 -55.46 38.98 7.14
C PHE F 171 -56.77 39.76 7.16
#